data_1EQ8
# 
_entry.id   1EQ8 
# 
_audit_conform.dict_name       mmcif_pdbx.dic 
_audit_conform.dict_version    5.396 
_audit_conform.dict_location   http://mmcif.pdb.org/dictionaries/ascii/mmcif_pdbx.dic 
# 
loop_
_database_2.database_id 
_database_2.database_code 
_database_2.pdbx_database_accession 
_database_2.pdbx_DOI 
PDB   1EQ8         pdb_00001eq8 10.2210/pdb1eq8/pdb 
RCSB  RCSB010812   ?            ?                   
WWPDB D_1000010812 ?            ?                   
# 
loop_
_pdbx_audit_revision_history.ordinal 
_pdbx_audit_revision_history.data_content_type 
_pdbx_audit_revision_history.major_revision 
_pdbx_audit_revision_history.minor_revision 
_pdbx_audit_revision_history.revision_date 
1 'Structure model' 1 0 2000-04-26 
2 'Structure model' 1 1 2008-04-27 
3 'Structure model' 1 2 2011-07-13 
4 'Structure model' 1 3 2022-02-16 
5 'Structure model' 2 0 2024-09-25 
# 
_pdbx_audit_revision_details.ordinal             1 
_pdbx_audit_revision_details.revision_ordinal    1 
_pdbx_audit_revision_details.data_content_type   'Structure model' 
_pdbx_audit_revision_details.provider            repository 
_pdbx_audit_revision_details.type                'Initial release' 
_pdbx_audit_revision_details.description         ? 
_pdbx_audit_revision_details.details             ? 
# 
loop_
_pdbx_audit_revision_group.ordinal 
_pdbx_audit_revision_group.revision_ordinal 
_pdbx_audit_revision_group.data_content_type 
_pdbx_audit_revision_group.group 
1  2 'Structure model' 'Version format compliance' 
2  3 'Structure model' 'Version format compliance' 
3  4 'Structure model' 'Data collection'           
4  4 'Structure model' 'Database references'       
5  4 'Structure model' 'Derived calculations'      
6  5 'Structure model' 'Atomic model'              
7  5 'Structure model' 'Data collection'           
8  5 'Structure model' 'Derived calculations'      
9  5 'Structure model' 'Non-polymer description'   
10 5 'Structure model' 'Structure summary'         
# 
loop_
_pdbx_audit_revision_category.ordinal 
_pdbx_audit_revision_category.revision_ordinal 
_pdbx_audit_revision_category.data_content_type 
_pdbx_audit_revision_category.category 
1  4 'Structure model' database_2               
2  4 'Structure model' pdbx_nmr_software        
3  4 'Structure model' pdbx_struct_assembly     
4  4 'Structure model' pdbx_struct_oper_list    
5  4 'Structure model' struct_conn              
6  4 'Structure model' struct_site              
7  5 'Structure model' atom_site                
8  5 'Structure model' chem_comp                
9  5 'Structure model' chem_comp_atom           
10 5 'Structure model' chem_comp_bond           
11 5 'Structure model' entity                   
12 5 'Structure model' pdbx_entity_nonpoly      
13 5 'Structure model' pdbx_nonpoly_scheme      
14 5 'Structure model' pdbx_struct_assembly_gen 
15 5 'Structure model' struct_asym              
16 5 'Structure model' struct_conf              
17 5 'Structure model' struct_conn              
18 5 'Structure model' struct_site              
19 5 'Structure model' struct_site_gen          
# 
loop_
_pdbx_audit_revision_item.ordinal 
_pdbx_audit_revision_item.revision_ordinal 
_pdbx_audit_revision_item.data_content_type 
_pdbx_audit_revision_item.item 
1  4 'Structure model' '_database_2.pdbx_DOI'                   
2  4 'Structure model' '_database_2.pdbx_database_accession'    
3  4 'Structure model' '_pdbx_nmr_software.name'                
4  4 'Structure model' '_struct_conn.pdbx_leaving_atom_flag'    
5  4 'Structure model' '_struct_site.pdbx_auth_asym_id'         
6  4 'Structure model' '_struct_site.pdbx_auth_comp_id'         
7  4 'Structure model' '_struct_site.pdbx_auth_seq_id'          
8  5 'Structure model' '_atom_site.Cartn_x'                     
9  5 'Structure model' '_atom_site.Cartn_y'                     
10 5 'Structure model' '_atom_site.Cartn_z'                     
11 5 'Structure model' '_atom_site.auth_atom_id'                
12 5 'Structure model' '_atom_site.auth_comp_id'                
13 5 'Structure model' '_atom_site.auth_seq_id'                 
14 5 'Structure model' '_atom_site.group_PDB'                   
15 5 'Structure model' '_atom_site.label_asym_id'               
16 5 'Structure model' '_atom_site.label_atom_id'               
17 5 'Structure model' '_atom_site.label_comp_id'               
18 5 'Structure model' '_atom_site.label_entity_id'             
19 5 'Structure model' '_atom_site.label_seq_id'                
20 5 'Structure model' '_atom_site.type_symbol'                 
21 5 'Structure model' '_chem_comp.formula'                     
22 5 'Structure model' '_chem_comp.formula_weight'              
23 5 'Structure model' '_chem_comp.id'                          
24 5 'Structure model' '_chem_comp.mon_nstd_flag'               
25 5 'Structure model' '_chem_comp.name'                        
26 5 'Structure model' '_chem_comp.type'                        
27 5 'Structure model' '_pdbx_struct_assembly_gen.asym_id_list' 
# 
_pdbx_database_status.status_code                     REL 
_pdbx_database_status.entry_id                        1EQ8 
_pdbx_database_status.recvd_initial_deposition_date   2000-04-03 
_pdbx_database_status.deposit_site                    RCSB 
_pdbx_database_status.process_site                    RCSB 
_pdbx_database_status.SG_entry                        . 
_pdbx_database_status.pdb_format_compatible           Y 
_pdbx_database_status.status_code_mr                  ? 
_pdbx_database_status.status_code_sf                  ? 
_pdbx_database_status.status_code_cs                  ? 
_pdbx_database_status.status_code_nmr_data            ? 
_pdbx_database_status.methods_development_category    ? 
# 
loop_
_pdbx_database_related.db_name 
_pdbx_database_related.db_id 
_pdbx_database_related.details 
_pdbx_database_related.content_type 
PDB 1A11 'SOLUTION NMR COORDINATES OF THE MONOMERIC ACHR M2 HELIX'                    unspecified 
PDB 1CEK 'SOLID-STATE NMR COORDINATES OF THE MONOMERIC ACHR M2 HELIX IN THE MEMBRANE' unspecified 
# 
loop_
_audit_author.name 
_audit_author.pdbx_ordinal 
'Marassi, F.M.'     1 
'Gesell, J.J.'      2 
'Kim, Y.'           3 
'Valente, A.P.'     4 
'Oblatt-Montal, M.' 5 
'Montal, M.'        6 
'Opella, S.J.'      7 
# 
loop_
_citation.id 
_citation.title 
_citation.journal_abbrev 
_citation.journal_volume 
_citation.page_first 
_citation.page_last 
_citation.year 
_citation.journal_id_ASTM 
_citation.country 
_citation.journal_id_ISSN 
_citation.journal_id_CSD 
_citation.book_publisher 
_citation.pdbx_database_id_PubMed 
_citation.pdbx_database_id_DOI 
primary 'Structures of the M2 channel-lining segments from nicotinic acetylcholine and NMDA receptors by NMR spectroscopy.' 
Nat.Struct.Biol. 6  374 379 1999 NSBIEW US 1072-8368 2024 ? 10201407 10.1038/7610            
1       'Dilute Spin-Exchange Assignment of Solid-State NMR Spectra of Oriented Proteins: Acetylcholine M2 in Bilayers'     
J.BIOMOL.NMR     14 141 148 1999 JBNME9 NE 0925-2738 0800 ? ?        10.1023/A:1008391823293 
# 
loop_
_citation_author.citation_id 
_citation_author.name 
_citation_author.ordinal 
_citation_author.identifier_ORCID 
primary 'Opella, S.J.'      1  ? 
primary 'Marassi, F.M.'     2  ? 
primary 'Gesell, J.J.'      3  ? 
primary 'Valente, A.P.'     4  ? 
primary 'Kim, Y.'           5  ? 
primary 'Oblatt-Montal, M.' 6  ? 
primary 'Montal, M.'        7  ? 
1       'Marassi, F.M.'     8  ? 
1       'Gesell, J.J.'      9  ? 
1       'Valente, A.P.'     10 ? 
1       'Kim, Y.'           11 ? 
1       'Oblatt-Montal, M.' 12 ? 
1       'Montal, M.'        13 ? 
1       'Opella, S.J.'      14 ? 
# 
_entity.id                         1 
_entity.type                       polymer 
_entity.src_method                 man 
_entity.pdbx_description           'ACETYLCHOLINE RECEPTOR PROTEIN' 
_entity.formula_weight             2522.013 
_entity.pdbx_number_of_molecules   5 
_entity.pdbx_ec                    ? 
_entity.pdbx_mutation              ? 
_entity.pdbx_fragment              'M2 SEGMENT' 
_entity.details                    ? 
# 
_entity_name_com.entity_id   1 
_entity_name_com.name        'ACHR M2' 
# 
_entity_poly.entity_id                      1 
_entity_poly.type                           'polypeptide(L)' 
_entity_poly.nstd_linkage                   no 
_entity_poly.nstd_monomer                   no 
_entity_poly.pdbx_seq_one_letter_code       EKMSTAISVLLAQAVFLLLTSQR 
_entity_poly.pdbx_seq_one_letter_code_can   EKMSTAISVLLAQAVFLLLTSQR 
_entity_poly.pdbx_strand_id                 A,B,C,D,E 
_entity_poly.pdbx_target_identifier         ? 
# 
loop_
_entity_poly_seq.entity_id 
_entity_poly_seq.num 
_entity_poly_seq.mon_id 
_entity_poly_seq.hetero 
1 1  GLU n 
1 2  LYS n 
1 3  MET n 
1 4  SER n 
1 5  THR n 
1 6  ALA n 
1 7  ILE n 
1 8  SER n 
1 9  VAL n 
1 10 LEU n 
1 11 LEU n 
1 12 ALA n 
1 13 GLN n 
1 14 ALA n 
1 15 VAL n 
1 16 PHE n 
1 17 LEU n 
1 18 LEU n 
1 19 LEU n 
1 20 THR n 
1 21 SER n 
1 22 GLN n 
1 23 ARG n 
# 
_entity_src_gen.entity_id                          1 
_entity_src_gen.pdbx_src_id                        1 
_entity_src_gen.pdbx_alt_source_flag               sample 
_entity_src_gen.pdbx_seq_type                      ? 
_entity_src_gen.pdbx_beg_seq_num                   ? 
_entity_src_gen.pdbx_end_seq_num                   ? 
_entity_src_gen.gene_src_common_name               'Pacific electric ray' 
_entity_src_gen.gene_src_genus                     Torpedo 
_entity_src_gen.pdbx_gene_src_gene                 ? 
_entity_src_gen.gene_src_species                   ? 
_entity_src_gen.gene_src_strain                    ? 
_entity_src_gen.gene_src_tissue                    ? 
_entity_src_gen.gene_src_tissue_fraction           ? 
_entity_src_gen.gene_src_details                   ? 
_entity_src_gen.pdbx_gene_src_fragment             ? 
_entity_src_gen.pdbx_gene_src_scientific_name      'Torpedo californica' 
_entity_src_gen.pdbx_gene_src_ncbi_taxonomy_id     7787 
_entity_src_gen.pdbx_gene_src_variant              ? 
_entity_src_gen.pdbx_gene_src_cell_line            ? 
_entity_src_gen.pdbx_gene_src_atcc                 ? 
_entity_src_gen.pdbx_gene_src_organ                BRAIN 
_entity_src_gen.pdbx_gene_src_organelle            ? 
_entity_src_gen.pdbx_gene_src_cell                 NEURON 
_entity_src_gen.pdbx_gene_src_cellular_location    'POST-SYNAPTIC MEMBRANE' 
_entity_src_gen.host_org_common_name               ? 
_entity_src_gen.pdbx_host_org_scientific_name      'Escherichia coli BL21' 
_entity_src_gen.pdbx_host_org_ncbi_taxonomy_id     511693 
_entity_src_gen.host_org_genus                     Escherichia 
_entity_src_gen.pdbx_host_org_gene                 ? 
_entity_src_gen.pdbx_host_org_organ                ? 
_entity_src_gen.host_org_species                   'Escherichia coli' 
_entity_src_gen.pdbx_host_org_tissue               ? 
_entity_src_gen.pdbx_host_org_tissue_fraction      ? 
_entity_src_gen.pdbx_host_org_strain               BL21 
_entity_src_gen.pdbx_host_org_variant              ? 
_entity_src_gen.pdbx_host_org_cell_line            ? 
_entity_src_gen.pdbx_host_org_atcc                 ? 
_entity_src_gen.pdbx_host_org_culture_collection   ? 
_entity_src_gen.pdbx_host_org_cell                 ? 
_entity_src_gen.pdbx_host_org_organelle            ? 
_entity_src_gen.pdbx_host_org_cellular_location    ? 
_entity_src_gen.pdbx_host_org_vector_type          ? 
_entity_src_gen.pdbx_host_org_vector               ? 
_entity_src_gen.host_org_details                   ? 
_entity_src_gen.expression_system_id               ? 
_entity_src_gen.plasmid_name                       PMAL 
_entity_src_gen.plasmid_details                    ? 
_entity_src_gen.pdbx_description                   ? 
# 
loop_
_chem_comp.id 
_chem_comp.type 
_chem_comp.mon_nstd_flag 
_chem_comp.name 
_chem_comp.pdbx_synonyms 
_chem_comp.formula 
_chem_comp.formula_weight 
ALA 'L-peptide linking' y ALANINE         ? 'C3 H7 N O2'     89.093  
ARG 'L-peptide linking' y ARGININE        ? 'C6 H15 N4 O2 1' 175.209 
GLN 'L-peptide linking' y GLUTAMINE       ? 'C5 H10 N2 O3'   146.144 
GLU 'L-peptide linking' y 'GLUTAMIC ACID' ? 'C5 H9 N O4'     147.129 
ILE 'L-peptide linking' y ISOLEUCINE      ? 'C6 H13 N O2'    131.173 
LEU 'L-peptide linking' y LEUCINE         ? 'C6 H13 N O2'    131.173 
LYS 'L-peptide linking' y LYSINE          ? 'C6 H15 N2 O2 1' 147.195 
MET 'L-peptide linking' y METHIONINE      ? 'C5 H11 N O2 S'  149.211 
PHE 'L-peptide linking' y PHENYLALANINE   ? 'C9 H11 N O2'    165.189 
SER 'L-peptide linking' y SERINE          ? 'C3 H7 N O3'     105.093 
THR 'L-peptide linking' y THREONINE       ? 'C4 H9 N O3'     119.119 
VAL 'L-peptide linking' y VALINE          ? 'C5 H11 N O2'    117.146 
# 
loop_
_pdbx_poly_seq_scheme.asym_id 
_pdbx_poly_seq_scheme.entity_id 
_pdbx_poly_seq_scheme.seq_id 
_pdbx_poly_seq_scheme.mon_id 
_pdbx_poly_seq_scheme.ndb_seq_num 
_pdbx_poly_seq_scheme.pdb_seq_num 
_pdbx_poly_seq_scheme.auth_seq_num 
_pdbx_poly_seq_scheme.pdb_mon_id 
_pdbx_poly_seq_scheme.auth_mon_id 
_pdbx_poly_seq_scheme.pdb_strand_id 
_pdbx_poly_seq_scheme.pdb_ins_code 
_pdbx_poly_seq_scheme.hetero 
A 1 1  GLU 1  1  1  GLU GLU A . n 
A 1 2  LYS 2  2  2  LYS LYS A . n 
A 1 3  MET 3  3  3  MET MET A . n 
A 1 4  SER 4  4  4  SER SER A . n 
A 1 5  THR 5  5  5  THR THR A . n 
A 1 6  ALA 6  6  6  ALA ALA A . n 
A 1 7  ILE 7  7  7  ILE ILE A . n 
A 1 8  SER 8  8  8  SER SER A . n 
A 1 9  VAL 9  9  9  VAL VAL A . n 
A 1 10 LEU 10 10 10 LEU LEU A . n 
A 1 11 LEU 11 11 11 LEU LEU A . n 
A 1 12 ALA 12 12 12 ALA ALA A . n 
A 1 13 GLN 13 13 13 GLN GLN A . n 
A 1 14 ALA 14 14 14 ALA ALA A . n 
A 1 15 VAL 15 15 15 VAL VAL A . n 
A 1 16 PHE 16 16 16 PHE PHE A . n 
A 1 17 LEU 17 17 17 LEU LEU A . n 
A 1 18 LEU 18 18 18 LEU LEU A . n 
A 1 19 LEU 19 19 19 LEU LEU A . n 
A 1 20 THR 20 20 20 THR THR A . n 
A 1 21 SER 21 21 21 SER SER A . n 
A 1 22 GLN 22 22 22 GLN GLN A . n 
A 1 23 ARG 23 23 23 ARG ARG A . n 
B 1 1  GLU 1  1  1  GLU GLU B . n 
B 1 2  LYS 2  2  2  LYS LYS B . n 
B 1 3  MET 3  3  3  MET MET B . n 
B 1 4  SER 4  4  4  SER SER B . n 
B 1 5  THR 5  5  5  THR THR B . n 
B 1 6  ALA 6  6  6  ALA ALA B . n 
B 1 7  ILE 7  7  7  ILE ILE B . n 
B 1 8  SER 8  8  8  SER SER B . n 
B 1 9  VAL 9  9  9  VAL VAL B . n 
B 1 10 LEU 10 10 10 LEU LEU B . n 
B 1 11 LEU 11 11 11 LEU LEU B . n 
B 1 12 ALA 12 12 12 ALA ALA B . n 
B 1 13 GLN 13 13 13 GLN GLN B . n 
B 1 14 ALA 14 14 14 ALA ALA B . n 
B 1 15 VAL 15 15 15 VAL VAL B . n 
B 1 16 PHE 16 16 16 PHE PHE B . n 
B 1 17 LEU 17 17 17 LEU LEU B . n 
B 1 18 LEU 18 18 18 LEU LEU B . n 
B 1 19 LEU 19 19 19 LEU LEU B . n 
B 1 20 THR 20 20 20 THR THR B . n 
B 1 21 SER 21 21 21 SER SER B . n 
B 1 22 GLN 22 22 22 GLN GLN B . n 
B 1 23 ARG 23 23 23 ARG ARG B . n 
C 1 1  GLU 1  1  1  GLU GLU C . n 
C 1 2  LYS 2  2  2  LYS LYS C . n 
C 1 3  MET 3  3  3  MET MET C . n 
C 1 4  SER 4  4  4  SER SER C . n 
C 1 5  THR 5  5  5  THR THR C . n 
C 1 6  ALA 6  6  6  ALA ALA C . n 
C 1 7  ILE 7  7  7  ILE ILE C . n 
C 1 8  SER 8  8  8  SER SER C . n 
C 1 9  VAL 9  9  9  VAL VAL C . n 
C 1 10 LEU 10 10 10 LEU LEU C . n 
C 1 11 LEU 11 11 11 LEU LEU C . n 
C 1 12 ALA 12 12 12 ALA ALA C . n 
C 1 13 GLN 13 13 13 GLN GLN C . n 
C 1 14 ALA 14 14 14 ALA ALA C . n 
C 1 15 VAL 15 15 15 VAL VAL C . n 
C 1 16 PHE 16 16 16 PHE PHE C . n 
C 1 17 LEU 17 17 17 LEU LEU C . n 
C 1 18 LEU 18 18 18 LEU LEU C . n 
C 1 19 LEU 19 19 19 LEU LEU C . n 
C 1 20 THR 20 20 20 THR THR C . n 
C 1 21 SER 21 21 21 SER SER C . n 
C 1 22 GLN 22 22 22 GLN GLN C . n 
C 1 23 ARG 23 23 23 ARG ARG C . n 
D 1 1  GLU 1  1  1  GLU GLU D . n 
D 1 2  LYS 2  2  2  LYS LYS D . n 
D 1 3  MET 3  3  3  MET MET D . n 
D 1 4  SER 4  4  4  SER SER D . n 
D 1 5  THR 5  5  5  THR THR D . n 
D 1 6  ALA 6  6  6  ALA ALA D . n 
D 1 7  ILE 7  7  7  ILE ILE D . n 
D 1 8  SER 8  8  8  SER SER D . n 
D 1 9  VAL 9  9  9  VAL VAL D . n 
D 1 10 LEU 10 10 10 LEU LEU D . n 
D 1 11 LEU 11 11 11 LEU LEU D . n 
D 1 12 ALA 12 12 12 ALA ALA D . n 
D 1 13 GLN 13 13 13 GLN GLN D . n 
D 1 14 ALA 14 14 14 ALA ALA D . n 
D 1 15 VAL 15 15 15 VAL VAL D . n 
D 1 16 PHE 16 16 16 PHE PHE D . n 
D 1 17 LEU 17 17 17 LEU LEU D . n 
D 1 18 LEU 18 18 18 LEU LEU D . n 
D 1 19 LEU 19 19 19 LEU LEU D . n 
D 1 20 THR 20 20 20 THR THR D . n 
D 1 21 SER 21 21 21 SER SER D . n 
D 1 22 GLN 22 22 22 GLN GLN D . n 
D 1 23 ARG 23 23 23 ARG ARG D . n 
E 1 1  GLU 1  1  1  GLU GLU E . n 
E 1 2  LYS 2  2  2  LYS LYS E . n 
E 1 3  MET 3  3  3  MET MET E . n 
E 1 4  SER 4  4  4  SER SER E . n 
E 1 5  THR 5  5  5  THR THR E . n 
E 1 6  ALA 6  6  6  ALA ALA E . n 
E 1 7  ILE 7  7  7  ILE ILE E . n 
E 1 8  SER 8  8  8  SER SER E . n 
E 1 9  VAL 9  9  9  VAL VAL E . n 
E 1 10 LEU 10 10 10 LEU LEU E . n 
E 1 11 LEU 11 11 11 LEU LEU E . n 
E 1 12 ALA 12 12 12 ALA ALA E . n 
E 1 13 GLN 13 13 13 GLN GLN E . n 
E 1 14 ALA 14 14 14 ALA ALA E . n 
E 1 15 VAL 15 15 15 VAL VAL E . n 
E 1 16 PHE 16 16 16 PHE PHE E . n 
E 1 17 LEU 17 17 17 LEU LEU E . n 
E 1 18 LEU 18 18 18 LEU LEU E . n 
E 1 19 LEU 19 19 19 LEU LEU E . n 
E 1 20 THR 20 20 20 THR THR E . n 
E 1 21 SER 21 21 21 SER SER E . n 
E 1 22 GLN 22 22 22 GLN GLN E . n 
E 1 23 ARG 23 23 23 ARG ARG E . n 
# 
_cell.entry_id           1EQ8 
_cell.length_a           1.000 
_cell.length_b           1.000 
_cell.length_c           1.000 
_cell.angle_alpha        90.00 
_cell.angle_beta         90.00 
_cell.angle_gamma        90.00 
_cell.Z_PDB              1 
_cell.pdbx_unique_axis   ? 
# 
_symmetry.entry_id                         1EQ8 
_symmetry.space_group_name_H-M             'P 1' 
_symmetry.pdbx_full_space_group_name_H-M   ? 
_symmetry.cell_setting                     ? 
_symmetry.Int_Tables_number                1 
# 
_exptl.entry_id          1EQ8 
_exptl.method            'SOLID-STATE NMR' 
_exptl.crystals_number   ? 
# 
_struct.entry_id                  1EQ8 
_struct.title                     
'THREE-DIMENSIONAL STRUCTURE OF THE PENTAMERIC HELICAL BUNDLE OF THE ACETYLCHOLINE RECEPTOR M2 TRANSMEMBRANE SEGMENT' 
_struct.pdbx_model_details        ? 
_struct.pdbx_CASP_flag            ? 
_struct.pdbx_model_type_details   ? 
# 
_struct_keywords.entry_id        1EQ8 
_struct_keywords.pdbx_keywords   'SIGNALING PROTEIN' 
_struct_keywords.text            
'NEUROTRANSMITTER RECEPTOR, M2, LIPID BILAYERS, ION-CHANNEL, HELICAL BUNDLE, PENTAMERIC BUNDLE, SIGNALING PROTEIN' 
# 
loop_
_struct_asym.id 
_struct_asym.pdbx_blank_PDB_chainid_flag 
_struct_asym.pdbx_modified 
_struct_asym.entity_id 
_struct_asym.details 
A N N 1 ? 
B N N 1 ? 
C N N 1 ? 
D N N 1 ? 
E N N 1 ? 
# 
_struct_ref.id                         1 
_struct_ref.db_name                    UNP 
_struct_ref.db_code                    ACHD_TORCA 
_struct_ref.entity_id                  1 
_struct_ref.pdbx_db_accession          P02718 
_struct_ref.pdbx_align_begin           ? 
_struct_ref.pdbx_seq_one_letter_code   ? 
_struct_ref.pdbx_db_isoform            ? 
# 
loop_
_struct_ref_seq.align_id 
_struct_ref_seq.ref_id 
_struct_ref_seq.pdbx_PDB_id_code 
_struct_ref_seq.pdbx_strand_id 
_struct_ref_seq.seq_align_beg 
_struct_ref_seq.pdbx_seq_align_beg_ins_code 
_struct_ref_seq.seq_align_end 
_struct_ref_seq.pdbx_seq_align_end_ins_code 
_struct_ref_seq.pdbx_db_accession 
_struct_ref_seq.db_align_beg 
_struct_ref_seq.pdbx_db_align_beg_ins_code 
_struct_ref_seq.db_align_end 
_struct_ref_seq.pdbx_db_align_end_ins_code 
_struct_ref_seq.pdbx_auth_seq_align_beg 
_struct_ref_seq.pdbx_auth_seq_align_end 
1 1 1EQ8 A 1 ? 23 ? P02718 276 ? 298 ? 1 23 
2 1 1EQ8 B 1 ? 23 ? P02718 276 ? 298 ? 1 23 
3 1 1EQ8 C 1 ? 23 ? P02718 276 ? 298 ? 1 23 
4 1 1EQ8 D 1 ? 23 ? P02718 276 ? 298 ? 1 23 
5 1 1EQ8 E 1 ? 23 ? P02718 276 ? 298 ? 1 23 
# 
_pdbx_struct_assembly.id                   1 
_pdbx_struct_assembly.details              author_defined_assembly 
_pdbx_struct_assembly.method_details       ? 
_pdbx_struct_assembly.oligomeric_details   pentameric 
_pdbx_struct_assembly.oligomeric_count     5 
# 
_pdbx_struct_assembly_gen.assembly_id       1 
_pdbx_struct_assembly_gen.oper_expression   1 
_pdbx_struct_assembly_gen.asym_id_list      A,B,C,D,E 
# 
_pdbx_struct_oper_list.id                   1 
_pdbx_struct_oper_list.type                 'identity operation' 
_pdbx_struct_oper_list.name                 1_555 
_pdbx_struct_oper_list.symmetry_operation   x,y,z 
_pdbx_struct_oper_list.matrix[1][1]         1.0000000000 
_pdbx_struct_oper_list.matrix[1][2]         0.0000000000 
_pdbx_struct_oper_list.matrix[1][3]         0.0000000000 
_pdbx_struct_oper_list.vector[1]            0.0000000000 
_pdbx_struct_oper_list.matrix[2][1]         0.0000000000 
_pdbx_struct_oper_list.matrix[2][2]         1.0000000000 
_pdbx_struct_oper_list.matrix[2][3]         0.0000000000 
_pdbx_struct_oper_list.vector[2]            0.0000000000 
_pdbx_struct_oper_list.matrix[3][1]         0.0000000000 
_pdbx_struct_oper_list.matrix[3][2]         0.0000000000 
_pdbx_struct_oper_list.matrix[3][3]         1.0000000000 
_pdbx_struct_oper_list.vector[3]            0.0000000000 
# 
_struct_biol.id   1 
# 
loop_
_struct_conf.conf_type_id 
_struct_conf.id 
_struct_conf.pdbx_PDB_helix_id 
_struct_conf.beg_label_comp_id 
_struct_conf.beg_label_asym_id 
_struct_conf.beg_label_seq_id 
_struct_conf.pdbx_beg_PDB_ins_code 
_struct_conf.end_label_comp_id 
_struct_conf.end_label_asym_id 
_struct_conf.end_label_seq_id 
_struct_conf.pdbx_end_PDB_ins_code 
_struct_conf.beg_auth_comp_id 
_struct_conf.beg_auth_asym_id 
_struct_conf.beg_auth_seq_id 
_struct_conf.end_auth_comp_id 
_struct_conf.end_auth_asym_id 
_struct_conf.end_auth_seq_id 
_struct_conf.pdbx_PDB_helix_class 
_struct_conf.details 
_struct_conf.pdbx_PDB_helix_length 
HELX_P HELX_P1 1 GLU A 1 ? ARG A 23 ? GLU A 1 ARG A 23 1 ? 23 
HELX_P HELX_P2 2 GLU B 1 ? ARG B 23 ? GLU B 1 ARG B 23 1 ? 23 
HELX_P HELX_P3 3 GLU C 1 ? ARG C 23 ? GLU C 1 ARG C 23 1 ? 23 
HELX_P HELX_P4 4 GLU D 1 ? ARG D 23 ? GLU D 1 ARG D 23 1 ? 23 
# 
_struct_conf_type.id          HELX_P 
_struct_conf_type.criteria    ? 
_struct_conf_type.reference   ? 
# 
_pdbx_validate_rmsd_bond.id                        1 
_pdbx_validate_rmsd_bond.PDB_model_num             1 
_pdbx_validate_rmsd_bond.auth_atom_id_1            C 
_pdbx_validate_rmsd_bond.auth_asym_id_1            E 
_pdbx_validate_rmsd_bond.auth_comp_id_1            ARG 
_pdbx_validate_rmsd_bond.auth_seq_id_1             23 
_pdbx_validate_rmsd_bond.PDB_ins_code_1            ? 
_pdbx_validate_rmsd_bond.label_alt_id_1            ? 
_pdbx_validate_rmsd_bond.auth_atom_id_2            O 
_pdbx_validate_rmsd_bond.auth_asym_id_2            E 
_pdbx_validate_rmsd_bond.auth_comp_id_2            ARG 
_pdbx_validate_rmsd_bond.auth_seq_id_2             23 
_pdbx_validate_rmsd_bond.PDB_ins_code_2            ? 
_pdbx_validate_rmsd_bond.label_alt_id_2            ? 
_pdbx_validate_rmsd_bond.bond_value                1.379 
_pdbx_validate_rmsd_bond.bond_target_value         1.229 
_pdbx_validate_rmsd_bond.bond_deviation            0.150 
_pdbx_validate_rmsd_bond.bond_standard_deviation   0.019 
_pdbx_validate_rmsd_bond.linker_flag               N 
# 
loop_
_pdbx_validate_rmsd_angle.id 
_pdbx_validate_rmsd_angle.PDB_model_num 
_pdbx_validate_rmsd_angle.auth_atom_id_1 
_pdbx_validate_rmsd_angle.auth_asym_id_1 
_pdbx_validate_rmsd_angle.auth_comp_id_1 
_pdbx_validate_rmsd_angle.auth_seq_id_1 
_pdbx_validate_rmsd_angle.PDB_ins_code_1 
_pdbx_validate_rmsd_angle.label_alt_id_1 
_pdbx_validate_rmsd_angle.auth_atom_id_2 
_pdbx_validate_rmsd_angle.auth_asym_id_2 
_pdbx_validate_rmsd_angle.auth_comp_id_2 
_pdbx_validate_rmsd_angle.auth_seq_id_2 
_pdbx_validate_rmsd_angle.PDB_ins_code_2 
_pdbx_validate_rmsd_angle.label_alt_id_2 
_pdbx_validate_rmsd_angle.auth_atom_id_3 
_pdbx_validate_rmsd_angle.auth_asym_id_3 
_pdbx_validate_rmsd_angle.auth_comp_id_3 
_pdbx_validate_rmsd_angle.auth_seq_id_3 
_pdbx_validate_rmsd_angle.PDB_ins_code_3 
_pdbx_validate_rmsd_angle.label_alt_id_3 
_pdbx_validate_rmsd_angle.angle_value 
_pdbx_validate_rmsd_angle.angle_target_value 
_pdbx_validate_rmsd_angle.angle_deviation 
_pdbx_validate_rmsd_angle.angle_standard_deviation 
_pdbx_validate_rmsd_angle.linker_flag 
1 1 NE A ARG 23 ? ? CZ A ARG 23 ? ? NH1 A ARG 23 ? ? 124.12 120.30 3.82 0.50 N 
2 1 NE B ARG 23 ? ? CZ B ARG 23 ? ? NH1 B ARG 23 ? ? 124.14 120.30 3.84 0.50 N 
3 1 NE C ARG 23 ? ? CZ C ARG 23 ? ? NH1 C ARG 23 ? ? 124.11 120.30 3.81 0.50 N 
4 1 NE D ARG 23 ? ? CZ D ARG 23 ? ? NH1 D ARG 23 ? ? 124.10 120.30 3.80 0.50 N 
5 1 NE E ARG 23 ? ? CZ E ARG 23 ? ? NH1 E ARG 23 ? ? 124.10 120.30 3.80 0.50 N 
# 
_pdbx_nmr_ensemble.entry_id                                      1EQ8 
_pdbx_nmr_ensemble.conformers_calculated_total_number            30 
_pdbx_nmr_ensemble.conformers_submitted_total_number             1 
_pdbx_nmr_ensemble.conformer_selection_criteria                  'structures with favorable non-bond energy' 
_pdbx_nmr_ensemble.average_constraints_per_residue               ? 
_pdbx_nmr_ensemble.average_constraint_violations_per_residue     ? 
_pdbx_nmr_ensemble.maximum_distance_constraint_violation         ? 
_pdbx_nmr_ensemble.average_distance_constraint_violation         ? 
_pdbx_nmr_ensemble.maximum_upper_distance_constraint_violation   ? 
_pdbx_nmr_ensemble.maximum_lower_distance_constraint_violation   ? 
_pdbx_nmr_ensemble.distance_constraint_violation_method          ? 
_pdbx_nmr_ensemble.maximum_torsion_angle_constraint_violation    ? 
_pdbx_nmr_ensemble.average_torsion_angle_constraint_violation    ? 
_pdbx_nmr_ensemble.torsion_angle_constraint_violation_method     ? 
# 
_pdbx_nmr_representative.entry_id             1EQ8 
_pdbx_nmr_representative.conformer_id         ? 
_pdbx_nmr_representative.selection_criteria   'minimized average structure' 
# 
loop_
_pdbx_nmr_sample_details.solution_id 
_pdbx_nmr_sample_details.contents 
_pdbx_nmr_sample_details.solvent_system 
1 '1mM M2 U-15N; 350mM DPC; pH5.5;' '90% H2O/10% D2O'       
2 '20mg M2 U-15N; 40mg DMPC;'       'DMPC bilayers in H2O;' 
# 
loop_
_pdbx_nmr_exptl_sample_conditions.conditions_id 
_pdbx_nmr_exptl_sample_conditions.temperature 
_pdbx_nmr_exptl_sample_conditions.pressure 
_pdbx_nmr_exptl_sample_conditions.pH 
_pdbx_nmr_exptl_sample_conditions.ionic_strength 
_pdbx_nmr_exptl_sample_conditions.pressure_units 
_pdbx_nmr_exptl_sample_conditions.temperature_units 
1 303 ambient 5.5 ? ? K 
2 298 ambient 5.5 ? ? K 
# 
loop_
_pdbx_nmr_exptl.experiment_id 
_pdbx_nmr_exptl.solution_id 
_pdbx_nmr_exptl.conditions_id 
_pdbx_nmr_exptl.type 
1 1 1 'HSQC; HNCA; HNCOCA; 3D 15N- and 13C-edited NOESY; 3D 15N- and 13C-edited TOCSY; 3D HNHA' 
2 2 2 '1D CPMOIST; 2D 1H/1H-15N PISEMA; 2D 1H/15N HETCOR;'                                      
# 
_pdbx_nmr_details.entry_id   1EQ8 
_pdbx_nmr_details.text       
;The orientation of each monomer in the pentameric bundle was obtained from the combination of the solution NMR (PDB file 1a11) and solid-state NMR (PDB file 1cek) structures
;
# 
_pdbx_nmr_refine.entry_id           1EQ8 
_pdbx_nmr_refine.method             
'X-PLOR 3.1, distance geometry, simulated annealing, molecular dynamics, FISI, FINGERPRINT, HOLE' 
_pdbx_nmr_refine.details            
;The backbone coordinates obtained from solution NMR were superimposed on the coordinates obtained from solid-state NMR to fix the helix orientation and rotation in the membrane. The pentameric array was then optimized using molecular dynamics. Pore contours were calculated with the program HOLE.
;
_pdbx_nmr_refine.software_ordinal   1 
# 
loop_
_pdbx_nmr_software.name 
_pdbx_nmr_software.version 
_pdbx_nmr_software.classification 
_pdbx_nmr_software.authors 
_pdbx_nmr_software.ordinal 
X-PLOR 3.01 refinement           Brunger                      1 
FISI   1.01 'structure solution' Marassi                      2 
HOLE   ?    'structure solution' 'Smart, Goodfellow, Wallace' 3 
Felix  95   'data analysis'      ?                            4 
# 
loop_
_chem_comp_atom.comp_id 
_chem_comp_atom.atom_id 
_chem_comp_atom.type_symbol 
_chem_comp_atom.pdbx_aromatic_flag 
_chem_comp_atom.pdbx_stereo_config 
_chem_comp_atom.pdbx_ordinal 
ALA N    N N N 1   
ALA CA   C N S 2   
ALA C    C N N 3   
ALA O    O N N 4   
ALA CB   C N N 5   
ALA OXT  O N N 6   
ALA H    H N N 7   
ALA H2   H N N 8   
ALA HA   H N N 9   
ALA HB1  H N N 10  
ALA HB2  H N N 11  
ALA HB3  H N N 12  
ALA HXT  H N N 13  
ARG N    N N N 14  
ARG CA   C N S 15  
ARG C    C N N 16  
ARG O    O N N 17  
ARG CB   C N N 18  
ARG CG   C N N 19  
ARG CD   C N N 20  
ARG NE   N N N 21  
ARG CZ   C N N 22  
ARG NH1  N N N 23  
ARG NH2  N N N 24  
ARG OXT  O N N 25  
ARG H    H N N 26  
ARG H2   H N N 27  
ARG HA   H N N 28  
ARG HB2  H N N 29  
ARG HB3  H N N 30  
ARG HG2  H N N 31  
ARG HG3  H N N 32  
ARG HD2  H N N 33  
ARG HD3  H N N 34  
ARG HE   H N N 35  
ARG HH11 H N N 36  
ARG HH12 H N N 37  
ARG HH21 H N N 38  
ARG HH22 H N N 39  
ARG HXT  H N N 40  
GLN N    N N N 41  
GLN CA   C N S 42  
GLN C    C N N 43  
GLN O    O N N 44  
GLN CB   C N N 45  
GLN CG   C N N 46  
GLN CD   C N N 47  
GLN OE1  O N N 48  
GLN NE2  N N N 49  
GLN OXT  O N N 50  
GLN H    H N N 51  
GLN H2   H N N 52  
GLN HA   H N N 53  
GLN HB2  H N N 54  
GLN HB3  H N N 55  
GLN HG2  H N N 56  
GLN HG3  H N N 57  
GLN HE21 H N N 58  
GLN HE22 H N N 59  
GLN HXT  H N N 60  
GLU N    N N N 61  
GLU CA   C N S 62  
GLU C    C N N 63  
GLU O    O N N 64  
GLU CB   C N N 65  
GLU CG   C N N 66  
GLU CD   C N N 67  
GLU OE1  O N N 68  
GLU OE2  O N N 69  
GLU OXT  O N N 70  
GLU H    H N N 71  
GLU H2   H N N 72  
GLU HA   H N N 73  
GLU HB2  H N N 74  
GLU HB3  H N N 75  
GLU HG2  H N N 76  
GLU HG3  H N N 77  
GLU HE2  H N N 78  
GLU HXT  H N N 79  
ILE N    N N N 80  
ILE CA   C N S 81  
ILE C    C N N 82  
ILE O    O N N 83  
ILE CB   C N S 84  
ILE CG1  C N N 85  
ILE CG2  C N N 86  
ILE CD1  C N N 87  
ILE OXT  O N N 88  
ILE H    H N N 89  
ILE H2   H N N 90  
ILE HA   H N N 91  
ILE HB   H N N 92  
ILE HG12 H N N 93  
ILE HG13 H N N 94  
ILE HG21 H N N 95  
ILE HG22 H N N 96  
ILE HG23 H N N 97  
ILE HD11 H N N 98  
ILE HD12 H N N 99  
ILE HD13 H N N 100 
ILE HXT  H N N 101 
LEU N    N N N 102 
LEU CA   C N S 103 
LEU C    C N N 104 
LEU O    O N N 105 
LEU CB   C N N 106 
LEU CG   C N N 107 
LEU CD1  C N N 108 
LEU CD2  C N N 109 
LEU OXT  O N N 110 
LEU H    H N N 111 
LEU H2   H N N 112 
LEU HA   H N N 113 
LEU HB2  H N N 114 
LEU HB3  H N N 115 
LEU HG   H N N 116 
LEU HD11 H N N 117 
LEU HD12 H N N 118 
LEU HD13 H N N 119 
LEU HD21 H N N 120 
LEU HD22 H N N 121 
LEU HD23 H N N 122 
LEU HXT  H N N 123 
LYS N    N N N 124 
LYS CA   C N S 125 
LYS C    C N N 126 
LYS O    O N N 127 
LYS CB   C N N 128 
LYS CG   C N N 129 
LYS CD   C N N 130 
LYS CE   C N N 131 
LYS NZ   N N N 132 
LYS OXT  O N N 133 
LYS H    H N N 134 
LYS H2   H N N 135 
LYS HA   H N N 136 
LYS HB2  H N N 137 
LYS HB3  H N N 138 
LYS HG2  H N N 139 
LYS HG3  H N N 140 
LYS HD2  H N N 141 
LYS HD3  H N N 142 
LYS HE2  H N N 143 
LYS HE3  H N N 144 
LYS HZ1  H N N 145 
LYS HZ2  H N N 146 
LYS HZ3  H N N 147 
LYS HXT  H N N 148 
MET N    N N N 149 
MET CA   C N S 150 
MET C    C N N 151 
MET O    O N N 152 
MET CB   C N N 153 
MET CG   C N N 154 
MET SD   S N N 155 
MET CE   C N N 156 
MET OXT  O N N 157 
MET H    H N N 158 
MET H2   H N N 159 
MET HA   H N N 160 
MET HB2  H N N 161 
MET HB3  H N N 162 
MET HG2  H N N 163 
MET HG3  H N N 164 
MET HE1  H N N 165 
MET HE2  H N N 166 
MET HE3  H N N 167 
MET HXT  H N N 168 
PHE N    N N N 169 
PHE CA   C N S 170 
PHE C    C N N 171 
PHE O    O N N 172 
PHE CB   C N N 173 
PHE CG   C Y N 174 
PHE CD1  C Y N 175 
PHE CD2  C Y N 176 
PHE CE1  C Y N 177 
PHE CE2  C Y N 178 
PHE CZ   C Y N 179 
PHE OXT  O N N 180 
PHE H    H N N 181 
PHE H2   H N N 182 
PHE HA   H N N 183 
PHE HB2  H N N 184 
PHE HB3  H N N 185 
PHE HD1  H N N 186 
PHE HD2  H N N 187 
PHE HE1  H N N 188 
PHE HE2  H N N 189 
PHE HZ   H N N 190 
PHE HXT  H N N 191 
SER N    N N N 192 
SER CA   C N S 193 
SER C    C N N 194 
SER O    O N N 195 
SER CB   C N N 196 
SER OG   O N N 197 
SER OXT  O N N 198 
SER H    H N N 199 
SER H2   H N N 200 
SER HA   H N N 201 
SER HB2  H N N 202 
SER HB3  H N N 203 
SER HG   H N N 204 
SER HXT  H N N 205 
THR N    N N N 206 
THR CA   C N S 207 
THR C    C N N 208 
THR O    O N N 209 
THR CB   C N R 210 
THR OG1  O N N 211 
THR CG2  C N N 212 
THR OXT  O N N 213 
THR H    H N N 214 
THR H2   H N N 215 
THR HA   H N N 216 
THR HB   H N N 217 
THR HG1  H N N 218 
THR HG21 H N N 219 
THR HG22 H N N 220 
THR HG23 H N N 221 
THR HXT  H N N 222 
VAL N    N N N 223 
VAL CA   C N S 224 
VAL C    C N N 225 
VAL O    O N N 226 
VAL CB   C N N 227 
VAL CG1  C N N 228 
VAL CG2  C N N 229 
VAL OXT  O N N 230 
VAL H    H N N 231 
VAL H2   H N N 232 
VAL HA   H N N 233 
VAL HB   H N N 234 
VAL HG11 H N N 235 
VAL HG12 H N N 236 
VAL HG13 H N N 237 
VAL HG21 H N N 238 
VAL HG22 H N N 239 
VAL HG23 H N N 240 
VAL HXT  H N N 241 
# 
loop_
_chem_comp_bond.comp_id 
_chem_comp_bond.atom_id_1 
_chem_comp_bond.atom_id_2 
_chem_comp_bond.value_order 
_chem_comp_bond.pdbx_aromatic_flag 
_chem_comp_bond.pdbx_stereo_config 
_chem_comp_bond.pdbx_ordinal 
ALA N   CA   sing N N 1   
ALA N   H    sing N N 2   
ALA N   H2   sing N N 3   
ALA CA  C    sing N N 4   
ALA CA  CB   sing N N 5   
ALA CA  HA   sing N N 6   
ALA C   O    doub N N 7   
ALA C   OXT  sing N N 8   
ALA CB  HB1  sing N N 9   
ALA CB  HB2  sing N N 10  
ALA CB  HB3  sing N N 11  
ALA OXT HXT  sing N N 12  
ARG N   CA   sing N N 13  
ARG N   H    sing N N 14  
ARG N   H2   sing N N 15  
ARG CA  C    sing N N 16  
ARG CA  CB   sing N N 17  
ARG CA  HA   sing N N 18  
ARG C   O    doub N N 19  
ARG C   OXT  sing N N 20  
ARG CB  CG   sing N N 21  
ARG CB  HB2  sing N N 22  
ARG CB  HB3  sing N N 23  
ARG CG  CD   sing N N 24  
ARG CG  HG2  sing N N 25  
ARG CG  HG3  sing N N 26  
ARG CD  NE   sing N N 27  
ARG CD  HD2  sing N N 28  
ARG CD  HD3  sing N N 29  
ARG NE  CZ   sing N N 30  
ARG NE  HE   sing N N 31  
ARG CZ  NH1  sing N N 32  
ARG CZ  NH2  doub N N 33  
ARG NH1 HH11 sing N N 34  
ARG NH1 HH12 sing N N 35  
ARG NH2 HH21 sing N N 36  
ARG NH2 HH22 sing N N 37  
ARG OXT HXT  sing N N 38  
GLN N   CA   sing N N 39  
GLN N   H    sing N N 40  
GLN N   H2   sing N N 41  
GLN CA  C    sing N N 42  
GLN CA  CB   sing N N 43  
GLN CA  HA   sing N N 44  
GLN C   O    doub N N 45  
GLN C   OXT  sing N N 46  
GLN CB  CG   sing N N 47  
GLN CB  HB2  sing N N 48  
GLN CB  HB3  sing N N 49  
GLN CG  CD   sing N N 50  
GLN CG  HG2  sing N N 51  
GLN CG  HG3  sing N N 52  
GLN CD  OE1  doub N N 53  
GLN CD  NE2  sing N N 54  
GLN NE2 HE21 sing N N 55  
GLN NE2 HE22 sing N N 56  
GLN OXT HXT  sing N N 57  
GLU N   CA   sing N N 58  
GLU N   H    sing N N 59  
GLU N   H2   sing N N 60  
GLU CA  C    sing N N 61  
GLU CA  CB   sing N N 62  
GLU CA  HA   sing N N 63  
GLU C   O    doub N N 64  
GLU C   OXT  sing N N 65  
GLU CB  CG   sing N N 66  
GLU CB  HB2  sing N N 67  
GLU CB  HB3  sing N N 68  
GLU CG  CD   sing N N 69  
GLU CG  HG2  sing N N 70  
GLU CG  HG3  sing N N 71  
GLU CD  OE1  doub N N 72  
GLU CD  OE2  sing N N 73  
GLU OE2 HE2  sing N N 74  
GLU OXT HXT  sing N N 75  
ILE N   CA   sing N N 76  
ILE N   H    sing N N 77  
ILE N   H2   sing N N 78  
ILE CA  C    sing N N 79  
ILE CA  CB   sing N N 80  
ILE CA  HA   sing N N 81  
ILE C   O    doub N N 82  
ILE C   OXT  sing N N 83  
ILE CB  CG1  sing N N 84  
ILE CB  CG2  sing N N 85  
ILE CB  HB   sing N N 86  
ILE CG1 CD1  sing N N 87  
ILE CG1 HG12 sing N N 88  
ILE CG1 HG13 sing N N 89  
ILE CG2 HG21 sing N N 90  
ILE CG2 HG22 sing N N 91  
ILE CG2 HG23 sing N N 92  
ILE CD1 HD11 sing N N 93  
ILE CD1 HD12 sing N N 94  
ILE CD1 HD13 sing N N 95  
ILE OXT HXT  sing N N 96  
LEU N   CA   sing N N 97  
LEU N   H    sing N N 98  
LEU N   H2   sing N N 99  
LEU CA  C    sing N N 100 
LEU CA  CB   sing N N 101 
LEU CA  HA   sing N N 102 
LEU C   O    doub N N 103 
LEU C   OXT  sing N N 104 
LEU CB  CG   sing N N 105 
LEU CB  HB2  sing N N 106 
LEU CB  HB3  sing N N 107 
LEU CG  CD1  sing N N 108 
LEU CG  CD2  sing N N 109 
LEU CG  HG   sing N N 110 
LEU CD1 HD11 sing N N 111 
LEU CD1 HD12 sing N N 112 
LEU CD1 HD13 sing N N 113 
LEU CD2 HD21 sing N N 114 
LEU CD2 HD22 sing N N 115 
LEU CD2 HD23 sing N N 116 
LEU OXT HXT  sing N N 117 
LYS N   CA   sing N N 118 
LYS N   H    sing N N 119 
LYS N   H2   sing N N 120 
LYS CA  C    sing N N 121 
LYS CA  CB   sing N N 122 
LYS CA  HA   sing N N 123 
LYS C   O    doub N N 124 
LYS C   OXT  sing N N 125 
LYS CB  CG   sing N N 126 
LYS CB  HB2  sing N N 127 
LYS CB  HB3  sing N N 128 
LYS CG  CD   sing N N 129 
LYS CG  HG2  sing N N 130 
LYS CG  HG3  sing N N 131 
LYS CD  CE   sing N N 132 
LYS CD  HD2  sing N N 133 
LYS CD  HD3  sing N N 134 
LYS CE  NZ   sing N N 135 
LYS CE  HE2  sing N N 136 
LYS CE  HE3  sing N N 137 
LYS NZ  HZ1  sing N N 138 
LYS NZ  HZ2  sing N N 139 
LYS NZ  HZ3  sing N N 140 
LYS OXT HXT  sing N N 141 
MET N   CA   sing N N 142 
MET N   H    sing N N 143 
MET N   H2   sing N N 144 
MET CA  C    sing N N 145 
MET CA  CB   sing N N 146 
MET CA  HA   sing N N 147 
MET C   O    doub N N 148 
MET C   OXT  sing N N 149 
MET CB  CG   sing N N 150 
MET CB  HB2  sing N N 151 
MET CB  HB3  sing N N 152 
MET CG  SD   sing N N 153 
MET CG  HG2  sing N N 154 
MET CG  HG3  sing N N 155 
MET SD  CE   sing N N 156 
MET CE  HE1  sing N N 157 
MET CE  HE2  sing N N 158 
MET CE  HE3  sing N N 159 
MET OXT HXT  sing N N 160 
PHE N   CA   sing N N 161 
PHE N   H    sing N N 162 
PHE N   H2   sing N N 163 
PHE CA  C    sing N N 164 
PHE CA  CB   sing N N 165 
PHE CA  HA   sing N N 166 
PHE C   O    doub N N 167 
PHE C   OXT  sing N N 168 
PHE CB  CG   sing N N 169 
PHE CB  HB2  sing N N 170 
PHE CB  HB3  sing N N 171 
PHE CG  CD1  doub Y N 172 
PHE CG  CD2  sing Y N 173 
PHE CD1 CE1  sing Y N 174 
PHE CD1 HD1  sing N N 175 
PHE CD2 CE2  doub Y N 176 
PHE CD2 HD2  sing N N 177 
PHE CE1 CZ   doub Y N 178 
PHE CE1 HE1  sing N N 179 
PHE CE2 CZ   sing Y N 180 
PHE CE2 HE2  sing N N 181 
PHE CZ  HZ   sing N N 182 
PHE OXT HXT  sing N N 183 
SER N   CA   sing N N 184 
SER N   H    sing N N 185 
SER N   H2   sing N N 186 
SER CA  C    sing N N 187 
SER CA  CB   sing N N 188 
SER CA  HA   sing N N 189 
SER C   O    doub N N 190 
SER C   OXT  sing N N 191 
SER CB  OG   sing N N 192 
SER CB  HB2  sing N N 193 
SER CB  HB3  sing N N 194 
SER OG  HG   sing N N 195 
SER OXT HXT  sing N N 196 
THR N   CA   sing N N 197 
THR N   H    sing N N 198 
THR N   H2   sing N N 199 
THR CA  C    sing N N 200 
THR CA  CB   sing N N 201 
THR CA  HA   sing N N 202 
THR C   O    doub N N 203 
THR C   OXT  sing N N 204 
THR CB  OG1  sing N N 205 
THR CB  CG2  sing N N 206 
THR CB  HB   sing N N 207 
THR OG1 HG1  sing N N 208 
THR CG2 HG21 sing N N 209 
THR CG2 HG22 sing N N 210 
THR CG2 HG23 sing N N 211 
THR OXT HXT  sing N N 212 
VAL N   CA   sing N N 213 
VAL N   H    sing N N 214 
VAL N   H2   sing N N 215 
VAL CA  C    sing N N 216 
VAL CA  CB   sing N N 217 
VAL CA  HA   sing N N 218 
VAL C   O    doub N N 219 
VAL C   OXT  sing N N 220 
VAL CB  CG1  sing N N 221 
VAL CB  CG2  sing N N 222 
VAL CB  HB   sing N N 223 
VAL CG1 HG11 sing N N 224 
VAL CG1 HG12 sing N N 225 
VAL CG1 HG13 sing N N 226 
VAL CG2 HG21 sing N N 227 
VAL CG2 HG22 sing N N 228 
VAL CG2 HG23 sing N N 229 
VAL OXT HXT  sing N N 230 
# 
loop_
_pdbx_nmr_spectrometer.spectrometer_id 
_pdbx_nmr_spectrometer.type 
_pdbx_nmr_spectrometer.manufacturer 
_pdbx_nmr_spectrometer.model 
_pdbx_nmr_spectrometer.field_strength 
1 ? Bruker       DMX 750 
2 ? Bruker       DMX 600 
3 ? Chemagnetics CMX 400 
# 
_atom_sites.entry_id                    1EQ8 
_atom_sites.fract_transf_matrix[1][1]   1.000000 
_atom_sites.fract_transf_matrix[1][2]   0.000000 
_atom_sites.fract_transf_matrix[1][3]   0.000000 
_atom_sites.fract_transf_matrix[2][1]   0.000000 
_atom_sites.fract_transf_matrix[2][2]   1.000000 
_atom_sites.fract_transf_matrix[2][3]   0.000000 
_atom_sites.fract_transf_matrix[3][1]   0.000000 
_atom_sites.fract_transf_matrix[3][2]   0.000000 
_atom_sites.fract_transf_matrix[3][3]   1.000000 
_atom_sites.fract_transf_vector[1]      0.00000 
_atom_sites.fract_transf_vector[2]      0.00000 
_atom_sites.fract_transf_vector[3]      0.00000 
# 
loop_
_atom_type.symbol 
C 
H 
N 
O 
S 
# 
loop_
_atom_site.group_PDB 
_atom_site.id 
_atom_site.type_symbol 
_atom_site.label_atom_id 
_atom_site.label_alt_id 
_atom_site.label_comp_id 
_atom_site.label_asym_id 
_atom_site.label_entity_id 
_atom_site.label_seq_id 
_atom_site.pdbx_PDB_ins_code 
_atom_site.Cartn_x 
_atom_site.Cartn_y 
_atom_site.Cartn_z 
_atom_site.occupancy 
_atom_site.B_iso_or_equiv 
_atom_site.pdbx_formal_charge 
_atom_site.auth_seq_id 
_atom_site.auth_comp_id 
_atom_site.auth_asym_id 
_atom_site.auth_atom_id 
_atom_site.pdbx_PDB_model_num 
ATOM 1    N N    . GLU A 1 1  ? -5.995  -6.251  18.017  1.00 0.00 ? 1  GLU A N    1 
ATOM 2    C CA   . GLU A 1 1  ? -4.909  -6.121  17.002  1.00 0.00 ? 1  GLU A CA   1 
ATOM 3    C C    . GLU A 1 1  ? -4.772  -7.433  16.228  1.00 0.00 ? 1  GLU A C    1 
ATOM 4    O O    . GLU A 1 1  ? -4.265  -7.462  15.125  1.00 0.00 ? 1  GLU A O    1 
ATOM 5    C CB   . GLU A 1 1  ? -3.600  -5.658  17.699  1.00 0.00 ? 1  GLU A CB   1 
ATOM 6    C CG   . GLU A 1 1  ? -2.398  -5.315  16.786  1.00 0.00 ? 1  GLU A CG   1 
ATOM 7    C CD   . GLU A 1 1  ? -2.620  -4.120  15.850  1.00 0.00 ? 1  GLU A CD   1 
ATOM 8    O OE1  . GLU A 1 1  ? -2.544  -2.962  16.318  1.00 0.00 ? 1  GLU A OE1  1 
ATOM 9    O OE2  . GLU A 1 1  ? -2.866  -4.334  14.643  1.00 0.00 ? 1  GLU A OE2  1 
ATOM 10   H H1   . GLU A 1 1  ? -5.737  -6.951  18.720  1.00 0.00 ? 1  GLU A H1   1 
ATOM 11   H H2   . GLU A 1 1  ? -6.102  -5.369  18.531  1.00 0.00 ? 1  GLU A H2   1 
ATOM 12   H HA   . GLU A 1 1  ? -5.224  -5.331  16.299  1.00 0.00 ? 1  GLU A HA   1 
ATOM 13   H HB2  . GLU A 1 1  ? -3.808  -4.771  18.330  1.00 0.00 ? 1  GLU A HB2  1 
ATOM 14   H HB3  . GLU A 1 1  ? -3.272  -6.437  18.416  1.00 0.00 ? 1  GLU A HB3  1 
ATOM 15   H HG2  . GLU A 1 1  ? -1.518  -5.099  17.420  1.00 0.00 ? 1  GLU A HG2  1 
ATOM 16   H HG3  . GLU A 1 1  ? -2.105  -6.203  16.194  1.00 0.00 ? 1  GLU A HG3  1 
ATOM 17   N N    . LYS A 1 2  ? -5.217  -8.519  16.797  1.00 0.00 ? 2  LYS A N    1 
ATOM 18   C CA   . LYS A 1 2  ? -5.109  -9.827  16.091  1.00 0.00 ? 2  LYS A CA   1 
ATOM 19   C C    . LYS A 1 2  ? -5.964  -9.793  14.824  1.00 0.00 ? 2  LYS A C    1 
ATOM 20   O O    . LYS A 1 2  ? -5.476  -9.987  13.727  1.00 0.00 ? 2  LYS A O    1 
ATOM 21   C CB   . LYS A 1 2  ? -5.432  -11.027 17.031  1.00 0.00 ? 2  LYS A CB   1 
ATOM 22   C CG   . LYS A 1 2  ? -4.348  -11.434 18.058  1.00 0.00 ? 2  LYS A CG   1 
ATOM 23   C CD   . LYS A 1 2  ? -4.182  -10.496 19.276  1.00 0.00 ? 2  LYS A CD   1 
ATOM 24   C CE   . LYS A 1 2  ? -3.166  -10.976 20.332  1.00 0.00 ? 2  LYS A CE   1 
ATOM 25   N NZ   . LYS A 1 2  ? -3.633  -12.144 21.105  1.00 0.00 ? 2  LYS A NZ   1 
ATOM 26   H H    . LYS A 1 2  ? -5.631  -8.410  17.729  1.00 0.00 ? 2  LYS A H    1 
ATOM 27   H HA   . LYS A 1 2  ? -4.057  -9.965  15.765  1.00 0.00 ? 2  LYS A HA   1 
ATOM 28   H HB2  . LYS A 1 2  ? -6.400  -10.871 17.546  1.00 0.00 ? 2  LYS A HB2  1 
ATOM 29   H HB3  . LYS A 1 2  ? -5.603  -11.919 16.399  1.00 0.00 ? 2  LYS A HB3  1 
ATOM 30   H HG2  . LYS A 1 2  ? -4.603  -12.445 18.426  1.00 0.00 ? 2  LYS A HG2  1 
ATOM 31   H HG3  . LYS A 1 2  ? -3.376  -11.554 17.543  1.00 0.00 ? 2  LYS A HG3  1 
ATOM 32   H HD2  . LYS A 1 2  ? -3.845  -9.505  18.922  1.00 0.00 ? 2  LYS A HD2  1 
ATOM 33   H HD3  . LYS A 1 2  ? -5.164  -10.313 19.754  1.00 0.00 ? 2  LYS A HD3  1 
ATOM 34   H HE2  . LYS A 1 2  ? -2.196  -11.211 19.858  1.00 0.00 ? 2  LYS A HE2  1 
ATOM 35   H HE3  . LYS A 1 2  ? -2.961  -10.150 21.039  1.00 0.00 ? 2  LYS A HE3  1 
ATOM 36   H HZ1  . LYS A 1 2  ? -2.943  -12.390 21.822  1.00 0.00 ? 2  LYS A HZ1  1 
ATOM 37   H HZ2  . LYS A 1 2  ? -4.491  -11.907 21.617  1.00 0.00 ? 2  LYS A HZ2  1 
ATOM 38   N N    . MET A 1 3  ? -7.240  -9.546  14.962  1.00 0.00 ? 3  MET A N    1 
ATOM 39   C CA   . MET A 1 3  ? -8.122  -9.497  13.762  1.00 0.00 ? 3  MET A CA   1 
ATOM 40   C C    . MET A 1 3  ? -7.708  -8.324  12.873  1.00 0.00 ? 3  MET A C    1 
ATOM 41   O O    . MET A 1 3  ? -7.998  -8.293  11.694  1.00 0.00 ? 3  MET A O    1 
ATOM 42   C CB   . MET A 1 3  ? -9.603  -9.439  14.225  1.00 0.00 ? 3  MET A CB   1 
ATOM 43   C CG   . MET A 1 3  ? -10.652 -9.609  13.112  1.00 0.00 ? 3  MET A CG   1 
ATOM 44   S SD   . MET A 1 3  ? -10.441 -11.206 12.292  1.00 0.00 ? 3  MET A SD   1 
ATOM 45   C CE   . MET A 1 3  ? -11.735 -11.114 11.039  1.00 0.00 ? 3  MET A CE   1 
ATOM 46   H H    . MET A 1 3  ? -7.574  -9.392  15.919  1.00 0.00 ? 3  MET A H    1 
ATOM 47   H HA   . MET A 1 3  ? -7.987  -10.435 13.190  1.00 0.00 ? 3  MET A HA   1 
ATOM 48   H HB2  . MET A 1 3  ? -9.791  -10.233 14.973  1.00 0.00 ? 3  MET A HB2  1 
ATOM 49   H HB3  . MET A 1 3  ? -9.799  -8.489  14.759  1.00 0.00 ? 3  MET A HB3  1 
ATOM 50   H HG2  . MET A 1 3  ? -11.670 -9.552  13.539  1.00 0.00 ? 3  MET A HG2  1 
ATOM 51   H HG3  . MET A 1 3  ? -10.579 -8.793  12.369  1.00 0.00 ? 3  MET A HG3  1 
ATOM 52   H HE1  . MET A 1 3  ? -11.574 -10.252 10.366  1.00 0.00 ? 3  MET A HE1  1 
ATOM 53   H HE2  . MET A 1 3  ? -12.731 -11.007 11.506  1.00 0.00 ? 3  MET A HE2  1 
ATOM 54   H HE3  . MET A 1 3  ? -11.741 -12.031 10.423  1.00 0.00 ? 3  MET A HE3  1 
ATOM 55   N N    . SER A 1 4  ? -7.029  -7.359  13.431  1.00 0.00 ? 4  SER A N    1 
ATOM 56   C CA   . SER A 1 4  ? -6.595  -6.190  12.617  1.00 0.00 ? 4  SER A CA   1 
ATOM 57   C C    . SER A 1 4  ? -5.437  -6.606  11.708  1.00 0.00 ? 4  SER A C    1 
ATOM 58   O O    . SER A 1 4  ? -5.332  -6.168  10.578  1.00 0.00 ? 4  SER A O    1 
ATOM 59   C CB   . SER A 1 4  ? -6.228  -4.997  13.527  1.00 0.00 ? 4  SER A CB   1 
ATOM 60   O OG   . SER A 1 4  ? -6.034  -3.815  12.758  1.00 0.00 ? 4  SER A OG   1 
ATOM 61   H H    . SER A 1 4  ? -6.824  -7.461  14.430  1.00 0.00 ? 4  SER A H    1 
ATOM 62   H HA   . SER A 1 4  ? -7.442  -5.835  12.007  1.00 0.00 ? 4  SER A HA   1 
ATOM 63   H HB2  . SER A 1 4  ? -7.024  -4.807  14.271  1.00 0.00 ? 4  SER A HB2  1 
ATOM 64   H HB3  . SER A 1 4  ? -5.309  -5.206  14.100  1.00 0.00 ? 4  SER A HB3  1 
ATOM 65   H HG   . SER A 1 4  ? -6.867  -3.653  12.308  1.00 0.00 ? 4  SER A HG   1 
ATOM 66   N N    . THR A 1 5  ? -4.569  -7.454  12.189  1.00 0.00 ? 5  THR A N    1 
ATOM 67   C CA   . THR A 1 5  ? -3.425  -7.903  11.350  1.00 0.00 ? 5  THR A CA   1 
ATOM 68   C C    . THR A 1 5  ? -3.908  -9.000  10.403  1.00 0.00 ? 5  THR A C    1 
ATOM 69   O O    . THR A 1 5  ? -3.285  -9.292  9.402   1.00 0.00 ? 5  THR A O    1 
ATOM 70   C CB   . THR A 1 5  ? -2.204  -8.372  12.201  1.00 0.00 ? 5  THR A CB   1 
ATOM 71   O OG1  . THR A 1 5  ? -2.577  -9.376  13.143  1.00 0.00 ? 5  THR A OG1  1 
ATOM 72   C CG2  . THR A 1 5  ? -1.486  -7.236  12.949  1.00 0.00 ? 5  THR A CG2  1 
ATOM 73   H H    . THR A 1 5  ? -4.730  -7.778  13.150  1.00 0.00 ? 5  THR A H    1 
ATOM 74   H HA   . THR A 1 5  ? -3.059  -7.070  10.716  1.00 0.00 ? 5  THR A HA   1 
ATOM 75   H HB   . THR A 1 5  ? -1.454  -8.815  11.520  1.00 0.00 ? 5  THR A HB   1 
ATOM 76   H HG1  . THR A 1 5  ? -1.766  -9.634  13.589  1.00 0.00 ? 5  THR A HG1  1 
ATOM 77   H HG21 . THR A 1 5  ? -0.602  -7.613  13.498  1.00 0.00 ? 5  THR A HG21 1 
ATOM 78   H HG22 . THR A 1 5  ? -2.145  -6.746  13.688  1.00 0.00 ? 5  THR A HG22 1 
ATOM 79   H HG23 . THR A 1 5  ? -1.127  -6.454  12.255  1.00 0.00 ? 5  THR A HG23 1 
ATOM 80   N N    . ALA A 1 6  ? -5.025  -9.600  10.709  1.00 0.00 ? 6  ALA A N    1 
ATOM 81   C CA   . ALA A 1 6  ? -5.559  -10.666 9.824   1.00 0.00 ? 6  ALA A CA   1 
ATOM 82   C C    . ALA A 1 6  ? -6.325  -10.008 8.678   1.00 0.00 ? 6  ALA A C    1 
ATOM 83   O O    . ALA A 1 6  ? -6.373  -10.513 7.575   1.00 0.00 ? 6  ALA A O    1 
ATOM 84   C CB   . ALA A 1 6  ? -6.459  -11.618 10.638  1.00 0.00 ? 6  ALA A CB   1 
ATOM 85   H H    . ALA A 1 6  ? -5.490  -9.291  11.569  1.00 0.00 ? 6  ALA A H    1 
ATOM 86   H HA   . ALA A 1 6  ? -4.740  -11.284 9.404   1.00 0.00 ? 6  ALA A HA   1 
ATOM 87   H HB1  . ALA A 1 6  ? -6.836  -12.448 10.012  1.00 0.00 ? 6  ALA A HB1  1 
ATOM 88   H HB2  . ALA A 1 6  ? -7.340  -11.103 11.061  1.00 0.00 ? 6  ALA A HB2  1 
ATOM 89   H HB3  . ALA A 1 6  ? -5.910  -12.078 11.480  1.00 0.00 ? 6  ALA A HB3  1 
ATOM 90   N N    . ILE A 1 7  ? -6.912  -8.870  8.935   1.00 0.00 ? 7  ILE A N    1 
ATOM 91   C CA   . ILE A 1 7  ? -7.661  -8.165  7.863   1.00 0.00 ? 7  ILE A CA   1 
ATOM 92   C C    . ILE A 1 7  ? -6.661  -7.520  6.906   1.00 0.00 ? 7  ILE A C    1 
ATOM 93   O O    . ILE A 1 7  ? -6.837  -7.534  5.704   1.00 0.00 ? 7  ILE A O    1 
ATOM 94   C CB   . ILE A 1 7  ? -8.854  -7.231  8.273   1.00 0.00 ? 7  ILE A CB   1 
ATOM 95   C CG1  . ILE A 1 7  ? -8.471  -5.991  9.126   1.00 0.00 ? 7  ILE A CG1  1 
ATOM 96   C CG2  . ILE A 1 7  ? -10.015 -8.047  8.896   1.00 0.00 ? 7  ILE A CG2  1 
ATOM 97   C CD1  . ILE A 1 7  ? -9.544  -4.898  9.261   1.00 0.00 ? 7  ILE A CD1  1 
ATOM 98   H H    . ILE A 1 7  ? -6.816  -8.512  9.891   1.00 0.00 ? 7  ILE A H    1 
ATOM 99   H HA   . ILE A 1 7  ? -8.165  -8.936  7.242   1.00 0.00 ? 7  ILE A HA   1 
ATOM 100  H HB   . ILE A 1 7  ? -9.262  -6.833  7.323   1.00 0.00 ? 7  ILE A HB   1 
ATOM 101  H HG12 . ILE A 1 7  ? -8.170  -6.330  10.125  1.00 0.00 ? 7  ILE A HG12 1 
ATOM 102  H HG13 . ILE A 1 7  ? -7.572  -5.507  8.704   1.00 0.00 ? 7  ILE A HG13 1 
ATOM 103  H HG21 . ILE A 1 7  ? -10.325 -8.881  8.240   1.00 0.00 ? 7  ILE A HG21 1 
ATOM 104  H HG22 . ILE A 1 7  ? -10.917 -7.431  9.060   1.00 0.00 ? 7  ILE A HG22 1 
ATOM 105  H HG23 . ILE A 1 7  ? -9.740  -8.489  9.870   1.00 0.00 ? 7  ILE A HG23 1 
ATOM 106  H HD11 . ILE A 1 7  ? -9.861  -4.514  8.274   1.00 0.00 ? 7  ILE A HD11 1 
ATOM 107  H HD12 . ILE A 1 7  ? -9.161  -4.038  9.838   1.00 0.00 ? 7  ILE A HD12 1 
ATOM 108  H HD13 . ILE A 1 7  ? -10.445 -5.264  9.787   1.00 0.00 ? 7  ILE A HD13 1 
ATOM 109  N N    . SER A 1 8  ? -5.603  -6.965  7.430   1.00 0.00 ? 8  SER A N    1 
ATOM 110  C CA   . SER A 1 8  ? -4.584  -6.333  6.550   1.00 0.00 ? 8  SER A CA   1 
ATOM 111  C C    . SER A 1 8  ? -3.891  -7.427  5.740   1.00 0.00 ? 8  SER A C    1 
ATOM 112  O O    . SER A 1 8  ? -3.563  -7.243  4.586   1.00 0.00 ? 8  SER A O    1 
ATOM 113  C CB   . SER A 1 8  ? -3.608  -5.505  7.417   1.00 0.00 ? 8  SER A CB   1 
ATOM 114  O OG   . SER A 1 8  ? -2.677  -4.804  6.603   1.00 0.00 ? 8  SER A OG   1 
ATOM 115  H H    . SER A 1 8  ? -5.527  -7.000  8.453   1.00 0.00 ? 8  SER A H    1 
ATOM 116  H HA   . SER A 1 8  ? -5.082  -5.633  5.851   1.00 0.00 ? 8  SER A HA   1 
ATOM 117  H HB2  . SER A 1 8  ? -4.162  -4.770  8.031   1.00 0.00 ? 8  SER A HB2  1 
ATOM 118  H HB3  . SER A 1 8  ? -3.059  -6.148  8.131   1.00 0.00 ? 8  SER A HB3  1 
ATOM 119  H HG   . SER A 1 8  ? -2.117  -4.312  7.206   1.00 0.00 ? 8  SER A HG   1 
ATOM 120  N N    . VAL A 1 9  ? -3.674  -8.569  6.336   1.00 0.00 ? 9  VAL A N    1 
ATOM 121  C CA   . VAL A 1 9  ? -3.016  -9.681  5.597   1.00 0.00 ? 9  VAL A CA   1 
ATOM 122  C C    . VAL A 1 9  ? -3.877  -10.036 4.386   1.00 0.00 ? 9  VAL A C    1 
ATOM 123  O O    . VAL A 1 9  ? -3.385  -10.193 3.285   1.00 0.00 ? 9  VAL A O    1 
ATOM 124  C CB   . VAL A 1 9  ? -2.591  -10.859 6.546   1.00 0.00 ? 9  VAL A CB   1 
ATOM 125  C CG1  . VAL A 1 9  ? -2.334  -12.219 5.850   1.00 0.00 ? 9  VAL A CG1  1 
ATOM 126  C CG2  . VAL A 1 9  ? -1.307  -10.506 7.340   1.00 0.00 ? 9  VAL A CG2  1 
ATOM 127  H H    . VAL A 1 9  ? -3.986  -8.642  7.311   1.00 0.00 ? 9  VAL A H    1 
ATOM 128  H HA   . VAL A 1 9  ? -2.072  -9.285  5.170   1.00 0.00 ? 9  VAL A HA   1 
ATOM 129  H HB   . VAL A 1 9  ? -3.406  -11.034 7.272   1.00 0.00 ? 9  VAL A HB   1 
ATOM 130  H HG11 . VAL A 1 9  ? -2.024  -13.001 6.568   1.00 0.00 ? 9  VAL A HG11 1 
ATOM 131  H HG12 . VAL A 1 9  ? -1.545  -12.147 5.076   1.00 0.00 ? 9  VAL A HG12 1 
ATOM 132  H HG13 . VAL A 1 9  ? -3.245  -12.600 5.351   1.00 0.00 ? 9  VAL A HG13 1 
ATOM 133  H HG21 . VAL A 1 9  ? -0.415  -10.460 6.685   1.00 0.00 ? 9  VAL A HG21 1 
ATOM 134  H HG22 . VAL A 1 9  ? -1.096  -11.249 8.132   1.00 0.00 ? 9  VAL A HG22 1 
ATOM 135  H HG23 . VAL A 1 9  ? -1.377  -9.522  7.835   1.00 0.00 ? 9  VAL A HG23 1 
ATOM 136  N N    . LEU A 1 10 ? -5.163  -10.158 4.577   1.00 0.00 ? 10 LEU A N    1 
ATOM 137  C CA   . LEU A 1 10 ? -6.054  -10.492 3.435   1.00 0.00 ? 10 LEU A CA   1 
ATOM 138  C C    . LEU A 1 10 ? -5.771  -9.531  2.281   1.00 0.00 ? 10 LEU A C    1 
ATOM 139  O O    . LEU A 1 10 ? -5.462  -9.942  1.180   1.00 0.00 ? 10 LEU A O    1 
ATOM 140  C CB   . LEU A 1 10 ? -7.555  -10.544 3.850   1.00 0.00 ? 10 LEU A CB   1 
ATOM 141  C CG   . LEU A 1 10 ? -7.988  -11.730 4.758   1.00 0.00 ? 10 LEU A CG   1 
ATOM 142  C CD1  . LEU A 1 10 ? -9.376  -11.471 5.374   1.00 0.00 ? 10 LEU A CD1  1 
ATOM 143  C CD2  . LEU A 1 10 ? -7.987  -13.085 4.018   1.00 0.00 ? 10 LEU A CD2  1 
ATOM 144  H H    . LEU A 1 10 ? -5.499  -10.006 5.535   1.00 0.00 ? 10 LEU A H    1 
ATOM 145  H HA   . LEU A 1 10 ? -5.777  -11.503 3.078   1.00 0.00 ? 10 LEU A HA   1 
ATOM 146  H HB2  . LEU A 1 10 ? -7.814  -9.587  4.344   1.00 0.00 ? 10 LEU A HB2  1 
ATOM 147  H HB3  . LEU A 1 10 ? -8.185  -10.557 2.939   1.00 0.00 ? 10 LEU A HB3  1 
ATOM 148  H HG   . LEU A 1 10 ? -7.273  -11.812 5.596   1.00 0.00 ? 10 LEU A HG   1 
ATOM 149  H HD11 . LEU A 1 10 ? -9.391  -10.535 5.964   1.00 0.00 ? 10 LEU A HD11 1 
ATOM 150  H HD12 . LEU A 1 10 ? -9.676  -12.282 6.064   1.00 0.00 ? 10 LEU A HD12 1 
ATOM 151  H HD13 . LEU A 1 10 ? -10.165 -11.385 4.604   1.00 0.00 ? 10 LEU A HD13 1 
ATOM 152  H HD21 . LEU A 1 10 ? -6.982  -13.349 3.641   1.00 0.00 ? 10 LEU A HD21 1 
ATOM 153  H HD22 . LEU A 1 10 ? -8.673  -13.085 3.151   1.00 0.00 ? 10 LEU A HD22 1 
ATOM 154  H HD23 . LEU A 1 10 ? -8.299  -13.913 4.683   1.00 0.00 ? 10 LEU A HD23 1 
ATOM 155  N N    . LEU A 1 11 ? -5.862  -8.251  2.522   1.00 0.00 ? 11 LEU A N    1 
ATOM 156  C CA   . LEU A 1 11 ? -5.586  -7.271  1.437   1.00 0.00 ? 11 LEU A CA   1 
ATOM 157  C C    . LEU A 1 11 ? -4.174  -7.509  0.901   1.00 0.00 ? 11 LEU A C    1 
ATOM 158  O O    . LEU A 1 11 ? -3.898  -7.310  -0.265  1.00 0.00 ? 11 LEU A O    1 
ATOM 159  C CB   . LEU A 1 11 ? -5.838  -5.797  1.863   1.00 0.00 ? 11 LEU A CB   1 
ATOM 160  C CG   . LEU A 1 11 ? -7.304  -5.306  2.061   1.00 0.00 ? 11 LEU A CG   1 
ATOM 161  C CD1  . LEU A 1 11 ? -8.241  -5.627  0.876   1.00 0.00 ? 11 LEU A CD1  1 
ATOM 162  C CD2  . LEU A 1 11 ? -7.944  -5.743  3.390   1.00 0.00 ? 11 LEU A CD2  1 
ATOM 163  H H    . LEU A 1 11 ? -6.125  -7.982  3.478   1.00 0.00 ? 11 LEU A H    1 
ATOM 164  H HA   . LEU A 1 11 ? -6.273  -7.491  0.598   1.00 0.00 ? 11 LEU A HA   1 
ATOM 165  H HB2  . LEU A 1 11 ? -5.243  -5.561  2.768   1.00 0.00 ? 11 LEU A HB2  1 
ATOM 166  H HB3  . LEU A 1 11 ? -5.400  -5.143  1.083   1.00 0.00 ? 11 LEU A HB3  1 
ATOM 167  H HG   . LEU A 1 11 ? -7.238  -4.205  2.122   1.00 0.00 ? 11 LEU A HG   1 
ATOM 168  H HD11 . LEU A 1 11 ? -8.442  -6.710  0.781   1.00 0.00 ? 11 LEU A HD11 1 
ATOM 169  H HD12 . LEU A 1 11 ? -7.813  -5.287  -0.085  1.00 0.00 ? 11 LEU A HD12 1 
ATOM 170  H HD13 . LEU A 1 11 ? -9.222  -5.126  0.985   1.00 0.00 ? 11 LEU A HD13 1 
ATOM 171  H HD21 . LEU A 1 11 ? -7.315  -5.454  4.252   1.00 0.00 ? 11 LEU A HD21 1 
ATOM 172  H HD22 . LEU A 1 11 ? -8.105  -6.836  3.442   1.00 0.00 ? 11 LEU A HD22 1 
ATOM 173  H HD23 . LEU A 1 11 ? -8.929  -5.263  3.545   1.00 0.00 ? 11 LEU A HD23 1 
ATOM 174  N N    . ALA A 1 12 ? -3.279  -7.946  1.744   1.00 0.00 ? 12 ALA A N    1 
ATOM 175  C CA   . ALA A 1 12 ? -1.888  -8.208  1.283   1.00 0.00 ? 12 ALA A CA   1 
ATOM 176  C C    . ALA A 1 12 ? -1.934  -9.169  0.096   1.00 0.00 ? 12 ALA A C    1 
ATOM 177  O O    . ALA A 1 12 ? -1.451  -8.870  -0.978  1.00 0.00 ? 12 ALA A O    1 
ATOM 178  C CB   . ALA A 1 12 ? -0.912  -8.602  2.404   1.00 0.00 ? 12 ALA A CB   1 
ATOM 179  H H    . ALA A 1 12 ? -3.592  -8.092  2.710   1.00 0.00 ? 12 ALA A H    1 
ATOM 180  H HA   . ALA A 1 12 ? -1.495  -7.244  0.902   1.00 0.00 ? 12 ALA A HA   1 
ATOM 181  H HB1  . ALA A 1 12 ? 0.122   -8.574  2.025   1.00 0.00 ? 12 ALA A HB1  1 
ATOM 182  H HB2  . ALA A 1 12 ? -1.075  -9.623  2.790   1.00 0.00 ? 12 ALA A HB2  1 
ATOM 183  H HB3  . ALA A 1 12 ? -0.959  -7.905  3.261   1.00 0.00 ? 12 ALA A HB3  1 
ATOM 184  N N    . GLN A 1 13 ? -2.520  -10.320 0.278   1.00 0.00 ? 13 GLN A N    1 
ATOM 185  C CA   . GLN A 1 13 ? -2.607  -11.294 -0.845  1.00 0.00 ? 13 GLN A CA   1 
ATOM 186  C C    . GLN A 1 13 ? -3.360  -10.647 -2.007  1.00 0.00 ? 13 GLN A C    1 
ATOM 187  O O    . GLN A 1 13 ? -3.099  -10.924 -3.160  1.00 0.00 ? 13 GLN A O    1 
ATOM 188  C CB   . GLN A 1 13 ? -3.248  -12.636 -0.394  1.00 0.00 ? 13 GLN A CB   1 
ATOM 189  C CG   . GLN A 1 13 ? -2.453  -13.463 0.646   1.00 0.00 ? 13 GLN A CG   1 
ATOM 190  C CD   . GLN A 1 13 ? -1.093  -13.986 0.144   1.00 0.00 ? 13 GLN A CD   1 
ATOM 191  O OE1  . GLN A 1 13 ? -1.021  -14.916 -0.659  1.00 0.00 ? 13 GLN A OE1  1 
ATOM 192  N NE2  . GLN A 1 13 ? 0.007   -13.403 0.600   1.00 0.00 ? 13 GLN A NE2  1 
ATOM 193  H H    . GLN A 1 13 ? -2.906  -10.496 1.212   1.00 0.00 ? 13 GLN A H    1 
ATOM 194  H HA   . GLN A 1 13 ? -1.581  -11.516 -1.199  1.00 0.00 ? 13 GLN A HA   1 
ATOM 195  H HB2  . GLN A 1 13 ? -4.260  -12.443 0.012   1.00 0.00 ? 13 GLN A HB2  1 
ATOM 196  H HB3  . GLN A 1 13 ? -3.421  -13.275 -1.282  1.00 0.00 ? 13 GLN A HB3  1 
ATOM 197  H HG2  . GLN A 1 13 ? -2.341  -12.881 1.582   1.00 0.00 ? 13 GLN A HG2  1 
ATOM 198  H HG3  . GLN A 1 13 ? -3.065  -14.336 0.939   1.00 0.00 ? 13 GLN A HG3  1 
ATOM 199  H HE21 . GLN A 1 13 ? -0.123  -12.633 1.265   1.00 0.00 ? 13 GLN A HE21 1 
ATOM 200  H HE22 . GLN A 1 13 ? 0.900   -13.768 0.249   1.00 0.00 ? 13 GLN A HE22 1 
ATOM 201  N N    . ALA A 1 14 ? -4.290  -9.778  -1.710  1.00 0.00 ? 14 ALA A N    1 
ATOM 202  C CA   . ALA A 1 14 ? -5.053  -9.103  -2.796  1.00 0.00 ? 14 ALA A CA   1 
ATOM 203  C C    . ALA A 1 14 ? -4.078  -8.335  -3.686  1.00 0.00 ? 14 ALA A C    1 
ATOM 204  O O    . ALA A 1 14 ? -4.235  -8.270  -4.889  1.00 0.00 ? 14 ALA A O    1 
ATOM 205  C CB   . ALA A 1 14 ? -6.220  -8.240  -2.281  1.00 0.00 ? 14 ALA A CB   1 
ATOM 206  H H    . ALA A 1 14 ? -4.446  -9.598  -0.712  1.00 0.00 ? 14 ALA A H    1 
ATOM 207  H HA   . ALA A 1 14 ? -5.522  -9.894  -3.417  1.00 0.00 ? 14 ALA A HA   1 
ATOM 208  H HB1  . ALA A 1 14 ? -6.862  -7.901  -3.115  1.00 0.00 ? 14 ALA A HB1  1 
ATOM 209  H HB2  . ALA A 1 14 ? -5.882  -7.328  -1.757  1.00 0.00 ? 14 ALA A HB2  1 
ATOM 210  H HB3  . ALA A 1 14 ? -6.871  -8.800  -1.585  1.00 0.00 ? 14 ALA A HB3  1 
ATOM 211  N N    . VAL A 1 15 ? -3.060  -7.761  -3.103  1.00 0.00 ? 15 VAL A N    1 
ATOM 212  C CA   . VAL A 1 15 ? -2.064  -7.008  -3.912  1.00 0.00 ? 15 VAL A CA   1 
ATOM 213  C C    . VAL A 1 15 ? -1.121  -8.002  -4.588  1.00 0.00 ? 15 VAL A C    1 
ATOM 214  O O    . VAL A 1 15 ? -0.645  -7.780  -5.682  1.00 0.00 ? 15 VAL A O    1 
ATOM 215  C CB   . VAL A 1 15 ? -1.328  -5.956  -2.996  1.00 0.00 ? 15 VAL A CB   1 
ATOM 216  C CG1  . VAL A 1 15 ? -0.102  -5.261  -3.640  1.00 0.00 ? 15 VAL A CG1  1 
ATOM 217  C CG2  . VAL A 1 15 ? -2.277  -4.844  -2.483  1.00 0.00 ? 15 VAL A CG2  1 
ATOM 218  H H    . VAL A 1 15 ? -2.999  -7.866  -2.084  1.00 0.00 ? 15 VAL A H    1 
ATOM 219  H HA   . VAL A 1 15 ? -2.587  -6.419  -4.688  1.00 0.00 ? 15 VAL A HA   1 
ATOM 220  H HB   . VAL A 1 15 ? -0.939  -6.487  -2.105  1.00 0.00 ? 15 VAL A HB   1 
ATOM 221  H HG11 . VAL A 1 15 ? 0.381   -4.548  -2.946  1.00 0.00 ? 15 VAL A HG11 1 
ATOM 222  H HG12 . VAL A 1 15 ? -0.365  -4.699  -4.554  1.00 0.00 ? 15 VAL A HG12 1 
ATOM 223  H HG13 . VAL A 1 15 ? 0.683   -5.988  -3.922  1.00 0.00 ? 15 VAL A HG13 1 
ATOM 224  H HG21 . VAL A 1 15 ? -3.129  -5.257  -1.914  1.00 0.00 ? 15 VAL A HG21 1 
ATOM 225  H HG22 . VAL A 1 15 ? -2.700  -4.248  -3.314  1.00 0.00 ? 15 VAL A HG22 1 
ATOM 226  H HG23 . VAL A 1 15 ? -1.762  -4.141  -1.802  1.00 0.00 ? 15 VAL A HG23 1 
ATOM 227  N N    . PHE A 1 16 ? -0.855  -9.107  -3.941  1.00 0.00 ? 16 PHE A N    1 
ATOM 228  C CA   . PHE A 1 16 ? 0.048   -10.128 -4.544  1.00 0.00 ? 16 PHE A CA   1 
ATOM 229  C C    . PHE A 1 16 ? -0.526  -10.564 -5.893  1.00 0.00 ? 16 PHE A C    1 
ATOM 230  O O    . PHE A 1 16 ? 0.100   -10.409 -6.923  1.00 0.00 ? 16 PHE A O    1 
ATOM 231  C CB   . PHE A 1 16 ? 0.350   -11.277 -3.537  1.00 0.00 ? 16 PHE A CB   1 
ATOM 232  C CG   . PHE A 1 16 ? 1.524   -12.181 -3.956  1.00 0.00 ? 16 PHE A CG   1 
ATOM 233  C CD1  . PHE A 1 16 ? 1.309   -13.279 -4.797  1.00 0.00 ? 16 PHE A CD1  1 
ATOM 234  C CD2  . PHE A 1 16 ? 2.826   -11.882 -3.539  1.00 0.00 ? 16 PHE A CD2  1 
ATOM 235  C CE1  . PHE A 1 16 ? 2.382   -14.054 -5.229  1.00 0.00 ? 16 PHE A CE1  1 
ATOM 236  C CE2  . PHE A 1 16 ? 3.898   -12.659 -3.971  1.00 0.00 ? 16 PHE A CE2  1 
ATOM 237  C CZ   . PHE A 1 16 ? 3.675   -13.744 -4.816  1.00 0.00 ? 16 PHE A CZ   1 
ATOM 238  H H    . PHE A 1 16 ? -1.301  -9.218  -3.025  1.00 0.00 ? 16 PHE A H    1 
ATOM 239  H HA   . PHE A 1 16 ? 1.015   -9.625  -4.735  1.00 0.00 ? 16 PHE A HA   1 
ATOM 240  H HB2  . PHE A 1 16 ? 0.566   -10.849 -2.538  1.00 0.00 ? 16 PHE A HB2  1 
ATOM 241  H HB3  . PHE A 1 16 ? -0.557  -11.889 -3.373  1.00 0.00 ? 16 PHE A HB3  1 
ATOM 242  H HD1  . PHE A 1 16 ? 0.312   -13.523 -5.138  1.00 0.00 ? 16 PHE A HD1  1 
ATOM 243  H HD2  . PHE A 1 16 ? 3.016   -11.031 -2.898  1.00 0.00 ? 16 PHE A HD2  1 
ATOM 244  H HE1  . PHE A 1 16 ? 2.212   -14.893 -5.888  1.00 0.00 ? 16 PHE A HE1  1 
ATOM 245  H HE2  . PHE A 1 16 ? 4.902   -12.418 -3.655  1.00 0.00 ? 16 PHE A HE2  1 
ATOM 246  H HZ   . PHE A 1 16 ? 4.507   -14.343 -5.154  1.00 0.00 ? 16 PHE A HZ   1 
ATOM 247  N N    . LEU A 1 17 ? -1.718  -11.099 -5.898  1.00 0.00 ? 17 LEU A N    1 
ATOM 248  C CA   . LEU A 1 17 ? -2.329  -11.531 -7.184  1.00 0.00 ? 17 LEU A CA   1 
ATOM 249  C C    . LEU A 1 17 ? -2.286  -10.361 -8.170  1.00 0.00 ? 17 LEU A C    1 
ATOM 250  O O    . LEU A 1 17 ? -2.343  -10.540 -9.369  1.00 0.00 ? 17 LEU A O    1 
ATOM 251  C CB   . LEU A 1 17 ? -3.782  -12.040 -6.962  1.00 0.00 ? 17 LEU A CB   1 
ATOM 252  C CG   . LEU A 1 17 ? -3.970  -13.289 -6.051  1.00 0.00 ? 17 LEU A CG   1 
ATOM 253  C CD1  . LEU A 1 17 ? -5.465  -13.527 -5.763  1.00 0.00 ? 17 LEU A CD1  1 
ATOM 254  C CD2  . LEU A 1 17 ? -3.332  -14.565 -6.636  1.00 0.00 ? 17 LEU A CD2  1 
ATOM 255  H H    . LEU A 1 17 ? -2.183  -11.191 -4.987  1.00 0.00 ? 17 LEU A H    1 
ATOM 256  H HA   . LEU A 1 17 ? -1.728  -12.357 -7.604  1.00 0.00 ? 17 LEU A HA   1 
ATOM 257  H HB2  . LEU A 1 17 ? -4.389  -11.204 -6.557  1.00 0.00 ? 17 LEU A HB2  1 
ATOM 258  H HB3  . LEU A 1 17 ? -4.237  -12.262 -7.948  1.00 0.00 ? 17 LEU A HB3  1 
ATOM 259  H HG   . LEU A 1 17 ? -3.486  -13.087 -5.077  1.00 0.00 ? 17 LEU A HG   1 
ATOM 260  H HD11 . LEU A 1 17 ? -6.039  -13.739 -6.684  1.00 0.00 ? 17 LEU A HD11 1 
ATOM 261  H HD12 . LEU A 1 17 ? -5.930  -12.647 -5.280  1.00 0.00 ? 17 LEU A HD12 1 
ATOM 262  H HD13 . LEU A 1 17 ? -5.618  -14.381 -5.076  1.00 0.00 ? 17 LEU A HD13 1 
ATOM 263  H HD21 . LEU A 1 17 ? -2.239  -14.457 -6.761  1.00 0.00 ? 17 LEU A HD21 1 
ATOM 264  H HD22 . LEU A 1 17 ? -3.752  -14.824 -7.626  1.00 0.00 ? 17 LEU A HD22 1 
ATOM 265  H HD23 . LEU A 1 17 ? -3.485  -15.439 -5.975  1.00 0.00 ? 17 LEU A HD23 1 
ATOM 266  N N    . LEU A 1 18 ? -2.177  -9.161  -7.665  1.00 0.00 ? 18 LEU A N    1 
ATOM 267  C CA   . LEU A 1 18 ? -2.120  -7.974  -8.565  1.00 0.00 ? 18 LEU A CA   1 
ATOM 268  C C    . LEU A 1 18 ? -0.826  -8.015  -9.377  1.00 0.00 ? 18 LEU A C    1 
ATOM 269  O O    . LEU A 1 18 ? -0.841  -7.969  -10.590 1.00 0.00 ? 18 LEU A O    1 
ATOM 270  C CB   . LEU A 1 18 ? -2.466  -6.649  -7.800  1.00 0.00 ? 18 LEU A CB   1 
ATOM 271  C CG   . LEU A 1 18 ? -1.879  -5.221  -8.073  1.00 0.00 ? 18 LEU A CG   1 
ATOM 272  C CD1  . LEU A 1 18 ? -2.427  -4.239  -7.004  1.00 0.00 ? 18 LEU A CD1  1 
ATOM 273  C CD2  . LEU A 1 18 ? -0.348  -5.059  -8.068  1.00 0.00 ? 18 LEU A CD2  1 
ATOM 274  H H    . LEU A 1 18 ? -2.132  -9.098  -6.643  1.00 0.00 ? 18 LEU A H    1 
ATOM 275  H HA   . LEU A 1 18 ? -2.936  -8.076  -9.312  1.00 0.00 ? 18 LEU A HA   1 
ATOM 276  H HB2  . LEU A 1 18 ? -3.549  -6.551  -7.923  1.00 0.00 ? 18 LEU A HB2  1 
ATOM 277  H HB3  . LEU A 1 18 ? -2.422  -6.822  -6.724  1.00 0.00 ? 18 LEU A HB3  1 
ATOM 278  H HG   . LEU A 1 18 ? -2.231  -4.886  -9.065  1.00 0.00 ? 18 LEU A HG   1 
ATOM 279  H HD11 . LEU A 1 18 ? -3.530  -4.223  -6.950  1.00 0.00 ? 18 LEU A HD11 1 
ATOM 280  H HD12 . LEU A 1 18 ? -2.105  -3.199  -7.192  1.00 0.00 ? 18 LEU A HD12 1 
ATOM 281  H HD13 . LEU A 1 18 ? -2.078  -4.497  -5.989  1.00 0.00 ? 18 LEU A HD13 1 
ATOM 282  H HD21 . LEU A 1 18 ? 0.118   -5.565  -7.201  1.00 0.00 ? 18 LEU A HD21 1 
ATOM 283  H HD22 . LEU A 1 18 ? -0.035  -3.997  -8.037  1.00 0.00 ? 18 LEU A HD22 1 
ATOM 284  H HD23 . LEU A 1 18 ? 0.111   -5.459  -8.987  1.00 0.00 ? 18 LEU A HD23 1 
ATOM 285  N N    . LEU A 1 19 ? 0.295   -8.110  -8.715  1.00 0.00 ? 19 LEU A N    1 
ATOM 286  C CA   . LEU A 1 19 ? 1.588   -8.159  -9.451  1.00 0.00 ? 19 LEU A CA   1 
ATOM 287  C C    . LEU A 1 19 ? 1.637   -9.438  -10.290 1.00 0.00 ? 19 LEU A C    1 
ATOM 288  O O    . LEU A 1 19 ? 2.320   -9.511  -11.293 1.00 0.00 ? 19 LEU A O    1 
ATOM 289  C CB   . LEU A 1 19 ? 2.783   -8.062  -8.454  1.00 0.00 ? 19 LEU A CB   1 
ATOM 290  C CG   . LEU A 1 19 ? 3.136   -9.266  -7.511  1.00 0.00 ? 19 LEU A CG   1 
ATOM 291  C CD1  . LEU A 1 19 ? 4.295   -10.118 -8.046  1.00 0.00 ? 19 LEU A CD1  1 
ATOM 292  C CD2  . LEU A 1 19 ? 3.402   -8.880  -6.041  1.00 0.00 ? 19 LEU A CD2  1 
ATOM 293  H H    . LEU A 1 19 ? 0.221   -8.146  -7.693  1.00 0.00 ? 19 LEU A H    1 
ATOM 294  H HA   . LEU A 1 19 ? 1.653   -7.285  -10.129 1.00 0.00 ? 19 LEU A HA   1 
ATOM 295  H HB2  . LEU A 1 19 ? 3.685   -7.766  -9.025  1.00 0.00 ? 19 LEU A HB2  1 
ATOM 296  H HB3  . LEU A 1 19 ? 2.576   -7.180  -7.833  1.00 0.00 ? 19 LEU A HB3  1 
ATOM 297  H HG   . LEU A 1 19 ? 2.274   -9.939  -7.483  1.00 0.00 ? 19 LEU A HG   1 
ATOM 298  H HD11 . LEU A 1 19 ? 4.516   -10.980 -7.389  1.00 0.00 ? 19 LEU A HD11 1 
ATOM 299  H HD12 . LEU A 1 19 ? 5.225   -9.530  -8.149  1.00 0.00 ? 19 LEU A HD12 1 
ATOM 300  H HD13 . LEU A 1 19 ? 4.049   -10.533 -9.038  1.00 0.00 ? 19 LEU A HD13 1 
ATOM 301  H HD21 . LEU A 1 19 ? 3.392   -9.772  -5.391  1.00 0.00 ? 19 LEU A HD21 1 
ATOM 302  H HD22 . LEU A 1 19 ? 2.629   -8.193  -5.649  1.00 0.00 ? 19 LEU A HD22 1 
ATOM 303  H HD23 . LEU A 1 19 ? 4.384   -8.401  -5.886  1.00 0.00 ? 19 LEU A HD23 1 
ATOM 304  N N    . THR A 1 20 ? 0.917   -10.448 -9.887  1.00 0.00 ? 20 THR A N    1 
ATOM 305  C CA   . THR A 1 20 ? 0.916   -11.722 -10.656 1.00 0.00 ? 20 THR A CA   1 
ATOM 306  C C    . THR A 1 20 ? 0.341   -11.471 -12.051 1.00 0.00 ? 20 THR A C    1 
ATOM 307  O O    . THR A 1 20 ? 0.917   -11.852 -13.050 1.00 0.00 ? 20 THR A O    1 
ATOM 308  C CB   . THR A 1 20 ? 0.228   -12.872 -9.858  1.00 0.00 ? 20 THR A CB   1 
ATOM 309  O OG1  . THR A 1 20 ? 0.791   -12.978 -8.551  1.00 0.00 ? 20 THR A OG1  1 
ATOM 310  C CG2  . THR A 1 20 ? 0.355   -14.258 -10.514 1.00 0.00 ? 20 THR A CG2  1 
ATOM 311  H H    . THR A 1 20 ? 0.369   -10.304 -9.030  1.00 0.00 ? 20 THR A H    1 
ATOM 312  H HA   . THR A 1 20 ? 1.974   -12.033 -10.785 1.00 0.00 ? 20 THR A HA   1 
ATOM 313  H HB   . THR A 1 20 ? -0.849  -12.650 -9.750  1.00 0.00 ? 20 THR A HB   1 
ATOM 314  H HG1  . THR A 1 20 ? 1.718   -13.191 -8.679  1.00 0.00 ? 20 THR A HG1  1 
ATOM 315  H HG21 . THR A 1 20 ? -0.135  -15.038 -9.904  1.00 0.00 ? 20 THR A HG21 1 
ATOM 316  H HG22 . THR A 1 20 ? 1.414   -14.556 -10.643 1.00 0.00 ? 20 THR A HG22 1 
ATOM 317  H HG23 . THR A 1 20 ? -0.120  -14.285 -11.513 1.00 0.00 ? 20 THR A HG23 1 
ATOM 318  N N    . SER A 1 21 ? -0.792  -10.824 -12.129 1.00 0.00 ? 21 SER A N    1 
ATOM 319  C CA   . SER A 1 21 ? -1.398  -10.546 -13.460 1.00 0.00 ? 21 SER A CA   1 
ATOM 320  C C    . SER A 1 21 ? -0.521  -9.540  -14.210 1.00 0.00 ? 21 SER A C    1 
ATOM 321  O O    . SER A 1 21 ? -0.193  -9.729  -15.365 1.00 0.00 ? 21 SER A O    1 
ATOM 322  C CB   . SER A 1 21 ? -2.827  -10.088 -13.255 1.00 0.00 ? 21 SER A CB   1 
ATOM 323  O OG   . SER A 1 21 ? -2.913  -8.962  -12.381 1.00 0.00 ? 21 SER A OG   1 
ATOM 324  H H    . SER A 1 21 ? -1.214  -10.532 -11.240 1.00 0.00 ? 21 SER A H    1 
ATOM 325  H HA   . SER A 1 21 ? -1.442  -11.483 -14.051 1.00 0.00 ? 21 SER A HA   1 
ATOM 326  H HB2  . SER A 1 21 ? -3.205  -9.830  -14.255 1.00 0.00 ? 21 SER A HB2  1 
ATOM 327  H HB3  . SER A 1 21 ? -3.459  -10.910 -12.870 1.00 0.00 ? 21 SER A HB3  1 
ATOM 328  H HG   . SER A 1 21 ? -3.844  -8.728  -12.341 1.00 0.00 ? 21 SER A HG   1 
ATOM 329  N N    . GLN A 1 22 ? -0.139  -8.474  -13.562 1.00 0.00 ? 22 GLN A N    1 
ATOM 330  C CA   . GLN A 1 22 ? 0.719   -7.461  -14.238 1.00 0.00 ? 22 GLN A CA   1 
ATOM 331  C C    . GLN A 1 22 ? 2.128   -8.030  -14.422 1.00 0.00 ? 22 GLN A C    1 
ATOM 332  O O    . GLN A 1 22 ? 2.980   -7.416  -15.034 1.00 0.00 ? 22 GLN A O    1 
ATOM 333  C CB   . GLN A 1 22 ? 0.786   -6.196  -13.380 1.00 0.00 ? 22 GLN A CB   1 
ATOM 334  C CG   . GLN A 1 22 ? -0.591  -5.529  -13.336 1.00 0.00 ? 22 GLN A CG   1 
ATOM 335  C CD   . GLN A 1 22 ? -1.019  -5.367  -14.756 1.00 0.00 ? 22 GLN A CD   1 
ATOM 336  O OE1  . GLN A 1 22 ? -1.564  -6.374  -15.229 1.00 0.00 ? 22 GLN A OE1  1 
ATOM 337  N NE2  . GLN A 1 22 ? -0.644  -4.316  -15.495 1.00 0.00 ? 22 GLN A NE2  1 
ATOM 338  H H    . GLN A 1 22 ? -0.444  -8.368  -12.587 1.00 0.00 ? 22 GLN A H    1 
ATOM 339  H HA   . GLN A 1 22 ? 0.411   -7.288  -15.277 1.00 0.00 ? 22 GLN A HA   1 
ATOM 340  H HB2  . GLN A 1 22 ? 1.117   -6.436  -12.351 1.00 0.00 ? 22 GLN A HB2  1 
ATOM 341  H HB3  . GLN A 1 22 ? 1.478   -5.469  -13.747 1.00 0.00 ? 22 GLN A HB3  1 
ATOM 342  H HG2  . GLN A 1 22 ? -1.302  -6.138  -12.750 1.00 0.00 ? 22 GLN A HG2  1 
ATOM 343  H HG3  . GLN A 1 22 ? -0.519  -4.547  -12.828 1.00 0.00 ? 22 GLN A HG3  1 
ATOM 344  H HE21 . GLN A 1 22 ? -0.327  -3.522  -14.926 1.00 0.00 ? 22 GLN A HE21 1 
ATOM 345  H HE22 . GLN A 1 22 ? -1.218  -4.171  -16.337 1.00 0.00 ? 22 GLN A HE22 1 
ATOM 346  N N    . ARG A 1 23 ? 2.383   -9.199  -13.896 1.00 0.00 ? 23 ARG A N    1 
ATOM 347  C CA   . ARG A 1 23 ? 3.736   -9.805  -14.042 1.00 0.00 ? 23 ARG A CA   1 
ATOM 348  C C    . ARG A 1 23 ? 3.601   -11.314 -14.252 1.00 0.00 ? 23 ARG A C    1 
ATOM 349  O O    . ARG A 1 23 ? 3.804   -11.758 -15.370 1.00 0.00 ? 23 ARG A O    1 
ATOM 350  C CB   . ARG A 1 23 ? 4.836   -9.472  -12.965 1.00 0.00 ? 23 ARG A CB   1 
ATOM 351  C CG   . ARG A 1 23 ? 5.932   -10.535 -12.569 1.00 0.00 ? 23 ARG A CG   1 
ATOM 352  C CD   . ARG A 1 23 ? 6.206   -10.663 -11.057 1.00 0.00 ? 23 ARG A CD   1 
ATOM 353  N NE   . ARG A 1 23 ? 7.508   -11.326 -10.791 1.00 0.00 ? 23 ARG A NE   1 
ATOM 354  C CZ   . ARG A 1 23 ? 8.250   -11.156 -9.678  1.00 0.00 ? 23 ARG A CZ   1 
ATOM 355  N NH1  . ARG A 1 23 ? 7.903   -10.372 -8.661  1.00 0.00 ? 23 ARG A NH1  1 
ATOM 356  N NH2  . ARG A 1 23 ? 9.396   -11.807 -9.592  1.00 0.00 ? 23 ARG A NH2  1 
ATOM 357  O OXT  . ARG A 1 23 ? 3.422   -12.079 -13.277 1.00 0.00 ? 23 ARG A OXT  1 
ATOM 358  H H    . ARG A 1 23 ? 1.610   -9.651  -13.395 1.00 0.00 ? 23 ARG A H    1 
ATOM 359  H HA   . ARG A 1 23 ? 4.188   -9.458  -14.995 1.00 0.00 ? 23 ARG A HA   1 
ATOM 360  H HB2  . ARG A 1 23 ? 5.362   -8.575  -13.337 1.00 0.00 ? 23 ARG A HB2  1 
ATOM 361  H HB3  . ARG A 1 23 ? 4.391   -9.070  -12.045 1.00 0.00 ? 23 ARG A HB3  1 
ATOM 362  H HG2  . ARG A 1 23 ? 5.707   -11.556 -12.912 1.00 0.00 ? 23 ARG A HG2  1 
ATOM 363  H HG3  . ARG A 1 23 ? 6.853   -10.345 -13.138 1.00 0.00 ? 23 ARG A HG3  1 
ATOM 364  H HD2  . ARG A 1 23 ? 6.156   -9.674  -10.567 1.00 0.00 ? 23 ARG A HD2  1 
ATOM 365  H HD3  . ARG A 1 23 ? 5.401   -11.266 -10.602 1.00 0.00 ? 23 ARG A HD3  1 
ATOM 366  H HH11 . ARG A 1 23 ? 7.008   -9.874  -8.750  1.00 0.00 ? 23 ARG A HH11 1 
ATOM 367  H HH12 . ARG A 1 23 ? 8.556   -10.328 -7.872  1.00 0.00 ? 23 ARG A HH12 1 
ATOM 368  H HH21 . ARG A 1 23 ? 9.644   -12.406 -10.388 1.00 0.00 ? 23 ARG A HH21 1 
ATOM 369  H HH22 . ARG A 1 23 ? 9.942   -11.661 -8.737  1.00 0.00 ? 23 ARG A HH22 1 
ATOM 370  N N    . GLU B 1 1  ? -10.832 3.447   16.408  1.00 0.00 ? 1  GLU B N    1 
ATOM 371  C CA   . GLU B 1 1  ? -10.191 2.472   15.479  1.00 0.00 ? 1  GLU B CA   1 
ATOM 372  C C    . GLU B 1 1  ? -11.234 1.934   14.499  1.00 0.00 ? 1  GLU B C    1 
ATOM 373  O O    . GLU B 1 1  ? -10.908 1.456   13.431  1.00 0.00 ? 1  GLU B O    1 
ATOM 374  C CB   . GLU B 1 1  ? -9.469  1.369   16.303  1.00 0.00 ? 1  GLU B CB   1 
ATOM 375  C CG   . GLU B 1 1  ? -8.609  0.350   15.516  1.00 0.00 ? 1  GLU B CG   1 
ATOM 376  C CD   . GLU B 1 1  ? -7.400  0.951   14.789  1.00 0.00 ? 1  GLU B CD   1 
ATOM 377  O OE1  . GLU B 1 1  ? -6.379  1.242   15.451  1.00 0.00 ? 1  GLU B OE1  1 
ATOM 378  O OE2  . GLU B 1 1  ? -7.464  1.134   13.553  1.00 0.00 ? 1  GLU B OE2  1 
ATOM 379  H H1   . GLU B 1 1  ? -11.528 2.970   16.992  1.00 0.00 ? 1  GLU B H1   1 
ATOM 380  H H2   . GLU B 1 1  ? -10.135 3.822   17.060  1.00 0.00 ? 1  GLU B H2   1 
ATOM 381  H HA   . GLU B 1 1  ? -9.430  3.031   14.909  1.00 0.00 ? 1  GLU B HA   1 
ATOM 382  H HB2  . GLU B 1 1  ? -8.819  1.841   17.065  1.00 0.00 ? 1  GLU B HB2  1 
ATOM 383  H HB3  . GLU B 1 1  ? -10.218 0.802   16.889  1.00 0.00 ? 1  GLU B HB3  1 
ATOM 384  H HG2  . GLU B 1 1  ? -8.244  -0.423  16.216  1.00 0.00 ? 1  GLU B HG2  1 
ATOM 385  H HG3  . GLU B 1 1  ? -9.241  -0.202  14.795  1.00 0.00 ? 1  GLU B HG3  1 
ATOM 386  N N    . LYS B 1 2  ? -12.488 2.003   14.854  1.00 0.00 ? 2  LYS B N    1 
ATOM 387  C CA   . LYS B 1 2  ? -13.549 1.493   13.941  1.00 0.00 ? 2  LYS B CA   1 
ATOM 388  C C    . LYS B 1 2  ? -13.563 2.331   12.661  1.00 0.00 ? 2  LYS B C    1 
ATOM 389  O O    . LYS B 1 2  ? -13.398 1.819   11.570  1.00 0.00 ? 2  LYS B O    1 
ATOM 390  C CB   . LYS B 1 2  ? -14.935 1.406   14.647  1.00 0.00 ? 2  LYS B CB   1 
ATOM 391  C CG   . LYS B 1 2  ? -15.154 0.234   15.635  1.00 0.00 ? 2  LYS B CG   1 
ATOM 392  C CD   . LYS B 1 2  ? -14.440 0.359   17.002  1.00 0.00 ? 2  LYS B CD   1 
ATOM 393  C CE   . LYS B 1 2  ? -14.753 -0.771  18.002  1.00 0.00 ? 2  LYS B CE   1 
ATOM 394  N NZ   . LYS B 1 2  ? -16.125 -0.710  18.544  1.00 0.00 ? 2  LYS B NZ   1 
ATOM 395  H H    . LYS B 1 2  ? -12.681 2.418   15.772  1.00 0.00 ? 2  LYS B H    1 
ATOM 396  H HA   . LYS B 1 2  ? -13.288 0.456   13.642  1.00 0.00 ? 2  LYS B HA   1 
ATOM 397  H HB2  . LYS B 1 2  ? -15.185 2.366   15.138  1.00 0.00 ? 2  LYS B HB2  1 
ATOM 398  H HB3  . LYS B 1 2  ? -15.710 1.293   13.865  1.00 0.00 ? 2  LYS B HB3  1 
ATOM 399  H HG2  . LYS B 1 2  ? -16.242 0.150   15.814  1.00 0.00 ? 2  LYS B HG2  1 
ATOM 400  H HG3  . LYS B 1 2  ? -14.870 -0.719  15.149  1.00 0.00 ? 2  LYS B HG3  1 
ATOM 401  H HD2  . LYS B 1 2  ? -13.348 0.358   16.836  1.00 0.00 ? 2  LYS B HD2  1 
ATOM 402  H HD3  . LYS B 1 2  ? -14.664 1.342   17.460  1.00 0.00 ? 2  LYS B HD3  1 
ATOM 403  H HE2  . LYS B 1 2  ? -14.584 -1.760  17.536  1.00 0.00 ? 2  LYS B HE2  1 
ATOM 404  H HE3  . LYS B 1 2  ? -14.043 -0.715  18.847  1.00 0.00 ? 2  LYS B HE3  1 
ATOM 405  H HZ1  . LYS B 1 2  ? -16.808 -0.830  17.787  1.00 0.00 ? 2  LYS B HZ1  1 
ATOM 406  H HZ2  . LYS B 1 2  ? -16.285 -1.493  19.188  1.00 0.00 ? 2  LYS B HZ2  1 
ATOM 407  N N    . MET B 1 3  ? -13.760 3.617   12.782  1.00 0.00 ? 3  MET B N    1 
ATOM 408  C CA   . MET B 1 3  ? -13.780 4.483   11.571  1.00 0.00 ? 3  MET B CA   1 
ATOM 409  C C    . MET B 1 3  ? -12.401 4.475   10.914  1.00 0.00 ? 3  MET B C    1 
ATOM 410  O O    . MET B 1 3  ? -12.255 4.776   9.748   1.00 0.00 ? 3  MET B O    1 
ATOM 411  C CB   . MET B 1 3  ? -14.276 5.900   11.971  1.00 0.00 ? 3  MET B CB   1 
ATOM 412  C CG   . MET B 1 3  ? -14.569 6.854   10.800  1.00 0.00 ? 3  MET B CG   1 
ATOM 413  S SD   . MET B 1 3  ? -15.846 6.157   9.729   1.00 0.00 ? 3  MET B SD   1 
ATOM 414  C CE   . MET B 1 3  ? -15.948 7.428   8.453   1.00 0.00 ? 3  MET B CE   1 
ATOM 415  H H    . MET B 1 3  ? -13.891 3.971   13.736  1.00 0.00 ? 3  MET B H    1 
ATOM 416  H HA   . MET B 1 3  ? -14.513 4.065   10.852  1.00 0.00 ? 3  MET B HA   1 
ATOM 417  H HB2  . MET B 1 3  ? -15.207 5.815   12.564  1.00 0.00 ? 3  MET B HB2  1 
ATOM 418  H HB3  . MET B 1 3  ? -13.546 6.380   12.650  1.00 0.00 ? 3  MET B HB3  1 
ATOM 419  H HG2  . MET B 1 3  ? -14.912 7.833   11.184  1.00 0.00 ? 3  MET B HG2  1 
ATOM 420  H HG3  . MET B 1 3  ? -13.655 7.054   10.211  1.00 0.00 ? 3  MET B HG3  1 
ATOM 421  H HE1  . MET B 1 3  ? -14.977 7.558   7.946   1.00 0.00 ? 3  MET B HE1  1 
ATOM 422  H HE2  . MET B 1 3  ? -16.246 8.399   8.888   1.00 0.00 ? 3  MET B HE2  1 
ATOM 423  H HE3  . MET B 1 3  ? -16.698 7.151   7.690   1.00 0.00 ? 3  MET B HE3  1 
ATOM 424  N N    . SER B 1 4  ? -11.384 4.132   11.658  1.00 0.00 ? 4  SER B N    1 
ATOM 425  C CA   . SER B 1 4  ? -10.014 4.102   11.077  1.00 0.00 ? 4  SER B CA   1 
ATOM 426  C C    . SER B 1 4  ? -9.876  2.884   10.162  1.00 0.00 ? 4  SER B C    1 
ATOM 427  O O    . SER B 1 4  ? -9.238  2.939   9.130   1.00 0.00 ? 4  SER B O    1 
ATOM 428  C CB   . SER B 1 4  ? -8.947  4.123   12.191  1.00 0.00 ? 4  SER B CB   1 
ATOM 429  O OG   . SER B 1 4  ? -7.649  4.325   11.646  1.00 0.00 ? 4  SER B OG   1 
ATOM 430  H H    . SER B 1 4  ? -11.591 3.892   12.634  1.00 0.00 ? 4  SER B H    1 
ATOM 431  H HA   . SER B 1 4  ? -9.845  5.027   10.498  1.00 0.00 ? 4  SER B HA   1 
ATOM 432  H HB2  . SER B 1 4  ? -9.152  4.929   12.922  1.00 0.00 ? 4  SER B HB2  1 
ATOM 433  H HB3  . SER B 1 4  ? -8.952  3.178   12.761  1.00 0.00 ? 4  SER B HB3  1 
ATOM 434  H HG   . SER B 1 4  ? -7.680  5.171   11.193  1.00 0.00 ? 4  SER B HG   1 
ATOM 435  N N    . THR B 1 5  ? -10.480 1.786   10.529  1.00 0.00 ? 5  THR B N    1 
ATOM 436  C CA   . THR B 1 5  ? -10.389 0.568   9.677   1.00 0.00 ? 5  THR B CA   1 
ATOM 437  C C    . THR B 1 5  ? -11.397 0.690   8.536   1.00 0.00 ? 5  THR B C    1 
ATOM 438  O O    . THR B 1 5  ? -11.297 0.019   7.528   1.00 0.00 ? 5  THR B O    1 
ATOM 439  C CB   . THR B 1 5  ? -10.591 -0.748  10.490  1.00 0.00 ? 5  THR B CB   1 
ATOM 440  O OG1  . THR B 1 5  ? -11.810 -0.727  11.228  1.00 0.00 ? 5  THR B OG1  1 
ATOM 441  C CG2  . THR B 1 5  ? -9.437  -1.077  11.452  1.00 0.00 ? 5  THR B CG2  1 
ATOM 442  H H    . THR B 1 5  ? -11.000 1.823   11.412  1.00 0.00 ? 5  THR B H    1 
ATOM 443  H HA   . THR B 1 5  ? -9.384  0.495   9.211   1.00 0.00 ? 5  THR B HA   1 
ATOM 444  H HB   . THR B 1 5  ? -10.649 -1.592  9.776   1.00 0.00 ? 5  THR B HB   1 
ATOM 445  H HG1  . THR B 1 5  ? -11.874 -1.582  11.659  1.00 0.00 ? 5  THR B HG1  1 
ATOM 446  H HG21 . THR B 1 5  ? -9.606  -2.041  11.966  1.00 0.00 ? 5  THR B HG21 1 
ATOM 447  H HG22 . THR B 1 5  ? -9.318  -0.307  12.233  1.00 0.00 ? 5  THR B HG22 1 
ATOM 448  H HG23 . THR B 1 5  ? -8.472  -1.160  10.918  1.00 0.00 ? 5  THR B HG23 1 
ATOM 449  N N    . ALA B 1 6  ? -12.364 1.553   8.685   1.00 0.00 ? 6  ALA B N    1 
ATOM 450  C CA   . ALA B 1 6  ? -13.371 1.732   7.608   1.00 0.00 ? 6  ALA B CA   1 
ATOM 451  C C    . ALA B 1 6  ? -12.796 2.680   6.559   1.00 0.00 ? 6  ALA B C    1 
ATOM 452  O O    . ALA B 1 6  ? -13.089 2.579   5.384   1.00 0.00 ? 6  ALA B O    1 
ATOM 453  C CB   . ALA B 1 6  ? -14.684 2.271   8.207   1.00 0.00 ? 6  ALA B CB   1 
ATOM 454  H H    . ALA B 1 6  ? -12.373 2.082   9.565   1.00 0.00 ? 6  ALA B H    1 
ATOM 455  H HA   . ALA B 1 6  ? -13.614 0.764   7.125   1.00 0.00 ? 6  ALA B HA   1 
ATOM 456  H HB1  . ALA B 1 6  ? -15.467 2.374   7.433   1.00 0.00 ? 6  ALA B HB1  1 
ATOM 457  H HB2  . ALA B 1 6  ? -14.557 3.266   8.673   1.00 0.00 ? 6  ALA B HB2  1 
ATOM 458  H HB3  . ALA B 1 6  ? -15.088 1.593   8.983   1.00 0.00 ? 6  ALA B HB3  1 
ATOM 459  N N    . ILE B 1 7  ? -11.965 3.595   6.980   1.00 0.00 ? 7  ILE B N    1 
ATOM 460  C CA   . ILE B 1 7  ? -11.356 4.545   6.012   1.00 0.00 ? 7  ILE B CA   1 
ATOM 461  C C    . ILE B 1 7  ? -10.270 3.814   5.225   1.00 0.00 ? 7  ILE B C    1 
ATOM 462  O O    . ILE B 1 7  ? -10.128 3.991   4.032   1.00 0.00 ? 7  ILE B O    1 
ATOM 463  C CB   . ILE B 1 7  ? -10.933 5.967   6.523   1.00 0.00 ? 7  ILE B CB   1 
ATOM 464  C CG1  . ILE B 1 7  ? -9.806  5.988   7.590   1.00 0.00 ? 7  ILE B CG1  1 
ATOM 465  C CG2  . ILE B 1 7  ? -12.170 6.800   6.945   1.00 0.00 ? 7  ILE B CG2  1 
ATOM 466  C CD1  . ILE B 1 7  ? -9.149  7.351   7.862   1.00 0.00 ? 7  ILE B CD1  1 
ATOM 467  H H    . ILE B 1 7  ? -11.770 3.608   7.987   1.00 0.00 ? 7  ILE B H    1 
ATOM 468  H HA   . ILE B 1 7  ? -12.123 4.785   5.248   1.00 0.00 ? 7  ILE B HA   1 
ATOM 469  H HB   . ILE B 1 7  ? -10.523 6.493   5.637   1.00 0.00 ? 7  ILE B HB   1 
ATOM 470  H HG12 . ILE B 1 7  ? -10.203 5.584   8.530   1.00 0.00 ? 7  ILE B HG12 1 
ATOM 471  H HG13 . ILE B 1 7  ? -8.997  5.294   7.299   1.00 0.00 ? 7  ILE B HG13 1 
ATOM 472  H HG21 . ILE B 1 7  ? -12.929 6.836   6.142   1.00 0.00 ? 7  ILE B HG21 1 
ATOM 473  H HG22 . ILE B 1 7  ? -11.909 7.850   7.172   1.00 0.00 ? 7  ILE B HG22 1 
ATOM 474  H HG23 . ILE B 1 7  ? -12.667 6.386   7.840   1.00 0.00 ? 7  ILE B HG23 1 
ATOM 475  H HD11 . ILE B 1 7  ? -8.718  7.787   6.941   1.00 0.00 ? 7  ILE B HD11 1 
ATOM 476  H HD12 . ILE B 1 7  ? -8.327  7.255   8.595   1.00 0.00 ? 7  ILE B HD12 1 
ATOM 477  H HD13 . ILE B 1 7  ? -9.866  8.084   8.277   1.00 0.00 ? 7  ILE B HD13 1 
ATOM 478  N N    . SER B 1 8  ? -9.511  2.980   5.883   1.00 0.00 ? 8  SER B N    1 
ATOM 479  C CA   . SER B 1 8  ? -8.445  2.227   5.169   1.00 0.00 ? 8  SER B CA   1 
ATOM 480  C C    . SER B 1 8  ? -9.104  1.231   4.216   1.00 0.00 ? 8  SER B C    1 
ATOM 481  O O    . SER B 1 8  ? -8.626  0.992   3.125   1.00 0.00 ? 8  SER B O    1 
ATOM 482  C CB   . SER B 1 8  ? -7.518  1.555   6.208   1.00 0.00 ? 8  SER B CB   1 
ATOM 483  O OG   . SER B 1 8  ? -6.427  0.905   5.567   1.00 0.00 ? 8  SER B OG   1 
ATOM 484  H H    . SER B 1 8  ? -9.699  2.884   6.887   1.00 0.00 ? 8  SER B H    1 
ATOM 485  H HA   . SER B 1 8  ? -7.825  2.932   4.579   1.00 0.00 ? 8  SER B HA   1 
ATOM 486  H HB2  . SER B 1 8  ? -7.116  2.305   6.914   1.00 0.00 ? 8  SER B HB2  1 
ATOM 487  H HB3  . SER B 1 8  ? -8.070  0.821   6.826   1.00 0.00 ? 8  SER B HB3  1 
ATOM 488  H HG   . SER B 1 8  ? -5.897  0.523   6.270   1.00 0.00 ? 8  SER B HG   1 
ATOM 489  N N    . VAL B 1 9  ? -10.206 0.656   4.618   1.00 0.00 ? 9  VAL B N    1 
ATOM 490  C CA   . VAL B 1 9  ? -10.904 -0.312  3.729   1.00 0.00 ? 9  VAL B CA   1 
ATOM 491  C C    . VAL B 1 9  ? -11.294 0.406   2.438   1.00 0.00 ? 9  VAL B C    1 
ATOM 492  O O    . VAL B 1 9  ? -11.092 -0.098  1.350   1.00 0.00 ? 9  VAL B O    1 
ATOM 493  C CB   . VAL B 1 9  ? -12.036 -1.105  4.481   1.00 0.00 ? 9  VAL B CB   1 
ATOM 494  C CG1  . VAL B 1 9  ? -13.100 -1.772  3.574   1.00 0.00 ? 9  VAL B CG1  1 
ATOM 495  C CG2  . VAL B 1 9  ? -11.441 -2.218  5.378   1.00 0.00 ? 9  VAL B CG2  1 
ATOM 496  H H    . VAL B 1 9  ? -10.544 0.916   5.551   1.00 0.00 ? 9  VAL B H    1 
ATOM 497  H HA   . VAL B 1 9  ? -10.161 -1.077  3.418   1.00 0.00 ? 9  VAL B HA   1 
ATOM 498  H HB   . VAL B 1 9  ? -12.586 -0.396  5.130   1.00 0.00 ? 9  VAL B HB   1 
ATOM 499  H HG11 . VAL B 1 9  ? -13.858 -2.324  4.161   1.00 0.00 ? 9  VAL B HG11 1 
ATOM 500  H HG12 . VAL B 1 9  ? -12.647 -2.487  2.860   1.00 0.00 ? 9  VAL B HG12 1 
ATOM 501  H HG13 . VAL B 1 9  ? -13.654 -1.024  2.979   1.00 0.00 ? 9  VAL B HG13 1 
ATOM 502  H HG21 . VAL B 1 9  ? -11.000 -3.040  4.783   1.00 0.00 ? 9  VAL B HG21 1 
ATOM 503  H HG22 . VAL B 1 9  ? -12.206 -2.664  6.041   1.00 0.00 ? 9  VAL B HG22 1 
ATOM 504  H HG23 . VAL B 1 9  ? -10.632 -1.844  6.032   1.00 0.00 ? 9  VAL B HG23 1 
ATOM 505  N N    . LEU B 1 10 ? -11.847 1.583   2.548   1.00 0.00 ? 10 LEU B N    1 
ATOM 506  C CA   . LEU B 1 10 ? -12.238 2.335   1.328   1.00 0.00 ? 10 LEU B CA   1 
ATOM 507  C C    . LEU B 1 10 ? -11.050 2.388   0.368   1.00 0.00 ? 10 LEU B C    1 
ATOM 508  O O    . LEU B 1 10 ? -11.142 1.977   -0.772  1.00 0.00 ? 10 LEU B O    1 
ATOM 509  C CB   . LEU B 1 10 ? -12.833 3.736   1.661   1.00 0.00 ? 10 LEU B CB   1 
ATOM 510  C CG   . LEU B 1 10 ? -14.236 3.759   2.332   1.00 0.00 ? 10 LEU B CG   1 
ATOM 511  C CD1  . LEU B 1 10 ? -14.540 5.150   2.921   1.00 0.00 ? 10 LEU B CD1  1 
ATOM 512  C CD2  . LEU B 1 10 ? -15.369 3.335   1.373   1.00 0.00 ? 10 LEU B CD2  1 
ATOM 513  H H    . LEU B 1 10 ? -11.980 1.938   3.502   1.00 0.00 ? 10 LEU B H    1 
ATOM 514  H HA   . LEU B 1 10 ? -13.030 1.756   0.815   1.00 0.00 ? 10 LEU B HA   1 
ATOM 515  H HB2  . LEU B 1 10 ? -12.110 4.280   2.298   1.00 0.00 ? 10 LEU B HB2  1 
ATOM 516  H HB3  . LEU B 1 10 ? -12.884 4.342   0.734   1.00 0.00 ? 10 LEU B HB3  1 
ATOM 517  H HG   . LEU B 1 10 ? -14.234 3.044   3.174   1.00 0.00 ? 10 LEU B HG   1 
ATOM 518  H HD11 . LEU B 1 10 ? -13.776 5.453   3.661   1.00 0.00 ? 10 LEU B HD11 1 
ATOM 519  H HD12 . LEU B 1 10 ? -15.512 5.166   3.449   1.00 0.00 ? 10 LEU B HD12 1 
ATOM 520  H HD13 . LEU B 1 10 ? -14.573 5.934   2.143   1.00 0.00 ? 10 LEU B HD13 1 
ATOM 521  H HD21 . LEU B 1 10 ? -15.233 2.304   1.001   1.00 0.00 ? 10 LEU B HD21 1 
ATOM 522  H HD22 . LEU B 1 10 ? -15.433 3.997   0.488   1.00 0.00 ? 10 LEU B HD22 1 
ATOM 523  H HD23 . LEU B 1 10 ? -16.357 3.359   1.872   1.00 0.00 ? 10 LEU B HD23 1 
ATOM 524  N N    . LEU B 1 11 ? -9.928  2.878   0.821   1.00 0.00 ? 11 LEU B N    1 
ATOM 525  C CA   . LEU B 1 11 ? -8.735  2.942   -0.068  1.00 0.00 ? 11 LEU B CA   1 
ATOM 526  C C    . LEU B 1 11 ? -8.418  1.535   -0.573  1.00 0.00 ? 11 LEU B C    1 
ATOM 527  O O    . LEU B 1 11 ? -7.939  1.351   -1.675  1.00 0.00 ? 11 LEU B O    1 
ATOM 528  C CB   . LEU B 1 11 ? -7.516  3.649   0.591   1.00 0.00 ? 11 LEU B CB   1 
ATOM 529  C CG   . LEU B 1 11 ? -7.564  5.190   0.807   1.00 0.00 ? 11 LEU B CG   1 
ATOM 530  C CD1  . LEU B 1 11 ? -7.965  5.992   -0.450  1.00 0.00 ? 11 LEU B CD1  1 
ATOM 531  C CD2  . LEU B 1 11 ? -8.399  5.635   2.020   1.00 0.00 ? 11 LEU B CD2  1 
ATOM 532  H H    . LEU B 1 11 ? -9.928  3.201   1.795   1.00 0.00 ? 11 LEU B H    1 
ATOM 533  H HA   . LEU B 1 11 ? -9.011  3.533   -0.962  1.00 0.00 ? 11 LEU B HA   1 
ATOM 534  H HB2  . LEU B 1 11 ? -7.265  3.147   1.547   1.00 0.00 ? 11 LEU B HB2  1 
ATOM 535  H HB3  . LEU B 1 11 ? -6.633  3.455   -0.048  1.00 0.00 ? 11 LEU B HB3  1 
ATOM 536  H HG   . LEU B 1 11 ? -6.527  5.482   1.052   1.00 0.00 ? 11 LEU B HG   1 
ATOM 537  H HD11 . LEU B 1 11 ? -9.023  5.834   -0.729  1.00 0.00 ? 11 LEU B HD11 1 
ATOM 538  H HD12 . LEU B 1 11 ? -7.349  5.711   -1.324  1.00 0.00 ? 11 LEU B HD12 1 
ATOM 539  H HD13 . LEU B 1 11 ? -7.831  7.080   -0.300  1.00 0.00 ? 11 LEU B HD13 1 
ATOM 540  H HD21 . LEU B 1 11 ? -8.076  5.119   2.942   1.00 0.00 ? 11 LEU B HD21 1 
ATOM 541  H HD22 . LEU B 1 11 ? -9.478  5.437   1.884   1.00 0.00 ? 11 LEU B HD22 1 
ATOM 542  H HD23 . LEU B 1 11 ? -8.293  6.719   2.213   1.00 0.00 ? 11 LEU B HD23 1 
ATOM 543  N N    . ALA B 1 12 ? -8.691  0.536   0.222   1.00 0.00 ? 12 ALA B N    1 
ATOM 544  C CA   . ALA B 1 12 ? -8.416  -0.860  -0.215  1.00 0.00 ? 12 ALA B CA   1 
ATOM 545  C C    . ALA B 1 12 ? -9.117  -1.107  -1.550  1.00 0.00 ? 12 ALA B C    1 
ATOM 546  O O    . ALA B 1 12 ? -8.496  -1.456  -2.534  1.00 0.00 ? 12 ALA B O    1 
ATOM 547  C CB   . ALA B 1 12 ? -8.674  -1.925  0.862   1.00 0.00 ? 12 ALA B CB   1 
ATOM 548  H H    . ALA B 1 12 ? -9.097  0.776   1.133   1.00 0.00 ? 12 ALA B H    1 
ATOM 549  H HA   . ALA B 1 12 ? -7.326  -0.921  -0.408  1.00 0.00 ? 12 ALA B HA   1 
ATOM 550  H HB1  . ALA B 1 12 ? -8.257  -2.891  0.535   1.00 0.00 ? 12 ALA B HB1  1 
ATOM 551  H HB2  . ALA B 1 12 ? -9.745  -2.098  1.062   1.00 0.00 ? 12 ALA B HB2  1 
ATOM 552  H HB3  . ALA B 1 12 ? -8.187  -1.671  1.822   1.00 0.00 ? 12 ALA B HB3  1 
ATOM 553  N N    . GLN B 1 13 ? -10.408 -0.921  -1.594  1.00 0.00 ? 13 GLN B N    1 
ATOM 554  C CA   . GLN B 1 13 ? -11.145 -1.135  -2.869  1.00 0.00 ? 13 GLN B CA   1 
ATOM 555  C C    . GLN B 1 13 ? -10.575 -0.200  -3.935  1.00 0.00 ? 13 GLN B C    1 
ATOM 556  O O    . GLN B 1 13 ? -10.547 -0.520  -5.106  1.00 0.00 ? 13 GLN B O    1 
ATOM 557  C CB   . GLN B 1 13 ? -12.678 -0.959  -2.683  1.00 0.00 ? 13 GLN B CB   1 
ATOM 558  C CG   . GLN B 1 13 ? -13.382 -1.987  -1.762  1.00 0.00 ? 13 GLN B CG   1 
ATOM 559  C CD   . GLN B 1 13 ? -13.347 -3.439  -2.277  1.00 0.00 ? 13 GLN B CD   1 
ATOM 560  O OE1  . GLN B 1 13 ? -14.051 -3.799  -3.221  1.00 0.00 ? 13 GLN B OE1  1 
ATOM 561  N NE2  . GLN B 1 13 ? -12.535 -4.296  -1.677  1.00 0.00 ? 13 GLN B NE2  1 
ATOM 562  H H    . GLN B 1 13 ? -10.857 -0.623  -0.721  1.00 0.00 ? 13 GLN B H    1 
ATOM 563  H HA   . GLN B 1 13 ? -10.966 -2.173  -3.211  1.00 0.00 ? 13 GLN B HA   1 
ATOM 564  H HB2  . GLN B 1 13 ? -12.890 0.058   -2.299  1.00 0.00 ? 13 GLN B HB2  1 
ATOM 565  H HB3  . GLN B 1 13 ? -13.172 -0.991  -3.673  1.00 0.00 ? 13 GLN B HB3  1 
ATOM 566  H HG2  . GLN B 1 13 ? -12.968 -1.914  -0.736  1.00 0.00 ? 13 GLN B HG2  1 
ATOM 567  H HG3  . GLN B 1 13 ? -14.440 -1.691  -1.652  1.00 0.00 ? 13 GLN B HG3  1 
ATOM 568  H HE21 . GLN B 1 13 ? -11.975 -3.931  -0.898  1.00 0.00 ? 13 GLN B HE21 1 
ATOM 569  H HE22 . GLN B 1 13 ? -12.531 -5.256  -2.040  1.00 0.00 ? 13 GLN B HE22 1 
ATOM 570  N N    . ALA B 1 14 ? -10.110 0.956   -3.536  1.00 0.00 ? 14 ALA B N    1 
ATOM 571  C CA   . ALA B 1 14 ? -9.531  1.908   -4.524  1.00 0.00 ? 14 ALA B CA   1 
ATOM 572  C C    . ALA B 1 14 ? -8.351  1.237   -5.226  1.00 0.00 ? 14 ALA B C    1 
ATOM 573  O O    . ALA B 1 14 ? -8.127  1.423   -6.406  1.00 0.00 ? 14 ALA B O    1 
ATOM 574  C CB   . ALA B 1 14 ? -9.183  3.281   -3.920  1.00 0.00 ? 14 ALA B CB   1 
ATOM 575  H H    . ALA B 1 14 ? -10.168 1.147   -2.530  1.00 0.00 ? 14 ALA B H    1 
ATOM 576  H HA   . ALA B 1 14 ? -10.306 2.107   -5.291  1.00 0.00 ? 14 ALA B HA   1 
ATOM 577  H HB1  . ALA B 1 14 ? -8.924  4.008   -4.713  1.00 0.00 ? 14 ALA B HB1  1 
ATOM 578  H HB2  . ALA B 1 14 ? -8.320  3.244   -3.234  1.00 0.00 ? 14 ALA B HB2  1 
ATOM 579  H HB3  . ALA B 1 14 ? -10.035 3.711   -3.360  1.00 0.00 ? 14 ALA B HB3  1 
ATOM 580  N N    . VAL B 1 15 ? -7.596  0.449   -4.508  1.00 0.00 ? 15 VAL B N    1 
ATOM 581  C CA   . VAL B 1 15 ? -6.436  -0.245  -5.132  1.00 0.00 ? 15 VAL B CA   1 
ATOM 582  C C    . VAL B 1 15 ? -6.949  -1.449  -5.924  1.00 0.00 ? 15 VAL B C    1 
ATOM 583  O O    . VAL B 1 15 ? -6.398  -1.815  -6.943  1.00 0.00 ? 15 VAL B O    1 
ATOM 584  C CB   . VAL B 1 15 ? -5.386  -0.621  -4.017  1.00 0.00 ? 15 VAL B CB   1 
ATOM 585  C CG1  . VAL B 1 15 ? -4.237  -1.553  -4.478  1.00 0.00 ? 15 VAL B CG1  1 
ATOM 586  C CG2  . VAL B 1 15 ? -4.738  0.628   -3.364  1.00 0.00 ? 15 VAL B CG2  1 
ATOM 587  H H    . VAL B 1 15 ? -7.854  0.344   -3.521  1.00 0.00 ? 15 VAL B H    1 
ATOM 588  H HA   . VAL B 1 15 ? -5.917  0.447   -5.817  1.00 0.00 ? 15 VAL B HA   1 
ATOM 589  H HB   . VAL B 1 15 ? -5.916  -1.169  -3.214  1.00 0.00 ? 15 VAL B HB   1 
ATOM 590  H HG11 . VAL B 1 15 ? -3.541  -1.791  -3.651  1.00 0.00 ? 15 VAL B HG11 1 
ATOM 591  H HG12 . VAL B 1 15 ? -3.636  -1.113  -5.293  1.00 0.00 ? 15 VAL B HG12 1 
ATOM 592  H HG13 . VAL B 1 15 ? -4.616  -2.524  -4.845  1.00 0.00 ? 15 VAL B HG13 1 
ATOM 593  H HG21 . VAL B 1 15 ? -5.493  1.297   -2.913  1.00 0.00 ? 15 VAL B HG21 1 
ATOM 594  H HG22 . VAL B 1 15 ? -4.171  1.230   -4.098  1.00 0.00 ? 15 VAL B HG22 1 
ATOM 595  H HG23 . VAL B 1 15 ? -4.041  0.354   -2.550  1.00 0.00 ? 15 VAL B HG23 1 
ATOM 596  N N    . PHE B 1 16 ? -8.009  -2.059  -5.466  1.00 0.00 ? 16 PHE B N    1 
ATOM 597  C CA   . PHE B 1 16 ? -8.569  -3.233  -6.193  1.00 0.00 ? 16 PHE B CA   1 
ATOM 598  C C    . PHE B 1 16 ? -8.919  -2.811  -7.621  1.00 0.00 ? 16 PHE B C    1 
ATOM 599  O O    . PHE B 1 16 ? -8.397  -3.342  -8.580  1.00 0.00 ? 16 PHE B O    1 
ATOM 600  C CB   . PHE B 1 16 ? -9.723  -3.896  -5.384  1.00 0.00 ? 16 PHE B CB   1 
ATOM 601  C CG   . PHE B 1 16 ? -10.101 -5.304  -5.877  1.00 0.00 ? 16 PHE B CG   1 
ATOM 602  C CD1  . PHE B 1 16 ? -11.012 -5.467  -6.929  1.00 0.00 ? 16 PHE B CD1  1 
ATOM 603  C CD2  . PHE B 1 16 ? -9.502  -6.434  -5.309  1.00 0.00 ? 16 PHE B CD2  1 
ATOM 604  C CE1  . PHE B 1 16 ? -11.302 -6.739  -7.417  1.00 0.00 ? 16 PHE B CE1  1 
ATOM 605  C CE2  . PHE B 1 16 ? -9.795  -7.706  -5.797  1.00 0.00 ? 16 PHE B CE2  1 
ATOM 606  C CZ   . PHE B 1 16 ? -10.692 -7.856  -6.852  1.00 0.00 ? 16 PHE B CZ   1 
ATOM 607  H H    . PHE B 1 16 ? -8.413  -1.682  -4.602  1.00 0.00 ? 16 PHE B H    1 
ATOM 608  H HA   . PHE B 1 16 ? -7.761  -3.984  -6.250  1.00 0.00 ? 16 PHE B HA   1 
ATOM 609  H HB2  . PHE B 1 16 ? -9.439  -3.955  -4.315  1.00 0.00 ? 16 PHE B HB2  1 
ATOM 610  H HB3  . PHE B 1 16 ? -10.617 -3.242  -5.384  1.00 0.00 ? 16 PHE B HB3  1 
ATOM 611  H HD1  . PHE B 1 16 ? -11.481 -4.607  -7.388  1.00 0.00 ? 16 PHE B HD1  1 
ATOM 612  H HD2  . PHE B 1 16 ? -8.789  -6.330  -4.503  1.00 0.00 ? 16 PHE B HD2  1 
ATOM 613  H HE1  . PHE B 1 16 ? -11.994 -6.858  -8.236  1.00 0.00 ? 16 PHE B HE1  1 
ATOM 614  H HE2  . PHE B 1 16 ? -9.320  -8.572  -5.362  1.00 0.00 ? 16 PHE B HE2  1 
ATOM 615  H HZ   . PHE B 1 16 ? -10.915 -8.842  -7.232  1.00 0.00 ? 16 PHE B HZ   1 
ATOM 616  N N    . LEU B 1 17 ? -9.793  -1.851  -7.769  1.00 0.00 ? 17 LEU B N    1 
ATOM 617  C CA   . LEU B 1 17 ? -10.162 -1.392  -9.138  1.00 0.00 ? 17 LEU B CA   1 
ATOM 618  C C    . LEU B 1 17 ? -8.883  -1.050  -9.905  1.00 0.00 ? 17 LEU B C    1 
ATOM 619  O O    . LEU B 1 17 ? -8.859  -1.038  -11.119 1.00 0.00 ? 17 LEU B O    1 
ATOM 620  C CB   . LEU B 1 17 ? -11.136 -0.181  -9.070  1.00 0.00 ? 17 LEU B CB   1 
ATOM 621  C CG   . LEU B 1 17 ? -12.518 -0.411  -8.395  1.00 0.00 ? 17 LEU B CG   1 
ATOM 622  C CD1  . LEU B 1 17 ? -13.262 0.928   -8.216  1.00 0.00 ? 17 LEU B CD1  1 
ATOM 623  C CD2  . LEU B 1 17 ? -13.405 -1.414  -9.162  1.00 0.00 ? 17 LEU B CD2  1 
ATOM 624  H H    . LEU B 1 17 ? -10.186 -1.452  -6.910  1.00 0.00 ? 17 LEU B H    1 
ATOM 625  H HA   . LEU B 1 17 ? -10.669 -2.221  -9.665  1.00 0.00 ? 17 LEU B HA   1 
ATOM 626  H HB2  . LEU B 1 17 ? -10.617 0.654   -8.556  1.00 0.00 ? 17 LEU B HB2  1 
ATOM 627  H HB3  . LEU B 1 17 ? -11.310 0.192   -10.097 1.00 0.00 ? 17 LEU B HB3  1 
ATOM 628  H HG   . LEU B 1 17 ? -12.350 -0.818  -7.381  1.00 0.00 ? 17 LEU B HG   1 
ATOM 629  H HD11 . LEU B 1 17 ? -13.477 1.417   -9.185  1.00 0.00 ? 17 LEU B HD11 1 
ATOM 630  H HD12 . LEU B 1 17 ? -12.674 1.641   -7.611  1.00 0.00 ? 17 LEU B HD12 1 
ATOM 631  H HD13 . LEU B 1 17 ? -14.227 0.791   -7.693  1.00 0.00 ? 17 LEU B HD13 1 
ATOM 632  H HD21 . LEU B 1 17 ? -12.938 -2.414  -9.219  1.00 0.00 ? 17 LEU B HD21 1 
ATOM 633  H HD22 . LEU B 1 17 ? -13.605 -1.084  -10.198 1.00 0.00 ? 17 LEU B HD22 1 
ATOM 634  H HD23 . LEU B 1 17 ? -14.385 -1.556  -8.667  1.00 0.00 ? 17 LEU B HD23 1 
ATOM 635  N N    . LEU B 1 18 ? -7.818  -0.777  -9.199  1.00 0.00 ? 18 LEU B N    1 
ATOM 636  C CA   . LEU B 1 18 ? -6.535  -0.441  -9.879  1.00 0.00 ? 18 LEU B CA   1 
ATOM 637  C C    . LEU B 1 18 ? -6.025  -1.672  -10.628 1.00 0.00 ? 18 LEU B C    1 
ATOM 638  O O    . LEU B 1 18 ? -5.770  -1.628  -11.815 1.00 0.00 ? 18 LEU B O    1 
ATOM 639  C CB   . LEU B 1 18 ? -5.551  0.300   -8.911  1.00 0.00 ? 18 LEU B CB   1 
ATOM 640  C CG   . LEU B 1 18 ? -3.987  0.204   -8.899  1.00 0.00 ? 18 LEU B CG   1 
ATOM 641  C CD1  . LEU B 1 18 ? -3.446  1.019   -7.697  1.00 0.00 ? 18 LEU B CD1  1 
ATOM 642  C CD2  . LEU B 1 18 ? -3.355  -1.196  -8.796  1.00 0.00 ? 18 LEU B CD2  1 
ATOM 643  H H    . LEU B 1 18 ? -7.927  -0.813  -8.179  1.00 0.00 ? 18 LEU B H    1 
ATOM 644  H HA   . LEU B 1 18 ? -6.757  0.307   -10.669 1.00 0.00 ? 18 LEU B HA   1 
ATOM 645  H HB2  . LEU B 1 18 ? -5.779  1.359   -9.066  1.00 0.00 ? 18 LEU B HB2  1 
ATOM 646  H HB3  . LEU B 1 18 ? -5.896  0.194   -7.883  1.00 0.00 ? 18 LEU B HB3  1 
ATOM 647  H HG   . LEU B 1 18 ? -3.603  0.659   -9.830  1.00 0.00 ? 18 LEU B HG   1 
ATOM 648  H HD11 . LEU B 1 18 ? -3.771  2.073   -7.706  1.00 0.00 ? 18 LEU B HD11 1 
ATOM 649  H HD12 . LEU B 1 18 ? -2.342  1.029   -7.664  1.00 0.00 ? 18 LEU B HD12 1 
ATOM 650  H HD13 . LEU B 1 18 ? -3.782  0.604   -6.732  1.00 0.00 ? 18 LEU B HD13 1 
ATOM 651  H HD21 . LEU B 1 18 ? -3.840  -1.810  -8.015  1.00 0.00 ? 18 LEU B HD21 1 
ATOM 652  H HD22 . LEU B 1 18 ? -2.274  -1.158  -8.563  1.00 0.00 ? 18 LEU B HD22 1 
ATOM 653  H HD23 . LEU B 1 18 ? -3.416  -1.746  -9.751  1.00 0.00 ? 18 LEU B HD23 1 
ATOM 654  N N    . LEU B 1 19 ? -5.874  -2.773  -9.943  1.00 0.00 ? 19 LEU B N    1 
ATOM 655  C CA   . LEU B 1 19 ? -5.384  -4.005  -10.618 1.00 0.00 ? 19 LEU B CA   1 
ATOM 656  C C    . LEU B 1 19 ? -6.412  -4.449  -11.660 1.00 0.00 ? 19 LEU B C    1 
ATOM 657  O O    . LEU B 1 19 ? -6.088  -5.106  -12.630 1.00 0.00 ? 19 LEU B O    1 
ATOM 658  C CB   . LEU B 1 19 ? -5.116  -5.122  -9.564  1.00 0.00 ? 19 LEU B CB   1 
ATOM 659  C CG   . LEU B 1 19 ? -6.303  -5.854  -8.843  1.00 0.00 ? 19 LEU B CG   1 
ATOM 660  C CD1  . LEU B 1 19 ? -6.630  -7.214  -9.474  1.00 0.00 ? 19 LEU B CD1  1 
ATOM 661  C CD2  . LEU B 1 19 ? -6.142  -6.010  -7.317  1.00 0.00 ? 19 LEU B CD2  1 
ATOM 662  H H    . LEU B 1 19 ? -6.111  -2.728  -8.946  1.00 0.00 ? 19 LEU B H    1 
ATOM 663  H HA   . LEU B 1 19 ? -4.424  -3.786  -11.127 1.00 0.00 ? 19 LEU B HA   1 
ATOM 664  H HB2  . LEU B 1 19 ? -4.446  -5.873  -10.025 1.00 0.00 ? 19 LEU B HB2  1 
ATOM 665  H HB3  . LEU B 1 19 ? -4.483  -4.652  -8.800  1.00 0.00 ? 19 LEU B HB3  1 
ATOM 666  H HG   . LEU B 1 19 ? -7.206  -5.253  -8.981  1.00 0.00 ? 19 LEU B HG   1 
ATOM 667  H HD11 . LEU B 1 19 ? -7.486  -7.710  -8.977  1.00 0.00 ? 19 LEU B HD11 1 
ATOM 668  H HD12 . LEU B 1 19 ? -5.769  -7.907  -9.426  1.00 0.00 ? 19 LEU B HD12 1 
ATOM 669  H HD13 . LEU B 1 19 ? -6.905  -7.092  -10.534 1.00 0.00 ? 19 LEU B HD13 1 
ATOM 670  H HD21 . LEU B 1 19 ? -7.105  -6.275  -6.846  1.00 0.00 ? 19 LEU B HD21 1 
ATOM 671  H HD22 . LEU B 1 19 ? -5.804  -5.072  -6.839  1.00 0.00 ? 19 LEU B HD22 1 
ATOM 672  H HD23 . LEU B 1 19 ? -5.435  -6.807  -7.030  1.00 0.00 ? 19 LEU B HD23 1 
ATOM 673  N N    . THR B 1 20 ? -7.653  -4.092  -11.468 1.00 0.00 ? 20 THR B N    1 
ATOM 674  C CA   . THR B 1 20 ? -8.705  -4.486  -12.443 1.00 0.00 ? 20 THR B CA   1 
ATOM 675  C C    . THR B 1 20 ? -8.406  -3.843  -13.799 1.00 0.00 ? 20 THR B C    1 
ATOM 676  O O    . THR B 1 20 ? -8.405  -4.499  -14.822 1.00 0.00 ? 20 THR B O    1 
ATOM 677  C CB   . THR B 1 20 ? -10.136 -4.211  -11.884 1.00 0.00 ? 20 THR B CB   1 
ATOM 678  O OG1  . THR B 1 20 ? -10.287 -4.795  -10.592 1.00 0.00 ? 20 THR B OG1  1 
ATOM 679  C CG2  . THR B 1 20 ? -11.272 -4.765  -12.762 1.00 0.00 ? 20 THR B CG2  1 
ATOM 680  H H    . THR B 1 20 ? -7.843  -3.538  -10.625 1.00 0.00 ? 20 THR B H    1 
ATOM 681  H HA   . THR B 1 20 ? -8.639  -5.587  -12.576 1.00 0.00 ? 20 THR B HA   1 
ATOM 682  H HB   . THR B 1 20 ? -10.287 -3.121  -11.788 1.00 0.00 ? 20 THR B HB   1 
ATOM 683  H HG1  . THR B 1 20 ? -10.171 -5.740  -10.713 1.00 0.00 ? 20 THR B HG1  1 
ATOM 684  H HG21 . THR B 1 20 ? -12.262 -4.556  -12.315 1.00 0.00 ? 20 THR B HG21 1 
ATOM 685  H HG22 . THR B 1 20 ? -11.194 -5.860  -12.892 1.00 0.00 ? 20 THR B HG22 1 
ATOM 686  H HG23 . THR B 1 20 ? -11.271 -4.310  -13.769 1.00 0.00 ? 20 THR B HG23 1 
ATOM 687  N N    . SER B 1 21 ? -8.147  -2.563  -13.814 1.00 0.00 ? 21 SER B N    1 
ATOM 688  C CA   . SER B 1 21 ? -7.844  -1.885  -15.105 1.00 0.00 ? 21 SER B CA   1 
ATOM 689  C C    . SER B 1 21 ? -6.499  -2.386  -15.632 1.00 0.00 ? 21 SER B C    1 
ATOM 690  O O    . SER B 1 21 ? -6.367  -2.741  -16.786 1.00 0.00 ? 21 SER B O    1 
ATOM 691  C CB   . SER B 1 21 ? -7.905  -0.386  -14.885 1.00 0.00 ? 21 SER B CB   1 
ATOM 692  O OG   . SER B 1 21 ? -7.036  0.043   -13.838 1.00 0.00 ? 21 SER B OG   1 
ATOM 693  H H    . SER B 1 21 ? -8.166  -2.082  -12.909 1.00 0.00 ? 21 SER B H    1 
ATOM 694  H HA   . SER B 1 21 ? -8.628  -2.133  -15.849 1.00 0.00 ? 21 SER B HA   1 
ATOM 695  H HB2  . SER B 1 21 ? -7.612  0.067   -15.842 1.00 0.00 ? 21 SER B HB2  1 
ATOM 696  H HB3  . SER B 1 21 ? -8.940  -0.056  -14.674 1.00 0.00 ? 21 SER B HB3  1 
ATOM 697  H HG   . SER B 1 21 ? -7.119  0.998   -13.799 1.00 0.00 ? 21 SER B HG   1 
ATOM 698  N N    . GLN B 1 22 ? -5.498  -2.416  -14.794 1.00 0.00 ? 22 GLN B N    1 
ATOM 699  C CA   . GLN B 1 22 ? -4.164  -2.899  -15.249 1.00 0.00 ? 22 GLN B CA   1 
ATOM 700  C C    . GLN B 1 22 ? -4.218  -4.413  -15.465 1.00 0.00 ? 22 GLN B C    1 
ATOM 701  O O    . GLN B 1 22 ? -3.269  -5.018  -15.924 1.00 0.00 ? 22 GLN B O    1 
ATOM 702  C CB   . GLN B 1 22 ? -3.114  -2.571  -14.186 1.00 0.00 ? 22 GLN B CB   1 
ATOM 703  C CG   . GLN B 1 22 ? -2.933  -1.054  -14.089 1.00 0.00 ? 22 GLN B CG   1 
ATOM 704  C CD   . GLN B 1 22 ? -2.667  -0.577  -15.480 1.00 0.00 ? 22 GLN B CD   1 
ATOM 705  O OE1  . GLN B 1 22 ? -3.694  -0.382  -16.143 1.00 0.00 ? 22 GLN B OE1  1 
ATOM 706  N NE2  . GLN B 1 22 ? -1.440  -0.588  -16.012 1.00 0.00 ? 22 GLN B NE2  1 
ATOM 707  H H    . GLN B 1 22 ? -5.667  -2.106  -13.831 1.00 0.00 ? 22 GLN B H    1 
ATOM 708  H HA   . GLN B 1 22 ? -3.916  -2.540  -16.256 1.00 0.00 ? 22 GLN B HA   1 
ATOM 709  H HB2  . GLN B 1 22 ? -3.416  -2.973  -13.199 1.00 0.00 ? 22 GLN B HB2  1 
ATOM 710  H HB3  . GLN B 1 22 ? -2.149  -2.979  -14.379 1.00 0.00 ? 22 GLN B HB3  1 
ATOM 711  H HG2  . GLN B 1 22 ? -3.832  -0.580  -13.651 1.00 0.00 ? 22 GLN B HG2  1 
ATOM 712  H HG3  . GLN B 1 22 ? -2.086  -0.816  -13.418 1.00 0.00 ? 22 GLN B HG3  1 
ATOM 713  H HE21 . GLN B 1 22 ? -0.700  -0.644  -15.302 1.00 0.00 ? 22 GLN B HE21 1 
ATOM 714  H HE22 . GLN B 1 22 ? -1.337  0.013   -16.842 1.00 0.00 ? 22 GLN B HE22 1 
ATOM 715  N N    . ARG B 1 23 ? -5.319  -5.033  -15.136 1.00 0.00 ? 23 ARG B N    1 
ATOM 716  C CA   . ARG B 1 23 ? -5.432  -6.507  -15.322 1.00 0.00 ? 23 ARG B CA   1 
ATOM 717  C C    . ARG B 1 23 ? -6.845  -6.856  -15.793 1.00 0.00 ? 23 ARG B C    1 
ATOM 718  O O    . ARG B 1 23 ? -6.997  -7.176  -16.961 1.00 0.00 ? 23 ARG B O    1 
ATOM 719  C CB   . ARG B 1 23 ? -4.998  -7.469  -14.152 1.00 0.00 ? 23 ARG B CB   1 
ATOM 720  C CG   . ARG B 1 23 ? -5.745  -8.840  -13.893 1.00 0.00 ? 23 ARG B CG   1 
ATOM 721  C CD   . ARG B 1 23 ? -6.066  -9.156  -12.419 1.00 0.00 ? 23 ARG B CD   1 
ATOM 722  N NE   . ARG B 1 23 ? -6.333  -10.602 -12.215 1.00 0.00 ? 23 ARG B NE   1 
ATOM 723  C CZ   . ARG B 1 23 ? -6.152  -11.267 -11.058 1.00 0.00 ? 23 ARG B CZ   1 
ATOM 724  N NH1  . ARG B 1 23 ? -5.718  -10.705 -9.933  1.00 0.00 ? 23 ARG B NH1  1 
ATOM 725  N NH2  . ARG B 1 23 ? -6.423  -12.560 -11.036 1.00 0.00 ? 23 ARG B NH2  1 
ATOM 726  O OXT  . ARG B 1 23 ? -7.792  -6.931  -14.977 1.00 0.00 ? 23 ARG B OXT  1 
ATOM 727  H H    . ARG B 1 23 ? -6.074  -4.451  -14.754 1.00 0.00 ? 23 ARG B H    1 
ATOM 728  H HA   . ARG B 1 23 ? -4.794  -6.816  -16.177 1.00 0.00 ? 23 ARG B HA   1 
ATOM 729  H HB2  . ARG B 1 23 ? -3.934  -7.699  -14.341 1.00 0.00 ? 23 ARG B HB2  1 
ATOM 730  H HB3  . ARG B 1 23 ? -4.914  -6.932  -13.198 1.00 0.00 ? 23 ARG B HB3  1 
ATOM 731  H HG2  . ARG B 1 23 ? -6.707  -8.933  -14.418 1.00 0.00 ? 23 ARG B HG2  1 
ATOM 732  H HG3  . ARG B 1 23 ? -5.201  -9.660  -14.382 1.00 0.00 ? 23 ARG B HG3  1 
ATOM 733  H HD2  . ARG B 1 23 ? -5.255  -8.803  -11.758 1.00 0.00 ? 23 ARG B HD2  1 
ATOM 734  H HD3  . ARG B 1 23 ? -6.964  -8.585  -12.123 1.00 0.00 ? 23 ARG B HD3  1 
ATOM 735  H HH11 . ARG B 1 23 ? -5.513  -9.701  -9.970  1.00 0.00 ? 23 ARG B HH11 1 
ATOM 736  H HH12 . ARG B 1 23 ? -5.622  -11.322 -9.118  1.00 0.00 ? 23 ARG B HH12 1 
ATOM 737  H HH21 . ARG B 1 23 ? -6.756  -12.974 -11.914 1.00 0.00 ? 23 ARG B HH21 1 
ATOM 738  H HH22 . ARG B 1 23 ? -6.277  -13.045 -10.144 1.00 0.00 ? 23 ARG B HH22 1 
ATOM 739  N N    . GLU C 1 1  ? -3.070  11.145  16.262  1.00 0.00 ? 1  GLU C N    1 
ATOM 740  C CA   . GLU C 1 1  ? -3.614  10.238  15.210  1.00 0.00 ? 1  GLU C CA   1 
ATOM 741  C C    . GLU C 1 1  ? -4.272  11.068  14.107  1.00 0.00 ? 1  GLU C C    1 
ATOM 742  O O    . GLU C 1 1  ? -4.426  10.622  12.988  1.00 0.00 ? 1  GLU C O    1 
ATOM 743  C CB   . GLU C 1 1  ? -4.560  9.193   15.864  1.00 0.00 ? 1  GLU C CB   1 
ATOM 744  C CG   . GLU C 1 1  ? -5.100  8.064   14.953  1.00 0.00 ? 1  GLU C CG   1 
ATOM 745  C CD   . GLU C 1 1  ? -4.030  7.117   14.394  1.00 0.00 ? 1  GLU C CD   1 
ATOM 746  O OE1  . GLU C 1 1  ? -3.553  6.235   15.141  1.00 0.00 ? 1  GLU C OE1  1 
ATOM 747  O OE2  . GLU C 1 1  ? -3.663  7.252   13.206  1.00 0.00 ? 1  GLU C OE2  1 
ATOM 748  H H1   . GLU C 1 1  ? -3.837  11.646  16.724  1.00 0.00 ? 1  GLU C H1   1 
ATOM 749  H H2   . GLU C 1 1  ? -2.616  10.596  16.999  1.00 0.00 ? 1  GLU C H2   1 
ATOM 750  H HA   . GLU C 1 1  ? -2.752  9.702   14.777  1.00 0.00 ? 1  GLU C HA   1 
ATOM 751  H HB2  . GLU C 1 1  ? -4.049  8.717   16.724  1.00 0.00 ? 1  GLU C HB2  1 
ATOM 752  H HB3  . GLU C 1 1  ? -5.429  9.715   16.311  1.00 0.00 ? 1  GLU C HB3  1 
ATOM 753  H HG2  . GLU C 1 1  ? -5.828  7.461   15.526  1.00 0.00 ? 1  GLU C HG2  1 
ATOM 754  H HG3  . GLU C 1 1  ? -5.687  8.496   14.121  1.00 0.00 ? 1  GLU C HG3  1 
ATOM 755  N N    . LYS C 1 2  ? -4.666  12.274  14.412  1.00 0.00 ? 2  LYS C N    1 
ATOM 756  C CA   . LYS C 1 2  ? -5.316  13.129  13.379  1.00 0.00 ? 2  LYS C CA   1 
ATOM 757  C C    . LYS C 1 2  ? -4.314  13.427  12.262  1.00 0.00 ? 2  LYS C C    1 
ATOM 758  O O    . LYS C 1 2  ? -4.545  13.120  11.108  1.00 0.00 ? 2  LYS C O    1 
ATOM 759  C CB   . LYS C 1 2  ? -5.958  14.407  13.998  1.00 0.00 ? 2  LYS C CB   1 
ATOM 760  C CG   . LYS C 1 2  ? -7.293  14.228  14.761  1.00 0.00 ? 2  LYS C CG   1 
ATOM 761  C CD   . LYS C 1 2  ? -7.191  13.576  16.160  1.00 0.00 ? 2  LYS C CD   1 
ATOM 762  C CE   . LYS C 1 2  ? -8.519  13.502  16.939  1.00 0.00 ? 2  LYS C CE   1 
ATOM 763  N NZ   . LYS C 1 2  ? -8.991  14.816  17.421  1.00 0.00 ? 2  LYS C NZ   1 
ATOM 764  H H    . LYS C 1 2  ? -4.502  12.578  15.378  1.00 0.00 ? 2  LYS C H    1 
ATOM 765  H HA   . LYS C 1 2  ? -6.147  12.557  12.920  1.00 0.00 ? 2  LYS C HA   1 
ATOM 766  H HB2  . LYS C 1 2  ? -5.227  14.944  14.634  1.00 0.00 ? 2  LYS C HB2  1 
ATOM 767  H HB3  . LYS C 1 2  ? -6.172  15.115  13.173  1.00 0.00 ? 2  LYS C HB3  1 
ATOM 768  H HG2  . LYS C 1 2  ? -7.747  15.231  14.874  1.00 0.00 ? 2  LYS C HG2  1 
ATOM 769  H HG3  . LYS C 1 2  ? -8.006  13.662  14.133  1.00 0.00 ? 2  LYS C HG3  1 
ATOM 770  H HD2  . LYS C 1 2  ? -6.817  12.542  16.046  1.00 0.00 ? 2  LYS C HD2  1 
ATOM 771  H HD3  . LYS C 1 2  ? -6.425  14.095  16.768  1.00 0.00 ? 2  LYS C HD3  1 
ATOM 772  H HE2  . LYS C 1 2  ? -9.306  13.032  16.321  1.00 0.00 ? 2  LYS C HE2  1 
ATOM 773  H HE3  . LYS C 1 2  ? -8.390  12.836  17.813  1.00 0.00 ? 2  LYS C HE3  1 
ATOM 774  H HZ1  . LYS C 1 2  ? -9.848  14.701  17.971  1.00 0.00 ? 2  LYS C HZ1  1 
ATOM 775  H HZ2  . LYS C 1 2  ? -8.301  15.222  18.064  1.00 0.00 ? 2  LYS C HZ2  1 
ATOM 776  N N    . MET C 1 3  ? -3.198  14.020  12.592  1.00 0.00 ? 3  MET C N    1 
ATOM 777  C CA   . MET C 1 3  ? -2.183  14.331  11.547  1.00 0.00 ? 3  MET C CA   1 
ATOM 778  C C    . MET C 1 3  ? -1.639  13.028  10.961  1.00 0.00 ? 3  MET C C    1 
ATOM 779  O O    . MET C 1 3  ? -1.108  13.000  9.870   1.00 0.00 ? 3  MET C O    1 
ATOM 780  C CB   . MET C 1 3  ? -1.088  15.246  12.161  1.00 0.00 ? 3  MET C CB   1 
ATOM 781  C CG   . MET C 1 3  ? -0.084  15.843  11.159  1.00 0.00 ? 3  MET C CG   1 
ATOM 782  S SD   . MET C 1 3  ? -0.949  16.845  9.928   1.00 0.00 ? 3  MET C SD   1 
ATOM 783  C CE   . MET C 1 3  ? 0.429   17.361  8.887   1.00 0.00 ? 3  MET C CE   1 
ATOM 784  H H    . MET C 1 3  ? -3.076  14.246  13.586  1.00 0.00 ? 3  MET C H    1 
ATOM 785  H HA   . MET C 1 3  ? -2.678  14.900  10.736  1.00 0.00 ? 3  MET C HA   1 
ATOM 786  H HB2  . MET C 1 3  ? -1.566  16.094  12.689  1.00 0.00 ? 3  MET C HB2  1 
ATOM 787  H HB3  . MET C 1 3  ? -0.530  14.699  12.944  1.00 0.00 ? 3  MET C HB3  1 
ATOM 788  H HG2  . MET C 1 3  ? 0.653   16.474  11.689  1.00 0.00 ? 3  MET C HG2  1 
ATOM 789  H HG3  . MET C 1 3  ? 0.493   15.046  10.654  1.00 0.00 ? 3  MET C HG3  1 
ATOM 790  H HE1  . MET C 1 3  ? 0.947   16.488  8.452   1.00 0.00 ? 3  MET C HE1  1 
ATOM 791  H HE2  . MET C 1 3  ? 1.164   17.947  9.466   1.00 0.00 ? 3  MET C HE2  1 
ATOM 792  H HE3  . MET C 1 3  ? 0.068   17.992  8.054   1.00 0.00 ? 3  MET C HE3  1 
ATOM 793  N N    . SER C 1 4  ? -1.770  11.946  11.680  1.00 0.00 ? 4  SER C N    1 
ATOM 794  C CA   . SER C 1 4  ? -1.263  10.644  11.163  1.00 0.00 ? 4  SER C CA   1 
ATOM 795  C C    . SER C 1 4  ? -2.195  10.139  10.061  1.00 0.00 ? 4  SER C C    1 
ATOM 796  O O    . SER C 1 4  ? -1.761  9.562   9.082   1.00 0.00 ? 4  SER C O    1 
ATOM 797  C CB   . SER C 1 4  ? -1.103  9.626   12.311  1.00 0.00 ? 4  SER C CB   1 
ATOM 798  O OG   . SER C 1 4  ? -0.408  8.468   11.867  1.00 0.00 ? 4  SER C OG   1 
ATOM 799  H H    . SER C 1 4  ? -2.230  12.055  12.590  1.00 0.00 ? 4  SER C H    1 
ATOM 800  H HA   . SER C 1 4  ? -0.246  10.785  10.759  1.00 0.00 ? 4  SER C HA   1 
ATOM 801  H HB2  . SER C 1 4  ? -0.545  10.068  13.158  1.00 0.00 ? 4  SER C HB2  1 
ATOM 802  H HB3  . SER C 1 4  ? -2.086  9.324   12.710  1.00 0.00 ? 4  SER C HB3  1 
ATOM 803  H HG   . SER C 1 4  ? 0.451   8.773   11.564  1.00 0.00 ? 4  SER C HG   1 
ATOM 804  N N    . THR C 1 5  ? -3.473  10.356  10.208  1.00 0.00 ? 5  THR C N    1 
ATOM 805  C CA   . THR C 1 5  ? -4.429  9.893   9.165   1.00 0.00 ? 5  THR C CA   1 
ATOM 806  C C    . THR C 1 5  ? -4.434  10.901  8.018   1.00 0.00 ? 5  THR C C    1 
ATOM 807  O O    . THR C 1 5  ? -4.851  10.605  6.915   1.00 0.00 ? 5  THR C O    1 
ATOM 808  C CB   . THR C 1 5  ? -5.864  9.655   9.730   1.00 0.00 ? 5  THR C CB   1 
ATOM 809  O OG1  . THR C 1 5  ? -6.359  10.808  10.407  1.00 0.00 ? 5  THR C OG1  1 
ATOM 810  C CG2  . THR C 1 5  ? -5.977  8.445   10.672  1.00 0.00 ? 5  THR C CG2  1 
ATOM 811  H H    . THR C 1 5  ? -3.757  10.851  11.060  1.00 0.00 ? 5  THR C H    1 
ATOM 812  H HA   . THR C 1 5  ? -4.099  8.923   8.739   1.00 0.00 ? 5  THR C HA   1 
ATOM 813  H HB   . THR C 1 5  ? -6.544  9.450   8.881   1.00 0.00 ? 5  THR C HB   1 
ATOM 814  H HG1  . THR C 1 5  ? -7.252  10.591  10.683  1.00 0.00 ? 5  THR C HG1  1 
ATOM 815  H HG21 . THR C 1 5  ? -7.019  8.291   11.007  1.00 0.00 ? 5  THR C HG21 1 
ATOM 816  H HG22 . THR C 1 5  ? -5.358  8.567   11.579  1.00 0.00 ? 5  THR C HG22 1 
ATOM 817  H HG23 . THR C 1 5  ? -5.655  7.511   10.176  1.00 0.00 ? 5  THR C HG23 1 
ATOM 818  N N    . ALA C 1 6  ? -3.960  12.091  8.269   1.00 0.00 ? 6  ALA C N    1 
ATOM 819  C CA   . ALA C 1 6  ? -3.922  13.116  7.194   1.00 0.00 ? 6  ALA C CA   1 
ATOM 820  C C    . ALA C 1 6  ? -2.671  12.886  6.350   1.00 0.00 ? 6  ALA C C    1 
ATOM 821  O O    . ALA C 1 6  ? -2.651  13.145  5.163   1.00 0.00 ? 6  ALA C O    1 
ATOM 822  C CB   . ALA C 1 6  ? -3.939  14.524  7.818   1.00 0.00 ? 6  ALA C CB   1 
ATOM 823  H H    . ALA C 1 6  ? -3.624  12.257  9.224   1.00 0.00 ? 6  ALA C H    1 
ATOM 824  H HA   . ALA C 1 6  ? -4.816  13.044  6.543   1.00 0.00 ? 6  ALA C HA   1 
ATOM 825  H HB1  . ALA C 1 6  ? -3.953  15.309  7.039   1.00 0.00 ? 6  ALA C HB1  1 
ATOM 826  H HB2  . ALA C 1 6  ? -3.052  14.714  8.452   1.00 0.00 ? 6  ALA C HB2  1 
ATOM 827  H HB3  . ALA C 1 6  ? -4.835  14.683  8.448   1.00 0.00 ? 6  ALA C HB3  1 
ATOM 828  N N    . ILE C 1 7  ? -1.629  12.385  6.957   1.00 0.00 ? 7  ILE C N    1 
ATOM 829  C CA   . ILE C 1 7  ? -0.382  12.120  6.195   1.00 0.00 ? 7  ILE C CA   1 
ATOM 830  C C    . ILE C 1 7  ? -0.583  10.870  5.342   1.00 0.00 ? 7  ILE C C    1 
ATOM 831  O O    . ILE C 1 7  ? -0.162  10.806  4.204   1.00 0.00 ? 7  ILE C O    1 
ATOM 832  C CB   . ILE C 1 7  ? 0.988   12.168  6.958   1.00 0.00 ? 7  ILE C CB   1 
ATOM 833  C CG1  . ILE C 1 7  ? 1.176   11.092  8.063   1.00 0.00 ? 7  ILE C CG1  1 
ATOM 834  C CG2  . ILE C 1 7  ? 1.300   13.599  7.461   1.00 0.00 ? 7  ILE C CG2  1 
ATOM 835  C CD1  . ILE C 1 7  ? 2.608   10.899  8.589   1.00 0.00 ? 7  ILE C CD1  1 
ATOM 836  H H    . ILE C 1 7  ? -1.734  12.191  7.959   1.00 0.00 ? 7  ILE C H    1 
ATOM 837  H HA   . ILE C 1 7  ? -0.267  12.935  5.448   1.00 0.00 ? 7  ILE C HA   1 
ATOM 838  H HB   . ILE C 1 7  ? 1.764   11.957  6.194   1.00 0.00 ? 7  ILE C HB   1 
ATOM 839  H HG12 . ILE C 1 7  ? 0.510   11.330  8.902   1.00 0.00 ? 7  ILE C HG12 1 
ATOM 840  H HG13 . ILE C 1 7  ? 0.834   10.109  7.694   1.00 0.00 ? 7  ILE C HG13 1 
ATOM 841  H HG21 . ILE C 1 7  ? 1.235   14.341  6.644   1.00 0.00 ? 7  ILE C HG21 1 
ATOM 842  H HG22 . ILE C 1 7  ? 2.321   13.683  7.875   1.00 0.00 ? 7  ILE C HG22 1 
ATOM 843  H HG23 . ILE C 1 7  ? 0.600   13.928  8.250   1.00 0.00 ? 7  ILE C HG23 1 
ATOM 844  H HD11 . ILE C 1 7  ? 3.310   10.638  7.776   1.00 0.00 ? 7  ILE C HD11 1 
ATOM 845  H HD12 . ILE C 1 7  ? 2.648   10.079  9.331   1.00 0.00 ? 7  ILE C HD12 1 
ATOM 846  H HD13 . ILE C 1 7  ? 2.993   11.805  9.089   1.00 0.00 ? 7  ILE C HD13 1 
ATOM 847  N N    . SER C 1 8  ? -1.237  9.876   5.881   1.00 0.00 ? 8  SER C N    1 
ATOM 848  C CA   . SER C 1 8  ? -1.477  8.635   5.098   1.00 0.00 ? 8  SER C CA   1 
ATOM 849  C C    . SER C 1 8  ? -2.445  8.955   3.960   1.00 0.00 ? 8  SER C C    1 
ATOM 850  O O    . SER C 1 8  ? -2.323  8.440   2.867   1.00 0.00 ? 8  SER C O    1 
ATOM 851  C CB   . SER C 1 8  ? -1.993  7.530   6.046   1.00 0.00 ? 8  SER C CB   1 
ATOM 852  O OG   . SER C 1 8  ? -2.142  6.295   5.353   1.00 0.00 ? 8  SER C OG   1 
ATOM 853  H H    . SER C 1 8  ? -1.562  10.011  6.845   1.00 0.00 ? 8  SER C H    1 
ATOM 854  H HA   . SER C 1 8  ? -0.520  8.280   4.664   1.00 0.00 ? 8  SER C HA   1 
ATOM 855  H HB2  . SER C 1 8  ? -1.291  7.377   6.888   1.00 0.00 ? 8  SER C HB2  1 
ATOM 856  H HB3  . SER C 1 8  ? -2.962  7.812   6.505   1.00 0.00 ? 8  SER C HB3  1 
ATOM 857  H HG   . SER C 1 8  ? -2.456  5.663   6.003   1.00 0.00 ? 8  SER C HG   1 
ATOM 858  N N    . VAL C 1 9  ? -3.400  9.810   4.207   1.00 0.00 ? 9  VAL C N    1 
ATOM 859  C CA   . VAL C 1 9  ? -4.366  10.175  3.137   1.00 0.00 ? 9  VAL C CA   1 
ATOM 860  C C    . VAL C 1 9  ? -3.593  10.789  1.971   1.00 0.00 ? 9  VAL C C    1 
ATOM 861  O O    . VAL C 1 9  ? -3.806  10.452  0.822   1.00 0.00 ? 9  VAL C O    1 
ATOM 862  C CB   . VAL C 1 9  ? -5.593  10.987  3.691   1.00 0.00 ? 9  VAL C CB   1 
ATOM 863  C CG1  . VAL C 1 9  ? -6.393  11.795  2.637   1.00 0.00 ? 9  VAL C CG1  1 
ATOM 864  C CG2  . VAL C 1 9  ? -6.603  10.057  4.411   1.00 0.00 ? 9  VAL C CG2  1 
ATOM 865  H H    . VAL C 1 9  ? -3.428  10.201  5.156   1.00 0.00 ? 9  VAL C H    1 
ATOM 866  H HA   . VAL C 1 9  ? -4.789  9.232   2.734   1.00 0.00 ? 9  VAL C HA   1 
ATOM 867  H HB   . VAL C 1 9  ? -5.222  11.724  4.426   1.00 0.00 ? 9  VAL C HB   1 
ATOM 868  H HG11 . VAL C 1 9  ? -7.250  12.330  3.087   1.00 0.00 ? 9  VAL C HG11 1 
ATOM 869  H HG12 . VAL C 1 9  ? -6.790  11.147  1.832   1.00 0.00 ? 9  VAL C HG12 1 
ATOM 870  H HG13 . VAL C 1 9  ? -5.766  12.565  2.154   1.00 0.00 ? 9  VAL C HG13 1 
ATOM 871  H HG21 . VAL C 1 9  ? -7.125  9.385   3.704   1.00 0.00 ? 9  VAL C HG21 1 
ATOM 872  H HG22 . VAL C 1 9  ? -7.376  10.632  4.952   1.00 0.00 ? 9  VAL C HG22 1 
ATOM 873  H HG23 . VAL C 1 9  ? -6.114  9.401   5.154   1.00 0.00 ? 9  VAL C HG23 1 
ATOM 874  N N    . LEU C 1 10 ? -2.688  11.687  2.257   1.00 0.00 ? 10 LEU C N    1 
ATOM 875  C CA   . LEU C 1 10 ? -1.895  12.313  1.166   1.00 0.00 ? 10 LEU C CA   1 
ATOM 876  C C    . LEU C 1 10 ? -1.303  11.215  0.284   1.00 0.00 ? 10 LEU C C    1 
ATOM 877  O O    . LEU C 1 10 ? -1.513  11.186  -0.913  1.00 0.00 ? 10 LEU C O    1 
ATOM 878  C CB   . LEU C 1 10 ? -0.835  13.318  1.707   1.00 0.00 ? 10 LEU C CB   1 
ATOM 879  C CG   . LEU C 1 10 ? -1.376  14.647  2.309   1.00 0.00 ? 10 LEU C CG   1 
ATOM 880  C CD1  . LEU C 1 10 ? -0.278  15.370  3.114   1.00 0.00 ? 10 LEU C CD1  1 
ATOM 881  C CD2  . LEU C 1 10 ? -1.958  15.599  1.243   1.00 0.00 ? 10 LEU C CD2  1 
ATOM 882  H H    . LEU C 1 10 ? -2.568  11.914  3.250   1.00 0.00 ? 10 LEU C H    1 
ATOM 883  H HA   . LEU C 1 10 ? -2.596  12.885  0.528   1.00 0.00 ? 10 LEU C HA   1 
ATOM 884  H HB2  . LEU C 1 10 ? -0.212  12.798  2.460   1.00 0.00 ? 10 LEU C HB2  1 
ATOM 885  H HB3  . LEU C 1 10 ? -0.124  13.570  0.897   1.00 0.00 ? 10 LEU C HB3  1 
ATOM 886  H HG   . LEU C 1 10 ? -2.190  14.406  3.017   1.00 0.00 ? 10 LEU C HG   1 
ATOM 887  H HD11 . LEU C 1 10 ? 0.117   14.734  3.928   1.00 0.00 ? 10 LEU C HD11 1 
ATOM 888  H HD12 . LEU C 1 10 ? -0.661  16.291  3.592   1.00 0.00 ? 10 LEU C HD12 1 
ATOM 889  H HD13 . LEU C 1 10 ? 0.581   15.661  2.480   1.00 0.00 ? 10 LEU C HD13 1 
ATOM 890  H HD21 . LEU C 1 10 ? -2.812  15.145  0.707   1.00 0.00 ? 10 LEU C HD21 1 
ATOM 891  H HD22 . LEU C 1 10 ? -1.206  15.880  0.482   1.00 0.00 ? 10 LEU C HD22 1 
ATOM 892  H HD23 . LEU C 1 10 ? -2.335  16.534  1.694   1.00 0.00 ? 10 LEU C HD23 1 
ATOM 893  N N    . LEU C 1 11 ? -0.571  10.302  0.864   1.00 0.00 ? 11 LEU C N    1 
ATOM 894  C CA   . LEU C 1 11 ? 0.022   9.203   0.052   1.00 0.00 ? 11 LEU C CA   1 
ATOM 895  C C    . LEU C 1 11 ? -1.101  8.461   -0.672  1.00 0.00 ? 11 LEU C C    1 
ATOM 896  O O    . LEU C 1 11 ? -0.928  7.962   -1.767  1.00 0.00 ? 11 LEU C O    1 
ATOM 897  C CB   . LEU C 1 11 ? 0.954   8.272   0.875   1.00 0.00 ? 11 LEU C CB   1 
ATOM 898  C CG   . LEU C 1 11 ? 2.330   8.824   1.358   1.00 0.00 ? 11 LEU C CG   1 
ATOM 899  C CD1  . LEU C 1 11 ? 3.158   9.515   0.251   1.00 0.00 ? 11 LEU C CD1  1 
ATOM 900  C CD2  . LEU C 1 11 ? 2.256   9.718   2.607   1.00 0.00 ? 11 LEU C CD2  1 
ATOM 901  H H    . LEU C 1 11 ? -0.441  10.392  1.877   1.00 0.00 ? 11 LEU C H    1 
ATOM 902  H HA   . LEU C 1 11 ? 0.639   9.664   -0.741  1.00 0.00 ? 11 LEU C HA   1 
ATOM 903  H HB2  . LEU C 1 11 ? 0.400   7.850   1.736   1.00 0.00 ? 11 LEU C HB2  1 
ATOM 904  H HB3  . LEU C 1 11 ? 1.181   7.388   0.248   1.00 0.00 ? 11 LEU C HB3  1 
ATOM 905  H HG   . LEU C 1 11 ? 2.900   7.935   1.678   1.00 0.00 ? 11 LEU C HG   1 
ATOM 906  H HD11 . LEU C 1 11 ? 2.706   10.469  -0.076  1.00 0.00 ? 11 LEU C HD11 1 
ATOM 907  H HD12 . LEU C 1 11 ? 3.257   8.873   -0.644  1.00 0.00 ? 11 LEU C HD12 1 
ATOM 908  H HD13 . LEU C 1 11 ? 4.184   9.746   0.594   1.00 0.00 ? 11 LEU C HD13 1 
ATOM 909  H HD21 . LEU C 1 11 ? 1.716   9.214   3.430   1.00 0.00 ? 11 LEU C HD21 1 
ATOM 910  H HD22 . LEU C 1 11 ? 1.745   10.678  2.406   1.00 0.00 ? 11 LEU C HD22 1 
ATOM 911  H HD23 . LEU C 1 11 ? 3.262   9.962   2.994   1.00 0.00 ? 11 LEU C HD23 1 
ATOM 912  N N    . ALA C 1 12 ? -2.259  8.392   -0.072  1.00 0.00 ? 12 ALA C N    1 
ATOM 913  C CA   . ALA C 1 12 ? -3.398  7.692   -0.729  1.00 0.00 ? 12 ALA C CA   1 
ATOM 914  C C    . ALA C 1 12 ? -3.613  8.294   -2.117  1.00 0.00 ? 12 ALA C C    1 
ATOM 915  O O    . ALA C 1 12 ? -3.570  7.607   -3.117  1.00 0.00 ? 12 ALA C O    1 
ATOM 916  C CB   . ALA C 1 12 ? -4.661  7.585   0.138   1.00 0.00 ? 12 ALA C CB   1 
ATOM 917  H H    . ALA C 1 12 ? -2.325  8.841   0.848   1.00 0.00 ? 12 ALA C H    1 
ATOM 918  H HA   . ALA C 1 12 ? -3.076  6.641   -0.880  1.00 0.00 ? 12 ALA C HA   1 
ATOM 919  H HB1  . ALA C 1 12 ? -5.373  6.888   -0.333  1.00 0.00 ? 12 ALA C HB1  1 
ATOM 920  H HB2  . ALA C 1 12 ? -5.196  8.543   0.258   1.00 0.00 ? 12 ALA C HB2  1 
ATOM 921  H HB3  . ALA C 1 12 ? -4.441  7.191   1.148   1.00 0.00 ? 12 ALA C HB3  1 
ATOM 922  N N    . GLN C 1 13 ? -3.839  9.579   -2.184  1.00 0.00 ? 13 GLN C N    1 
ATOM 923  C CA   . GLN C 1 13 ? -4.047  10.226  -3.509  1.00 0.00 ? 13 GLN C CA   1 
ATOM 924  C C    . GLN C 1 13 ? -2.807  9.995   -4.373  1.00 0.00 ? 13 GLN C C    1 
ATOM 925  O O    . GLN C 1 13 ? -2.891  9.881   -5.579  1.00 0.00 ? 13 GLN C O    1 
ATOM 926  C CB   . GLN C 1 13 ? -4.400  11.731  -3.363  1.00 0.00 ? 13 GLN C CB   1 
ATOM 927  C CG   . GLN C 1 13 ? -5.741  12.060  -2.664  1.00 0.00 ? 13 GLN C CG   1 
ATOM 928  C CD   . GLN C 1 13 ? -6.994  11.572  -3.416  1.00 0.00 ? 13 GLN C CD   1 
ATOM 929  O OE1  . GLN C 1 13 ? -7.386  12.135  -4.438  1.00 0.00 ? 13 GLN C OE1  1 
ATOM 930  N NE2  . GLN C 1 13 ? -7.642  10.520  -2.936  1.00 0.00 ? 13 GLN C NE2  1 
ATOM 931  H H    . GLN C 1 13 ? -3.857  10.089  -1.294  1.00 0.00 ? 13 GLN C H    1 
ATOM 932  H HA   . GLN C 1 13 ? -4.898  9.730   -4.014  1.00 0.00 ? 13 GLN C HA   1 
ATOM 933  H HB2  . GLN C 1 13 ? -3.585  12.250  -2.821  1.00 0.00 ? 13 GLN C HB2  1 
ATOM 934  H HB3  . GLN C 1 13 ? -4.411  12.203  -4.366  1.00 0.00 ? 13 GLN C HB3  1 
ATOM 935  H HG2  . GLN C 1 13 ? -5.723  11.678  -1.623  1.00 0.00 ? 13 GLN C HG2  1 
ATOM 936  H HG3  . GLN C 1 13 ? -5.819  13.157  -2.552  1.00 0.00 ? 13 GLN C HG3  1 
ATOM 937  H HE21 . GLN C 1 13 ? -7.263  10.096  -2.082  1.00 0.00 ? 13 GLN C HE21 1 
ATOM 938  H HE22 . GLN C 1 13 ? -8.473  10.215  -3.456  1.00 0.00 ? 13 GLN C HE22 1 
ATOM 939  N N    . ALA C 1 14 ? -1.654  9.918   -3.763  1.00 0.00 ? 14 ALA C N    1 
ATOM 940  C CA   . ALA C 1 14 ? -0.410  9.684   -4.546  1.00 0.00 ? 14 ALA C CA   1 
ATOM 941  C C    . ALA C 1 14 ? -0.538  8.360   -5.299  1.00 0.00 ? 14 ALA C C    1 
ATOM 942  O O    . ALA C 1 14 ? -0.088  8.221   -6.418  1.00 0.00 ? 14 ALA C O    1 
ATOM 943  C CB   . ALA C 1 14 ? 0.874   9.783   -3.703  1.00 0.00 ? 14 ALA C CB   1 
ATOM 944  H H    . ALA C 1 14 ? -1.670  10.020  -2.741  1.00 0.00 ? 14 ALA C H    1 
ATOM 945  H HA   . ALA C 1 14 ? -0.333  10.491  -5.301  1.00 0.00 ? 14 ALA C HA   1 
ATOM 946  H HB1  . ALA C 1 14 ? 1.775   9.778   -4.347  1.00 0.00 ? 14 ALA C HB1  1 
ATOM 947  H HB2  . ALA C 1 14 ? 0.991   8.945   -2.996  1.00 0.00 ? 14 ALA C HB2  1 
ATOM 948  H HB3  . ALA C 1 14 ? 0.908   10.720  -3.115  1.00 0.00 ? 14 ALA C HB3  1 
ATOM 949  N N    . VAL C 1 15 ? -1.163  7.385   -4.694  1.00 0.00 ? 15 VAL C N    1 
ATOM 950  C CA   . VAL C 1 15 ? -1.334  6.073   -5.375  1.00 0.00 ? 15 VAL C CA   1 
ATOM 951  C C    . VAL C 1 15 ? -2.478  6.186   -6.383  1.00 0.00 ? 15 VAL C C    1 
ATOM 952  O O    . VAL C 1 15 ? -2.467  5.559   -7.424  1.00 0.00 ? 15 VAL C O    1 
ATOM 953  C CB   . VAL C 1 15 ? -1.546  4.940   -4.299  1.00 0.00 ? 15 VAL C CB   1 
ATOM 954  C CG1  . VAL C 1 15 ? -1.946  3.557   -4.874  1.00 0.00 ? 15 VAL C CG1  1 
ATOM 955  C CG2  . VAL C 1 15 ? -0.301  4.727   -3.402  1.00 0.00 ? 15 VAL C CG2  1 
ATOM 956  H H    . VAL C 1 15 ? -1.516  7.584   -3.752  1.00 0.00 ? 15 VAL C H    1 
ATOM 957  H HA   . VAL C 1 15 ? -0.403  5.811   -5.910  1.00 0.00 ? 15 VAL C HA   1 
ATOM 958  H HB   . VAL C 1 15 ? -2.378  5.245   -3.635  1.00 0.00 ? 15 VAL C HB   1 
ATOM 959  H HG11 . VAL C 1 15 ? -2.092  2.805   -4.076  1.00 0.00 ? 15 VAL C HG11 1 
ATOM 960  H HG12 . VAL C 1 15 ? -1.187  3.153   -5.568  1.00 0.00 ? 15 VAL C HG12 1 
ATOM 961  H HG13 . VAL C 1 15 ? -2.900  3.602   -5.429  1.00 0.00 ? 15 VAL C HG13 1 
ATOM 962  H HG21 . VAL C 1 15 ? -0.013  5.651   -2.868  1.00 0.00 ? 15 VAL C HG21 1 
ATOM 963  H HG22 . VAL C 1 15 ? 0.579   4.405   -3.989  1.00 0.00 ? 15 VAL C HG22 1 
ATOM 964  H HG23 . VAL C 1 15 ? -0.477  3.961   -2.623  1.00 0.00 ? 15 VAL C HG23 1 
ATOM 965  N N    . PHE C 1 16 ? -3.463  6.989   -6.084  1.00 0.00 ? 16 PHE C N    1 
ATOM 966  C CA   . PHE C 1 16 ? -4.605  7.157   -7.024  1.00 0.00 ? 16 PHE C CA   1 
ATOM 967  C C    . PHE C 1 16 ? -4.071  7.641   -8.374  1.00 0.00 ? 16 PHE C C    1 
ATOM 968  O O    . PHE C 1 16 ? -4.232  6.988   -9.386  1.00 0.00 ? 16 PHE C O    1 
ATOM 969  C CB   . PHE C 1 16 ? -5.731  8.028   -6.393  1.00 0.00 ? 16 PHE C CB   1 
ATOM 970  C CG   . PHE C 1 16 ? -7.076  7.943   -7.137  1.00 0.00 ? 16 PHE C CG   1 
ATOM 971  C CD1  . PHE C 1 16 ? -7.331  8.769   -8.239  1.00 0.00 ? 16 PHE C CD1  1 
ATOM 972  C CD2  . PHE C 1 16 ? -8.039  7.005   -6.745  1.00 0.00 ? 16 PHE C CD2  1 
ATOM 973  C CE1  . PHE C 1 16 ? -8.522  8.642   -8.949  1.00 0.00 ? 16 PHE C CE1  1 
ATOM 974  C CE2  . PHE C 1 16 ? -9.230  6.884   -7.457  1.00 0.00 ? 16 PHE C CE2  1 
ATOM 975  C CZ   . PHE C 1 16 ? -9.470  7.699   -8.558  1.00 0.00 ? 16 PHE C CZ   1 
ATOM 976  H H    . PHE C 1 16 ? -3.392  7.482   -5.186  1.00 0.00 ? 16 PHE C H    1 
ATOM 977  H HA   . PHE C 1 16 ? -5.041  6.152   -7.175  1.00 0.00 ? 16 PHE C HA   1 
ATOM 978  H HB2  . PHE C 1 16 ? -5.885  7.728   -5.338  1.00 0.00 ? 16 PHE C HB2  1 
ATOM 979  H HB3  . PHE C 1 16 ? -5.404  9.083   -6.322  1.00 0.00 ? 16 PHE C HB3  1 
ATOM 980  H HD1  . PHE C 1 16 ? -6.598  9.494   -8.564  1.00 0.00 ? 16 PHE C HD1  1 
ATOM 981  H HD2  . PHE C 1 16 ? -7.859  6.352   -5.902  1.00 0.00 ? 16 PHE C HD2  1 
ATOM 982  H HE1  . PHE C 1 16 ? -8.708  9.272   -9.807  1.00 0.00 ? 16 PHE C HE1  1 
ATOM 983  H HE2  . PHE C 1 16 ? -9.964  6.150   -7.157  1.00 0.00 ? 16 PHE C HE2  1 
ATOM 984  H HZ   . PHE C 1 16 ? -10.393 7.601   -9.113  1.00 0.00 ? 16 PHE C HZ   1 
ATOM 985  N N    . LEU C 1 17 ? -3.425  8.777   -8.394  1.00 0.00 ? 17 LEU C N    1 
ATOM 986  C CA   . LEU C 1 17 ? -2.874  9.289   -9.679  1.00 0.00 ? 17 LEU C CA   1 
ATOM 987  C C    . LEU C 1 17 ? -2.016  8.196   -10.320 1.00 0.00 ? 17 LEU C C    1 
ATOM 988  O O    . LEU C 1 17 ? -1.782  8.191   -11.511 1.00 0.00 ? 17 LEU C O    1 
ATOM 989  C CB   . LEU C 1 17 ? -2.050  10.589  -9.446  1.00 0.00 ? 17 LEU C CB   1 
ATOM 990  C CG   . LEU C 1 17 ? -2.815  11.827  -8.895  1.00 0.00 ? 17 LEU C CG   1 
ATOM 991  C CD1  . LEU C 1 17 ? -1.828  12.944  -8.505  1.00 0.00 ? 17 LEU C CD1  1 
ATOM 992  C CD2  . LEU C 1 17 ? -3.872  12.371  -9.879  1.00 0.00 ? 17 LEU C CD2  1 
ATOM 993  H H    . LEU C 1 17 ? -3.328  9.265   -7.498  1.00 0.00 ? 17 LEU C H    1 
ATOM 994  H HA   . LEU C 1 17 ? -3.712  9.517   -10.363 1.00 0.00 ? 17 LEU C HA   1 
ATOM 995  H HB2  . LEU C 1 17 ? -1.211  10.351  -8.760  1.00 0.00 ? 17 LEU C HB2  1 
ATOM 996  H HB3  . LEU C 1 17 ? -1.556  10.877  -10.395 1.00 0.00 ? 17 LEU C HB3  1 
ATOM 997  H HG   . LEU C 1 17 ? -3.341  11.530  -7.969  1.00 0.00 ? 17 LEU C HG   1 
ATOM 998  H HD11 . LEU C 1 17 ? -1.248  13.311  -9.374  1.00 0.00 ? 17 LEU C HD11 1 
ATOM 999  H HD12 . LEU C 1 17 ? -1.100  12.597  -7.749  1.00 0.00 ? 17 LEU C HD12 1 
ATOM 1000 H HD13 . LEU C 1 17 ? -2.349  13.815  -8.065  1.00 0.00 ? 17 LEU C HD13 1 
ATOM 1001 H HD21 . LEU C 1 17 ? -4.652  11.619  -10.101 1.00 0.00 ? 17 LEU C HD21 1 
ATOM 1002 H HD22 . LEU C 1 17 ? -3.424  12.674  -10.844 1.00 0.00 ? 17 LEU C HD22 1 
ATOM 1003 H HD23 . LEU C 1 17 ? -4.397  13.253  -9.467  1.00 0.00 ? 17 LEU C HD23 1 
ATOM 1004 N N    . LEU C 1 18 ? -1.550  7.265   -9.531  1.00 0.00 ? 18 LEU C N    1 
ATOM 1005 C CA   . LEU C 1 18 ? -0.712  6.164   -10.085 1.00 0.00 ? 18 LEU C CA   1 
ATOM 1006 C C    . LEU C 1 18 ? -1.566  5.297   -11.011 1.00 0.00 ? 18 LEU C C    1 
ATOM 1007 O O    . LEU C 1 18 ? -1.237  5.085   -12.159 1.00 0.00 ? 18 LEU C O    1 
ATOM 1008 C CB   . LEU C 1 18 ? 0.098   5.425   -8.971  1.00 0.00 ? 18 LEU C CB   1 
ATOM 1009 C CG   . LEU C 1 18 ? 0.471   3.901   -8.923  1.00 0.00 ? 18 LEU C CG   1 
ATOM 1010 C CD1  . LEU C 1 18 ? 1.248   3.610   -7.615  1.00 0.00 ? 18 LEU C CD1  1 
ATOM 1011 C CD2  . LEU C 1 18 ? -0.679  2.878   -8.976  1.00 0.00 ? 18 LEU C CD2  1 
ATOM 1012 H H    . LEU C 1 18 ? -1.796  7.343   -8.537  1.00 0.00 ? 18 LEU C H    1 
ATOM 1013 H HA   . LEU C 1 18 ? 0.059   6.621   -10.741 1.00 0.00 ? 18 LEU C HA   1 
ATOM 1014 H HB2  . LEU C 1 18 ? 1.042   5.968   -8.975  1.00 0.00 ? 18 LEU C HB2  1 
ATOM 1015 H HB3  . LEU C 1 18 ? -0.269  5.710   -7.985  1.00 0.00 ? 18 LEU C HB3  1 
ATOM 1016 H HG   . LEU C 1 18 ? 1.132   3.675   -9.779  1.00 0.00 ? 18 LEU C HG   1 
ATOM 1017 H HD11 . LEU C 1 18 ? 2.172   4.204   -7.523  1.00 0.00 ? 18 LEU C HD11 1 
ATOM 1018 H HD12 . LEU C 1 18 ? 1.554   2.551   -7.537  1.00 0.00 ? 18 LEU C HD12 1 
ATOM 1019 H HD13 . LEU C 1 18 ? 0.649   3.832   -6.714  1.00 0.00 ? 18 LEU C HD13 1 
ATOM 1020 H HD21 . LEU C 1 18 ? -1.513  3.161   -8.307  1.00 0.00 ? 18 LEU C HD21 1 
ATOM 1021 H HD22 . LEU C 1 18 ? -0.355  1.860   -8.688  1.00 0.00 ? 18 LEU C HD22 1 
ATOM 1022 H HD23 . LEU C 1 18 ? -1.079  2.760   -9.996  1.00 0.00 ? 18 LEU C HD23 1 
ATOM 1023 N N    . LEU C 1 19 ? -2.667  4.796   -10.519 1.00 0.00 ? 19 LEU C N    1 
ATOM 1024 C CA   . LEU C 1 19 ? -3.542  3.947   -11.371 1.00 0.00 ? 19 LEU C CA   1 
ATOM 1025 C C    . LEU C 1 19 ? -4.097  4.795   -12.519 1.00 0.00 ? 19 LEU C C    1 
ATOM 1026 O O    . LEU C 1 19 ? -4.436  4.288   -13.571 1.00 0.00 ? 19 LEU C O    1 
ATOM 1027 C CB   . LEU C 1 19 ? -4.681  3.322   -10.511 1.00 0.00 ? 19 LEU C CB   1 
ATOM 1028 C CG   . LEU C 1 19 ? -5.868  4.201   -9.981  1.00 0.00 ? 19 LEU C CG   1 
ATOM 1029 C CD1  . LEU C 1 19 ? -7.125  4.087   -10.853 1.00 0.00 ? 19 LEU C CD1  1 
ATOM 1030 C CD2  . LEU C 1 19 ? -6.235  3.976   -8.500  1.00 0.00 ? 19 LEU C CD2  1 
ATOM 1031 H H    . LEU C 1 19 ? -2.875  5.023   -9.540  1.00 0.00 ? 19 LEU C H    1 
ATOM 1032 H HA   . LEU C 1 19 ? -2.944  3.114   -11.792 1.00 0.00 ? 19 LEU C HA   1 
ATOM 1033 H HB2  . LEU C 1 19 ? -5.087  2.451   -11.062 1.00 0.00 ? 19 LEU C HB2  1 
ATOM 1034 H HB3  . LEU C 1 19 ? -4.177  2.863   -9.649  1.00 0.00 ? 19 LEU C HB3  1 
ATOM 1035 H HG   . LEU C 1 19 ? -5.567  5.252   -10.049 1.00 0.00 ? 19 LEU C HG   1 
ATOM 1036 H HD11 . LEU C 1 19 ? -7.946  4.734   -10.489 1.00 0.00 ? 19 LEU C HD11 1 
ATOM 1037 H HD12 . LEU C 1 19 ? -7.507  3.050   -10.888 1.00 0.00 ? 19 LEU C HD12 1 
ATOM 1038 H HD13 . LEU C 1 19 ? -6.910  4.402   -11.887 1.00 0.00 ? 19 LEU C HD13 1 
ATOM 1039 H HD21 . LEU C 1 19 ? -6.874  4.795   -8.124  1.00 0.00 ? 19 LEU C HD21 1 
ATOM 1040 H HD22 . LEU C 1 19 ? -5.341  3.949   -7.852  1.00 0.00 ? 19 LEU C HD22 1 
ATOM 1041 H HD23 . LEU C 1 19 ? -6.803  3.046   -8.327  1.00 0.00 ? 19 LEU C HD23 1 
ATOM 1042 N N    . THR C 1 20 ? -4.189  6.081   -12.322 1.00 0.00 ? 20 THR C N    1 
ATOM 1043 C CA   . THR C 1 20 ? -4.717  6.965   -13.396 1.00 0.00 ? 20 THR C CA   1 
ATOM 1044 C C    . THR C 1 20 ? -3.784  6.903   -14.608 1.00 0.00 ? 20 THR C C    1 
ATOM 1045 O O    . THR C 1 20 ? -4.215  6.705   -15.727 1.00 0.00 ? 20 THR C O    1 
ATOM 1046 C CB   . THR C 1 20 ? -5.011  8.402   -12.864 1.00 0.00 ? 20 THR C CB   1 
ATOM 1047 O OG1  . THR C 1 20 ? -5.829  8.342   -11.697 1.00 0.00 ? 20 THR C OG1  1 
ATOM 1048 C CG2  . THR C 1 20 ? -5.731  9.312   -13.873 1.00 0.00 ? 20 THR C CG2  1 
ATOM 1049 H H    . THR C 1 20 ? -3.880  6.426   -11.406 1.00 0.00 ? 20 THR C H    1 
ATOM 1050 H HA   . THR C 1 20 ? -5.698  6.553   -13.713 1.00 0.00 ? 20 THR C HA   1 
ATOM 1051 H HB   . THR C 1 20 ? -4.059  8.890   -12.589 1.00 0.00 ? 20 THR C HB   1 
ATOM 1052 H HG1  . THR C 1 20 ? -6.653  7.932   -11.972 1.00 0.00 ? 20 THR C HG1  1 
ATOM 1053 H HG21 . THR C 1 20 ? -5.927  10.311  -13.441 1.00 0.00 ? 20 THR C HG21 1 
ATOM 1054 H HG22 . THR C 1 20 ? -6.705  8.890   -14.184 1.00 0.00 ? 20 THR C HG22 1 
ATOM 1055 H HG23 . THR C 1 20 ? -5.129  9.469   -14.787 1.00 0.00 ? 20 THR C HG23 1 
ATOM 1056 N N    . SER C 1 21 ? -2.506  7.065   -14.393 1.00 0.00 ? 21 SER C N    1 
ATOM 1057 C CA   . SER C 1 21 ? -1.550  7.010   -15.534 1.00 0.00 ? 21 SER C CA   1 
ATOM 1058 C C    . SER C 1 21 ? -1.500  5.582   -16.079 1.00 0.00 ? 21 SER C C    1 
ATOM 1059 O O    . SER C 1 21 ? -1.587  5.358   -17.270 1.00 0.00 ? 21 SER C O    1 
ATOM 1060 C CB   . SER C 1 21 ? -0.242  7.615   -15.062 1.00 0.00 ? 21 SER C CB   1 
ATOM 1061 O OG   . SER C 1 21 ? 0.300   6.921   -13.938 1.00 0.00 ? 21 SER C OG   1 
ATOM 1062 H H    . SER C 1 21 ? -2.223  7.225   -13.420 1.00 0.00 ? 21 SER C H    1 
ATOM 1063 H HA   . SER C 1 21 ? -1.916  7.669   -16.347 1.00 0.00 ? 21 SER C HA   1 
ATOM 1064 H HB2  . SER C 1 21 ? 0.458   7.606   -15.914 1.00 0.00 ? 21 SER C HB2  1 
ATOM 1065 H HB3  . SER C 1 21 ? -0.379  8.682   -14.799 1.00 0.00 ? 21 SER C HB3  1 
ATOM 1066 H HG   . SER C 1 21 ? 1.123   7.365   -13.723 1.00 0.00 ? 21 SER C HG   1 
ATOM 1067 N N    . GLN C 1 22 ? -1.360  4.613   -15.215 1.00 0.00 ? 22 GLN C N    1 
ATOM 1068 C CA   . GLN C 1 22 ? -1.310  3.200   -15.686 1.00 0.00 ? 22 GLN C CA   1 
ATOM 1069 C C    . GLN C 1 22 ? -2.702  2.772   -16.160 1.00 0.00 ? 22 GLN C C    1 
ATOM 1070 O O    . GLN C 1 22 ? -2.885  1.686   -16.673 1.00 0.00 ? 22 GLN C O    1 
ATOM 1071 C CB   . GLN C 1 22 ? -0.859  2.296   -14.536 1.00 0.00 ? 22 GLN C CB   1 
ATOM 1072 C CG   . GLN C 1 22 ? 0.593   2.607   -14.174 1.00 0.00 ? 22 GLN C CG   1 
ATOM 1073 C CD   . GLN C 1 22 ? 1.364   2.521   -15.456 1.00 0.00 ? 22 GLN C CD   1 
ATOM 1074 O OE1  . GLN C 1 22 ? 1.319   3.561   -16.120 1.00 0.00 ? 22 GLN C OE1  1 
ATOM 1075 N NE2  . GLN C 1 22 ? 1.837   1.363   -15.931 1.00 0.00 ? 22 GLN C NE2  1 
ATOM 1076 H H    . GLN C 1 22 ? -1.293  4.860   -14.221 1.00 0.00 ? 22 GLN C H    1 
ATOM 1077 H HA   . GLN C 1 22 ? -0.728  3.090   -16.610 1.00 0.00 ? 22 GLN C HA   1 
ATOM 1078 H HB2  . GLN C 1 22 ? -1.504  2.443   -13.648 1.00 0.00 ? 22 GLN C HB2  1 
ATOM 1079 H HB3  . GLN C 1 22 ? -0.902  1.256   -14.751 1.00 0.00 ? 22 GLN C HB3  1 
ATOM 1080 H HG2  . GLN C 1 22 ? 0.677   3.604   -13.702 1.00 0.00 ? 22 GLN C HG2  1 
ATOM 1081 H HG3  . GLN C 1 22 ? 0.966   1.873   -13.436 1.00 0.00 ? 22 GLN C HG3  1 
ATOM 1082 H HE21 . GLN C 1 22 ? 1.895   0.638   -15.206 1.00 0.00 ? 22 GLN C HE21 1 
ATOM 1083 H HE22 . GLN C 1 22 ? 2.579   1.469   -16.636 1.00 0.00 ? 22 GLN C HE22 1 
ATOM 1084 N N    . ARG C 1 23 ? -3.684  3.615   -15.991 1.00 0.00 ? 23 ARG C N    1 
ATOM 1085 C CA   . ARG C 1 23 ? -5.062  3.255   -16.431 1.00 0.00 ? 23 ARG C CA   1 
ATOM 1086 C C    . ARG C 1 23 ? -5.750  4.488   -17.017 1.00 0.00 ? 23 ARG C C    1 
ATOM 1087 O O    . ARG C 1 23 ? -5.891  4.547   -18.228 1.00 0.00 ? 23 ARG C O    1 
ATOM 1088 C CB   . ARG C 1 23 ? -6.026  2.522   -15.424 1.00 0.00 ? 23 ARG C CB   1 
ATOM 1089 C CG   . ARG C 1 23 ? -7.586  2.783   -15.441 1.00 0.00 ? 23 ARG C CG   1 
ATOM 1090 C CD   . ARG C 1 23 ? -8.246  2.962   -14.059 1.00 0.00 ? 23 ARG C CD   1 
ATOM 1091 N NE   . ARG C 1 23 ? -9.713  2.749   -14.121 1.00 0.00 ? 23 ARG C NE   1 
ATOM 1092 C CZ   . ARG C 1 23 ? -10.483 2.358   -13.086 1.00 0.00 ? 23 ARG C CZ   1 
ATOM 1093 N NH1  . ARG C 1 23 ? -10.022 2.123   -11.860 1.00 0.00 ? 23 ARG C NH1  1 
ATOM 1094 N NH2  . ARG C 1 23 ? -11.775 2.199   -13.300 1.00 0.00 ? 23 ARG C NH2  1 
ATOM 1095 O OXT  . ARG C 1 23 ? -6.264  5.351   -16.268 1.00 0.00 ? 23 ARG C OXT  1 
ATOM 1096 H H    . ARG C 1 23 ? -3.447  4.510   -15.549 1.00 0.00 ? 23 ARG C H    1 
ATOM 1097 H HA   . ARG C 1 23 ? -4.999  2.562   -17.296 1.00 0.00 ? 23 ARG C HA   1 
ATOM 1098 H HB2  . ARG C 1 23 ? -5.863  1.444   -15.598 1.00 0.00 ? 23 ARG C HB2  1 
ATOM 1099 H HB3  . ARG C 1 23 ? -5.670  2.606   -14.389 1.00 0.00 ? 23 ARG C HB3  1 
ATOM 1100 H HG2  . ARG C 1 23 ? -7.887  3.671   -16.014 1.00 0.00 ? 23 ARG C HG2  1 
ATOM 1101 H HG3  . ARG C 1 23 ? -8.088  2.011   -16.041 1.00 0.00 ? 23 ARG C HG3  1 
ATOM 1102 H HD2  . ARG C 1 23 ? -7.778  2.294   -13.314 1.00 0.00 ? 23 ARG C HD2  1 
ATOM 1103 H HD3  . ARG C 1 23 ? -8.051  3.991   -13.706 1.00 0.00 ? 23 ARG C HD3  1 
ATOM 1104 H HH11 . ARG C 1 23 ? -9.015  2.253   -11.715 1.00 0.00 ? 23 ARG C HH11 1 
ATOM 1105 H HH12 . ARG C 1 23 ? -10.711 1.831   -11.158 1.00 0.00 ? 23 ARG C HH12 1 
ATOM 1106 H HH21 . ARG C 1 23 ? -12.110 2.386   -14.252 1.00 0.00 ? 23 ARG C HH21 1 
ATOM 1107 H HH22 . ARG C 1 23 ? -12.340 1.901   -12.497 1.00 0.00 ? 23 ARG C HH22 1 
ATOM 1108 N N    . GLU D 1 1  ? 6.546   6.338   17.764  1.00 0.00 ? 1  GLU D N    1 
ATOM 1109 C CA   . GLU D 1 1  ? 5.714   6.577   16.549  1.00 0.00 ? 1  GLU D CA   1 
ATOM 1110 C C    . GLU D 1 1  ? 6.475   7.478   15.576  1.00 0.00 ? 1  GLU D C    1 
ATOM 1111 O O    . GLU D 1 1  ? 6.207   7.497   14.392  1.00 0.00 ? 1  GLU D O    1 
ATOM 1112 C CB   . GLU D 1 1  ? 4.326   7.134   16.973  1.00 0.00 ? 1  GLU D CB   1 
ATOM 1113 C CG   . GLU D 1 1  ? 3.263   7.300   15.859  1.00 0.00 ? 1  GLU D CG   1 
ATOM 1114 C CD   . GLU D 1 1  ? 2.816   5.993   15.194  1.00 0.00 ? 1  GLU D CD   1 
ATOM 1115 O OE1  . GLU D 1 1  ? 2.006   5.254   15.798  1.00 0.00 ? 1  GLU D OE1  1 
ATOM 1116 O OE2  . GLU D 1 1  ? 3.267   5.701   14.066  1.00 0.00 ? 1  GLU D OE2  1 
ATOM 1117 H H1   . GLU D 1 1  ? 6.691   7.219   18.271  1.00 0.00 ? 1  GLU D H1   1 
ATOM 1118 H H2   . GLU D 1 1  ? 6.048   5.723   18.416  1.00 0.00 ? 1  GLU D H2   1 
ATOM 1119 H HA   . GLU D 1 1  ? 5.562   5.595   16.070  1.00 0.00 ? 1  GLU D HA   1 
ATOM 1120 H HB2  . GLU D 1 1  ? 3.892   6.486   17.759  1.00 0.00 ? 1  GLU D HB2  1 
ATOM 1121 H HB3  . GLU D 1 1  ? 4.461   8.117   17.464  1.00 0.00 ? 1  GLU D HB3  1 
ATOM 1122 H HG2  . GLU D 1 1  ? 2.372   7.795   16.289  1.00 0.00 ? 1  GLU D HG2  1 
ATOM 1123 H HG3  . GLU D 1 1  ? 3.629   8.004   15.088  1.00 0.00 ? 1  GLU D HG3  1 
ATOM 1124 N N    . LYS D 1 2  ? 7.422   8.232   16.065  1.00 0.00 ? 2  LYS D N    1 
ATOM 1125 C CA   . LYS D 1 2  ? 8.196   9.132   15.165  1.00 0.00 ? 2  LYS D CA   1 
ATOM 1126 C C    . LYS D 1 2  ? 8.985   8.292   14.160  1.00 0.00 ? 2  LYS D C    1 
ATOM 1127 O O    . LYS D 1 2  ? 8.830   8.429   12.963  1.00 0.00 ? 2  LYS D O    1 
ATOM 1128 C CB   . LYS D 1 2  ? 9.075   10.142  15.964  1.00 0.00 ? 2  LYS D CB   1 
ATOM 1129 C CG   . LYS D 1 2  ? 8.353   11.341  16.626  1.00 0.00 ? 2  LYS D CG   1 
ATOM 1130 C CD   . LYS D 1 2  ? 7.531   11.018  17.895  1.00 0.00 ? 2  LYS D CD   1 
ATOM 1131 C CE   . LYS D 1 2  ? 6.905   12.244  18.591  1.00 0.00 ? 2  LYS D CE   1 
ATOM 1132 N NZ   . LYS D 1 2  ? 7.896   13.103  19.268  1.00 0.00 ? 2  LYS D NZ   1 
ATOM 1133 H H    . LYS D 1 2  ? 7.586   8.162   17.075  1.00 0.00 ? 2  LYS D H    1 
ATOM 1134 H HA   . LYS D 1 2  ? 7.481   9.745   14.579  1.00 0.00 ? 2  LYS D HA   1 
ATOM 1135 H HB2  . LYS D 1 2  ? 9.694   9.612   16.714  1.00 0.00 ? 2  LYS D HB2  1 
ATOM 1136 H HB3  . LYS D 1 2  ? 9.813   10.578  15.264  1.00 0.00 ? 2  LYS D HB3  1 
ATOM 1137 H HG2  . LYS D 1 2  ? 9.125   12.088  16.889  1.00 0.00 ? 2  LYS D HG2  1 
ATOM 1138 H HG3  . LYS D 1 2  ? 7.711   11.844  15.879  1.00 0.00 ? 2  LYS D HG3  1 
ATOM 1139 H HD2  . LYS D 1 2  ? 6.706   10.337  17.623  1.00 0.00 ? 2  LYS D HD2  1 
ATOM 1140 H HD3  . LYS D 1 2  ? 8.149   10.452  18.616  1.00 0.00 ? 2  LYS D HD3  1 
ATOM 1141 H HE2  . LYS D 1 2  ? 6.328   12.848  17.867  1.00 0.00 ? 2  LYS D HE2  1 
ATOM 1142 H HE3  . LYS D 1 2  ? 6.173   11.900  19.342  1.00 0.00 ? 2  LYS D HE3  1 
ATOM 1143 H HZ1  . LYS D 1 2  ? 7.423   13.873  19.752  1.00 0.00 ? 2  LYS D HZ1  1 
ATOM 1144 H HZ2  . LYS D 1 2  ? 8.380   12.571  20.001  1.00 0.00 ? 2  LYS D HZ2  1 
ATOM 1145 N N    . MET D 1 3  ? 9.834   7.420   14.638  1.00 0.00 ? 3  MET D N    1 
ATOM 1146 C CA   . MET D 1 3  ? 10.627  6.569   13.707  1.00 0.00 ? 3  MET D CA   1 
ATOM 1147 C C    . MET D 1 3  ? 9.687   5.647   12.930  1.00 0.00 ? 3  MET D C    1 
ATOM 1148 O O    . MET D 1 3  ? 10.021  5.147   11.876  1.00 0.00 ? 3  MET D O    1 
ATOM 1149 C CB   . MET D 1 3  ? 11.718  5.815   14.516  1.00 0.00 ? 3  MET D CB   1 
ATOM 1150 C CG   . MET D 1 3  ? 12.767  5.067   13.676  1.00 0.00 ? 3  MET D CG   1 
ATOM 1151 S SD   . MET D 1 3  ? 13.645  6.220   12.597  1.00 0.00 ? 3  MET D SD   1 
ATOM 1152 C CE   . MET D 1 3  ? 14.746  5.092   11.721  1.00 0.00 ? 3  MET D CE   1 
ATOM 1153 H H    . MET D 1 3  ? 9.907   7.364   15.658  1.00 0.00 ? 3  MET D H    1 
ATOM 1154 H HA   . MET D 1 3  ? 11.145  7.230   12.984  1.00 0.00 ? 3  MET D HA   1 
ATOM 1155 H HB2  . MET D 1 3  ? 12.265  6.531   15.158  1.00 0.00 ? 3  MET D HB2  1 
ATOM 1156 H HB3  . MET D 1 3  ? 11.245  5.101   15.217  1.00 0.00 ? 3  MET D HB3  1 
ATOM 1157 H HG2  . MET D 1 3  ? 13.495  4.562   14.338  1.00 0.00 ? 3  MET D HG2  1 
ATOM 1158 H HG3  . MET D 1 3  ? 12.296  4.271   13.068  1.00 0.00 ? 3  MET D HG3  1 
ATOM 1159 H HE1  . MET D 1 3  ? 14.170  4.329   11.168  1.00 0.00 ? 3  MET D HE1  1 
ATOM 1160 H HE2  . MET D 1 3  ? 15.422  4.574   12.425  1.00 0.00 ? 3  MET D HE2  1 
ATOM 1161 H HE3  . MET D 1 3  ? 15.367  5.646   10.993  1.00 0.00 ? 3  MET D HE3  1 
ATOM 1162 N N    . SER D 1 4  ? 8.510   5.417   13.447  1.00 0.00 ? 4  SER D N    1 
ATOM 1163 C CA   . SER D 1 4  ? 7.547   4.528   12.739  1.00 0.00 ? 4  SER D CA   1 
ATOM 1164 C C    . SER D 1 4  ? 6.976   5.264   11.526  1.00 0.00 ? 4  SER D C    1 
ATOM 1165 O O    . SER D 1 4  ? 6.749   4.682   10.484  1.00 0.00 ? 4  SER D O    1 
ATOM 1166 C CB   . SER D 1 4  ? 6.446   4.039   13.703  1.00 0.00 ? 4  SER D CB   1 
ATOM 1167 O OG   . SER D 1 4  ? 5.662   3.018   13.098  1.00 0.00 ? 4  SER D OG   1 
ATOM 1168 H H    . SER D 1 4  ? 8.305   5.876   14.342  1.00 0.00 ? 4  SER D H    1 
ATOM 1169 H HA   . SER D 1 4  ? 8.070   3.614   12.412  1.00 0.00 ? 4  SER D HA   1 
ATOM 1170 H HB2  . SER D 1 4  ? 6.885   3.639   14.637  1.00 0.00 ? 4  SER D HB2  1 
ATOM 1171 H HB3  . SER D 1 4  ? 5.783   4.870   14.000  1.00 0.00 ? 4  SER D HB3  1 
ATOM 1172 H HG   . SER D 1 4  ? 6.270   2.304   12.890  1.00 0.00 ? 4  SER D HG   1 
ATOM 1173 N N    . THR D 1 5  ? 6.749   6.544   11.652  1.00 0.00 ? 5  THR D N    1 
ATOM 1174 C CA   . THR D 1 5  ? 6.200   7.316   10.504  1.00 0.00 ? 5  THR D CA   1 
ATOM 1175 C C    . THR D 1 5  ? 7.340   7.656   9.547   1.00 0.00 ? 5  THR D C    1 
ATOM 1176 O O    . THR D 1 5  ? 7.127   7.969   8.392   1.00 0.00 ? 5  THR D O    1 
ATOM 1177 C CB   . THR D 1 5  ? 5.426   8.593   10.957  1.00 0.00 ? 5  THR D CB   1 
ATOM 1178 O OG1  . THR D 1 5  ? 6.227   9.421   11.798  1.00 0.00 ? 5  THR D OG1  1 
ATOM 1179 C CG2  . THR D 1 5  ? 4.095   8.303   11.672  1.00 0.00 ? 5  THR D CG2  1 
ATOM 1180 H H    . THR D 1 5  ? 6.971   6.960   12.562  1.00 0.00 ? 5  THR D H    1 
ATOM 1181 H HA   . THR D 1 5  ? 5.475   6.700   9.933   1.00 0.00 ? 5  THR D HA   1 
ATOM 1182 H HB   . THR D 1 5  ? 5.170   9.182   10.056  1.00 0.00 ? 5  THR D HB   1 
ATOM 1183 H HG1  . THR D 1 5  ? 5.693   10.195  11.992  1.00 0.00 ? 5  THR D HG1  1 
ATOM 1184 H HG21 . THR D 1 5  ? 3.566   9.237   11.930  1.00 0.00 ? 5  THR D HG21 1 
ATOM 1185 H HG22 . THR D 1 5  ? 4.247   7.743   12.613  1.00 0.00 ? 5  THR D HG22 1 
ATOM 1186 H HG23 . THR D 1 5  ? 3.415   7.706   11.038  1.00 0.00 ? 5  THR D HG23 1 
ATOM 1187 N N    . ALA D 1 6  ? 8.555   7.581   10.018  1.00 0.00 ? 6  ALA D N    1 
ATOM 1188 C CA   . ALA D 1 6  ? 9.712   7.884   9.138   1.00 0.00 ? 6  ALA D CA   1 
ATOM 1189 C C    . ALA D 1 6  ? 10.041  6.636   8.323   1.00 0.00 ? 6  ALA D C    1 
ATOM 1190 O O    . ALA D 1 6  ? 10.499  6.715   7.200   1.00 0.00 ? 6  ALA D O    1 
ATOM 1191 C CB   . ALA D 1 6  ? 10.911  8.343   9.991   1.00 0.00 ? 6  ALA D CB   1 
ATOM 1192 H H    . ALA D 1 6  ? 8.648   7.304   11.002  1.00 0.00 ? 6  ALA D H    1 
ATOM 1193 H HA   . ALA D 1 6  ? 9.478   8.717   8.444   1.00 0.00 ? 6  ALA D HA   1 
ATOM 1194 H HB1  . ALA D 1 6  ? 11.774  8.616   9.358   1.00 0.00 ? 6  ALA D HB1  1 
ATOM 1195 H HB2  . ALA D 1 6  ? 11.256  7.555   10.686  1.00 0.00 ? 6  ALA D HB2  1 
ATOM 1196 H HB3  . ALA D 1 6  ? 10.666  9.234   10.599  1.00 0.00 ? 6  ALA D HB3  1 
ATOM 1197 N N    . ILE D 1 7  ? 9.795   5.483   8.881   1.00 0.00 ? 7  ILE D N    1 
ATOM 1198 C CA   . ILE D 1 7  ? 10.077  4.226   8.140   1.00 0.00 ? 7  ILE D CA   1 
ATOM 1199 C C    . ILE D 1 7  ? 8.997   4.028   7.079   1.00 0.00 ? 7  ILE D C    1 
ATOM 1200 O O    . ILE D 1 7  ? 9.271   3.624   5.966   1.00 0.00 ? 7  ILE D O    1 
ATOM 1201 C CB   . ILE D 1 7  ? 10.418  2.932   8.960   1.00 0.00 ? 7  ILE D CB   1 
ATOM 1202 C CG1  . ILE D 1 7  ? 9.280   2.399   9.873   1.00 0.00 ? 7  ILE D CG1  1 
ATOM 1203 C CG2  . ILE D 1 7  ? 11.763  3.087   9.716   1.00 0.00 ? 7  ILE D CG2  1 
ATOM 1204 C CD1  . ILE D 1 7  ? 9.460   0.975   10.426  1.00 0.00 ? 7  ILE D CD1  1 
ATOM 1205 H H    . ILE D 1 7  ? 9.405   5.507   9.829   1.00 0.00 ? 7  ILE D H    1 
ATOM 1206 H HA   . ILE D 1 7  ? 11.004  4.383   7.550   1.00 0.00 ? 7  ILE D HA   1 
ATOM 1207 H HB   . ILE D 1 7  ? 10.601  2.140   8.208   1.00 0.00 ? 7  ILE D HB   1 
ATOM 1208 H HG12 . ILE D 1 7  ? 9.141   3.097   10.707  1.00 0.00 ? 7  ILE D HG12 1 
ATOM 1209 H HG13 . ILE D 1 7  ? 8.321   2.411   9.325   1.00 0.00 ? 7  ILE D HG13 1 
ATOM 1210 H HG21 . ILE D 1 7  ? 12.578  3.394   9.034   1.00 0.00 ? 7  ILE D HG21 1 
ATOM 1211 H HG22 . ILE D 1 7  ? 12.090  2.140   10.182  1.00 0.00 ? 7  ILE D HG22 1 
ATOM 1212 H HG23 . ILE D 1 7  ? 11.710  3.845   10.516  1.00 0.00 ? 7  ILE D HG23 1 
ATOM 1213 H HD11 . ILE D 1 7  ? 9.586   0.235   9.616   1.00 0.00 ? 7  ILE D HD11 1 
ATOM 1214 H HD12 . ILE D 1 7  ? 8.578   0.668   11.017  1.00 0.00 ? 7  ILE D HD12 1 
ATOM 1215 H HD13 . ILE D 1 7  ? 10.338  0.897   11.094  1.00 0.00 ? 7  ILE D HD13 1 
ATOM 1216 N N    . SER D 1 8  ? 7.769   4.325   7.411   1.00 0.00 ? 8  SER D N    1 
ATOM 1217 C CA   . SER D 1 8  ? 6.675   4.168   6.416   1.00 0.00 ? 8  SER D CA   1 
ATOM 1218 C C    . SER D 1 8  ? 6.868   5.201   5.308   1.00 0.00 ? 8  SER D C    1 
ATOM 1219 O O    . SER D 1 8  ? 6.619   4.936   4.150   1.00 0.00 ? 8  SER D O    1 
ATOM 1220 C CB   . SER D 1 8  ? 5.314   4.294   7.138   1.00 0.00 ? 8  SER D CB   1 
ATOM 1221 O OG   . SER D 1 8  ? 4.239   4.051   6.239   1.00 0.00 ? 8  SER D OG   1 
ATOM 1222 H H    . SER D 1 8  ? 7.624   4.664   8.368   1.00 0.00 ? 8  SER D H    1 
ATOM 1223 H HA   . SER D 1 8  ? 6.721   3.152   5.972   1.00 0.00 ? 8  SER D HA   1 
ATOM 1224 H HB2  . SER D 1 8  ? 5.245   3.569   7.971   1.00 0.00 ? 8  SER D HB2  1 
ATOM 1225 H HB3  . SER D 1 8  ? 5.190   5.296   7.594   1.00 0.00 ? 8  SER D HB3  1 
ATOM 1226 H HG   . SER D 1 8  ? 3.435   4.138   6.757   1.00 0.00 ? 8  SER D HG   1 
ATOM 1227 N N    . VAL D 1 9  ? 7.321   6.375   5.656   1.00 0.00 ? 9  VAL D N    1 
ATOM 1228 C CA   . VAL D 1 9  ? 7.544   7.422   4.621   1.00 0.00 ? 9  VAL D CA   1 
ATOM 1229 C C    . VAL D 1 9  ? 8.568   6.898   3.613   1.00 0.00 ? 9  VAL D C    1 
ATOM 1230 O O    . VAL D 1 9  ? 8.387   7.007   2.416   1.00 0.00 ? 9  VAL D O    1 
ATOM 1231 C CB   . VAL D 1 9  ? 7.816   8.836   5.250   1.00 0.00 ? 9  VAL D CB   1 
ATOM 1232 C CG1  . VAL D 1 9  ? 8.501   9.863   4.316   1.00 0.00 ? 9  VAL D CG1  1 
ATOM 1233 C CG2  . VAL D 1 9  ? 6.503   9.487   5.756   1.00 0.00 ? 9  VAL D CG2  1 
ATOM 1234 H H    . VAL D 1 9  ? 7.509   6.515   6.654   1.00 0.00 ? 9  VAL D H    1 
ATOM 1235 H HA   . VAL D 1 9  ? 6.602   7.527   4.045   1.00 0.00 ? 9  VAL D HA   1 
ATOM 1236 H HB   . VAL D 1 9  ? 8.492   8.709   6.117   1.00 0.00 ? 9  VAL D HB   1 
ATOM 1237 H HG11 . VAL D 1 9  ? 8.651   10.842  4.812   1.00 0.00 ? 9  VAL D HG11 1 
ATOM 1238 H HG12 . VAL D 1 9  ? 7.915   10.045  3.395   1.00 0.00 ? 9  VAL D HG12 1 
ATOM 1239 H HG13 . VAL D 1 9  ? 9.504   9.521   4.000   1.00 0.00 ? 9  VAL D HG13 1 
ATOM 1240 H HG21 . VAL D 1 9  ? 5.836   9.777   4.922   1.00 0.00 ? 9  VAL D HG21 1 
ATOM 1241 H HG22 . VAL D 1 9  ? 6.699   10.398  6.352   1.00 0.00 ? 9  VAL D HG22 1 
ATOM 1242 H HG23 . VAL D 1 9  ? 5.915   8.806   6.398   1.00 0.00 ? 9  VAL D HG23 1 
ATOM 1243 N N    . LEU D 1 10 ? 9.638   6.323   4.088   1.00 0.00 ? 10 LEU D N    1 
ATOM 1244 C CA   . LEU D 1 10 ? 10.664  5.784   3.157   1.00 0.00 ? 10 LEU D CA   1 
ATOM 1245 C C    . LEU D 1 10 ? 9.982   4.883   2.127   1.00 0.00 ? 10 LEU D C    1 
ATOM 1246 O O    . LEU D 1 10 ? 10.100  5.089   0.935   1.00 0.00 ? 10 LEU D O    1 
ATOM 1247 C CB   . LEU D 1 10 ? 11.841  5.092   3.908   1.00 0.00 ? 10 LEU D CB   1 
ATOM 1248 C CG   . LEU D 1 10 ? 12.803  6.021   4.703   1.00 0.00 ? 10 LEU D CG   1 
ATOM 1249 C CD1  . LEU D 1 10 ? 13.683  5.200   5.669   1.00 0.00 ? 10 LEU D CD1  1 
ATOM 1250 C CD2  . LEU D 1 10 ? 13.694  6.888   3.790   1.00 0.00 ? 10 LEU D CD2  1 
ATOM 1251 H H    . LEU D 1 10 ? 9.714   6.268   5.110   1.00 0.00 ? 10 LEU D H    1 
ATOM 1252 H HA   . LEU D 1 10 ? 11.089  6.638   2.596   1.00 0.00 ? 10 LEU D HA   1 
ATOM 1253 H HB2  . LEU D 1 10 ? 11.419  4.326   4.588   1.00 0.00 ? 10 LEU D HB2  1 
ATOM 1254 H HB3  . LEU D 1 10 ? 12.443  4.509   3.185   1.00 0.00 ? 10 LEU D HB3  1 
ATOM 1255 H HG   . LEU D 1 10 ? 12.199  6.707   5.322   1.00 0.00 ? 10 LEU D HG   1 
ATOM 1256 H HD11 . LEU D 1 10 ? 13.071  4.613   6.379   1.00 0.00 ? 10 LEU D HD11 1 
ATOM 1257 H HD12 . LEU D 1 10 ? 14.336  5.851   6.280   1.00 0.00 ? 10 LEU D HD12 1 
ATOM 1258 H HD13 . LEU D 1 10 ? 14.336  4.486   5.133   1.00 0.00 ? 10 LEU D HD13 1 
ATOM 1259 H HD21 . LEU D 1 10 ? 13.097  7.560   3.147   1.00 0.00 ? 10 LEU D HD21 1 
ATOM 1260 H HD22 . LEU D 1 10 ? 14.328  6.275   3.123   1.00 0.00 ? 10 LEU D HD22 1 
ATOM 1261 H HD23 . LEU D 1 10 ? 14.369  7.539   4.378   1.00 0.00 ? 10 LEU D HD23 1 
ATOM 1262 N N    . LEU D 1 11 ? 9.260   3.891   2.574   1.00 0.00 ? 11 LEU D N    1 
ATOM 1263 C CA   . LEU D 1 11 ? 8.565   2.991   1.614   1.00 0.00 ? 11 LEU D CA   1 
ATOM 1264 C C    . LEU D 1 11 ? 7.646   3.829   0.724   1.00 0.00 ? 11 LEU D C    1 
ATOM 1265 O O    . LEU D 1 11 ? 7.429   3.519   -0.430  1.00 0.00 ? 11 LEU D O    1 
ATOM 1266 C CB   . LEU D 1 11 ? 7.838   1.801   2.301   1.00 0.00 ? 11 LEU D CB   1 
ATOM 1267 C CG   . LEU D 1 11 ? 8.690   0.651   2.919   1.00 0.00 ? 11 LEU D CG   1 
ATOM 1268 C CD1  . LEU D 1 11 ? 9.767   0.081   1.969   1.00 0.00 ? 11 LEU D CD1  1 
ATOM 1269 C CD2  . LEU D 1 11 ? 9.303   0.985   4.290   1.00 0.00 ? 11 LEU D CD2  1 
ATOM 1270 H H    . LEU D 1 11 ? 9.206   3.787   3.593   1.00 0.00 ? 11 LEU D H    1 
ATOM 1271 H HA   . LEU D 1 11 ? 9.329   2.562   0.940   1.00 0.00 ? 11 LEU D HA   1 
ATOM 1272 H HB2  . LEU D 1 11 ? 7.127   2.184   3.059   1.00 0.00 ? 11 LEU D HB2  1 
ATOM 1273 H HB3  . LEU D 1 11 ? 7.185   1.324   1.544   1.00 0.00 ? 11 LEU D HB3  1 
ATOM 1274 H HG   . LEU D 1 11 ? 7.976   -0.169  3.114   1.00 0.00 ? 11 LEU D HG   1 
ATOM 1275 H HD11 . LEU D 1 11 ? 10.579  0.806   1.772   1.00 0.00 ? 11 LEU D HD11 1 
ATOM 1276 H HD12 . LEU D 1 11 ? 9.335   -0.201  0.990   1.00 0.00 ? 11 LEU D HD12 1 
ATOM 1277 H HD13 . LEU D 1 11 ? 10.240  -0.826  2.385   1.00 0.00 ? 11 LEU D HD13 1 
ATOM 1278 H HD21 . LEU D 1 11 ? 8.533   1.333   5.000   1.00 0.00 ? 11 LEU D HD21 1 
ATOM 1279 H HD22 . LEU D 1 11 ? 10.080  1.771   4.224   1.00 0.00 ? 11 LEU D HD22 1 
ATOM 1280 H HD23 . LEU D 1 11 ? 9.780   0.099   4.749   1.00 0.00 ? 11 LEU D HD23 1 
ATOM 1281 N N    . ALA D 1 12 ? 7.111   4.897   1.252   1.00 0.00 ? 12 ALA D N    1 
ATOM 1282 C CA   . ALA D 1 12 ? 6.216   5.760   0.435   1.00 0.00 ? 12 ALA D CA   1 
ATOM 1283 C C    . ALA D 1 12 ? 6.953   6.175   -0.837  1.00 0.00 ? 12 ALA D C    1 
ATOM 1284 O O    . ALA D 1 12 ? 6.503   5.928   -1.937  1.00 0.00 ? 12 ALA D O    1 
ATOM 1285 C CB   . ALA D 1 12 ? 5.569   6.915   1.213   1.00 0.00 ? 12 ALA D CB   1 
ATOM 1286 H H    . ALA D 1 12 ? 7.347   5.089   2.232   1.00 0.00 ? 12 ALA D H    1 
ATOM 1287 H HA   . ALA D 1 12 ? 5.363   5.125   0.121   1.00 0.00 ? 12 ALA D HA   1 
ATOM 1288 H HB1  . ALA D 1 12 ? 4.787   7.376   0.592   1.00 0.00 ? 12 ALA D HB1  1 
ATOM 1289 H HB2  . ALA D 1 12 ? 6.276   7.723   1.475   1.00 0.00 ? 12 ALA D HB2  1 
ATOM 1290 H HB3  . ALA D 1 12 ? 5.086   6.571   2.146   1.00 0.00 ? 12 ALA D HB3  1 
ATOM 1291 N N    . GLN D 1 13 ? 8.091   6.799   -0.694  1.00 0.00 ? 13 GLN D N    1 
ATOM 1292 C CA   . GLN D 1 13 ? 8.862   7.217   -1.897  1.00 0.00 ? 13 GLN D CA   1 
ATOM 1293 C C    . GLN D 1 13 ? 9.191   5.980   -2.732  1.00 0.00 ? 13 GLN D C    1 
ATOM 1294 O O    . GLN D 1 13 ? 9.271   6.039   -3.943  1.00 0.00 ? 13 GLN D O    1 
ATOM 1295 C CB   . GLN D 1 13 ? 10.131  8.028   -1.512  1.00 0.00 ? 13 GLN D CB   1 
ATOM 1296 C CG   . GLN D 1 13 ? 9.892   9.392   -0.819  1.00 0.00 ? 13 GLN D CG   1 
ATOM 1297 C CD   . GLN D 1 13 ? 9.171   10.439  -1.691  1.00 0.00 ? 13 GLN D CD   1 
ATOM 1298 O OE1  . GLN D 1 13 ? 9.748   11.005  -2.618  1.00 0.00 ? 13 GLN D OE1  1 
ATOM 1299 N NE2  . GLN D 1 13 ? 7.903   10.711  -1.418  1.00 0.00 ? 13 GLN D NE2  1 
ATOM 1300 H H    . GLN D 1 13 ? 8.404   6.967   0.268   1.00 0.00 ? 13 GLN D H    1 
ATOM 1301 H HA   . GLN D 1 13 ? 8.221   7.874   -2.517  1.00 0.00 ? 13 GLN D HA   1 
ATOM 1302 H HB2  . GLN D 1 13 ? 10.778  7.413   -0.858  1.00 0.00 ? 13 GLN D HB2  1 
ATOM 1303 H HB3  . GLN D 1 13 ? 10.741  8.205   -2.419  1.00 0.00 ? 13 GLN D HB3  1 
ATOM 1304 H HG2  . GLN D 1 13 ? 9.364   9.237   0.142   1.00 0.00 ? 13 GLN D HG2  1 
ATOM 1305 H HG3  . GLN D 1 13 ? 10.873  9.812   -0.528  1.00 0.00 ? 13 GLN D HG3  1 
ATOM 1306 H HE21 . GLN D 1 13 ? 7.483   10.203  -0.633  1.00 0.00 ? 13 GLN D HE21 1 
ATOM 1307 H HE22 . GLN D 1 13 ? 7.446   11.410  -2.015  1.00 0.00 ? 13 GLN D HE22 1 
ATOM 1308 N N    . ALA D 1 14 ? 9.374   4.854   -2.093  1.00 0.00 ? 14 ALA D N    1 
ATOM 1309 C CA   . ALA D 1 14 ? 9.688   3.610   -2.849  1.00 0.00 ? 14 ALA D CA   1 
ATOM 1310 C C    . ALA D 1 14 ? 8.545   3.320   -3.822  1.00 0.00 ? 14 ALA D C    1 
ATOM 1311 O O    . ALA D 1 14 ? 8.755   2.864   -4.928  1.00 0.00 ? 14 ALA D O    1 
ATOM 1312 C CB   . ALA D 1 14 ? 10.037  2.415   -1.945  1.00 0.00 ? 14 ALA D CB   1 
ATOM 1313 H H    . ALA D 1 14 ? 9.286   4.890   -1.072  1.00 0.00 ? 14 ALA D H    1 
ATOM 1314 H HA   . ALA D 1 14 ? 10.598  3.804   -3.452  1.00 0.00 ? 14 ALA D HA   1 
ATOM 1315 H HB1  . ALA D 1 14 ? 10.429  1.569   -2.539  1.00 0.00 ? 14 ALA D HB1  1 
ATOM 1316 H HB2  . ALA D 1 14 ? 9.166   2.028   -1.387  1.00 0.00 ? 14 ALA D HB2  1 
ATOM 1317 H HB3  . ALA D 1 14 ? 10.817  2.674   -1.205  1.00 0.00 ? 14 ALA D HB3  1 
ATOM 1318 N N    . VAL D 1 15 ? 7.332   3.593   -3.421  1.00 0.00 ? 15 VAL D N    1 
ATOM 1319 C CA   . VAL D 1 15 ? 6.175   3.348   -4.323  1.00 0.00 ? 15 VAL D CA   1 
ATOM 1320 C C    . VAL D 1 15 ? 6.097   4.480   -5.347  1.00 0.00 ? 15 VAL D C    1 
ATOM 1321 O O    . VAL D 1 15 ? 5.699   4.282   -6.478  1.00 0.00 ? 15 VAL D O    1 
ATOM 1322 C CB   . VAL D 1 15 ? 4.863   3.171   -3.469  1.00 0.00 ? 15 VAL D CB   1 
ATOM 1323 C CG1  . VAL D 1 15 ? 3.547   3.121   -4.288  1.00 0.00 ? 15 VAL D CG1  1 
ATOM 1324 C CG2  . VAL D 1 15 ? 4.899   1.907   -2.572  1.00 0.00 ? 15 VAL D CG2  1 
ATOM 1325 H H    . VAL D 1 15 ? 7.241   3.980   -2.475  1.00 0.00 ? 15 VAL D H    1 
ATOM 1326 H HA   . VAL D 1 15 ? 6.319   2.389   -4.856  1.00 0.00 ? 15 VAL D HA   1 
ATOM 1327 H HB   . VAL D 1 15 ? 4.768   4.045   -2.795  1.00 0.00 ? 15 VAL D HB   1 
ATOM 1328 H HG11 . VAL D 1 15 ? 2.660   3.002   -3.639  1.00 0.00 ? 15 VAL D HG11 1 
ATOM 1329 H HG12 . VAL D 1 15 ? 3.535   2.289   -5.015  1.00 0.00 ? 15 VAL D HG12 1 
ATOM 1330 H HG13 . VAL D 1 15 ? 3.383   4.054   -4.861  1.00 0.00 ? 15 VAL D HG13 1 
ATOM 1331 H HG21 . VAL D 1 15 ? 5.758   1.916   -1.878  1.00 0.00 ? 15 VAL D HG21 1 
ATOM 1332 H HG22 . VAL D 1 15 ? 4.976   0.980   -3.169  1.00 0.00 ? 15 VAL D HG22 1 
ATOM 1333 H HG23 . VAL D 1 15 ? 3.993   1.820   -1.943  1.00 0.00 ? 15 VAL D HG23 1 
ATOM 1334 N N    . PHE D 1 16 ? 6.483   5.666   -4.958  1.00 0.00 ? 16 PHE D N    1 
ATOM 1335 C CA   . PHE D 1 16 ? 6.444   6.814   -5.908  1.00 0.00 ? 16 PHE D CA   1 
ATOM 1336 C C    . PHE D 1 16 ? 7.302   6.478   -7.129  1.00 0.00 ? 16 PHE D C    1 
ATOM 1337 O O    . PHE D 1 16 ? 6.820   6.437   -8.242  1.00 0.00 ? 16 PHE D O    1 
ATOM 1338 C CB   . PHE D 1 16 ? 6.778   8.161   -5.201  1.00 0.00 ? 16 PHE D CB   1 
ATOM 1339 C CG   . PHE D 1 16 ? 6.403   9.398   -6.039  1.00 0.00 ? 16 PHE D CG   1 
ATOM 1340 C CD1  . PHE D 1 16 ? 7.319   9.944   -6.946  1.00 0.00 ? 16 PHE D CD1  1 
ATOM 1341 C CD2  . PHE D 1 16 ? 5.116   9.942   -5.952  1.00 0.00 ? 16 PHE D CD2  1 
ATOM 1342 C CE1  . PHE D 1 16 ? 6.947   11.008  -7.763  1.00 0.00 ? 16 PHE D CE1  1 
ATOM 1343 C CE2  . PHE D 1 16 ? 4.748   11.008  -6.770  1.00 0.00 ? 16 PHE D CE2  1 
ATOM 1344 C CZ   . PHE D 1 16 ? 5.662   11.538  -7.675  1.00 0.00 ? 16 PHE D CZ   1 
ATOM 1345 H H    . PHE D 1 16 ? 6.807   5.745   -3.989  1.00 0.00 ? 16 PHE D H    1 
ATOM 1346 H HA   . PHE D 1 16 ? 5.403   6.903   -6.231  1.00 0.00 ? 16 PHE D HA   1 
ATOM 1347 H HB2  . PHE D 1 16 ? 6.249   8.213   -4.229  1.00 0.00 ? 16 PHE D HB2  1 
ATOM 1348 H HB3  . PHE D 1 16 ? 7.849   8.195   -4.925  1.00 0.00 ? 16 PHE D HB3  1 
ATOM 1349 H HD1  . PHE D 1 16 ? 8.313   9.530   -7.039  1.00 0.00 ? 16 PHE D HD1  1 
ATOM 1350 H HD2  . PHE D 1 16 ? 4.388   9.527   -5.268  1.00 0.00 ? 16 PHE D HD2  1 
ATOM 1351 H HE1  . PHE D 1 16 ? 7.653   11.418  -8.471  1.00 0.00 ? 16 PHE D HE1  1 
ATOM 1352 H HE2  . PHE D 1 16 ? 3.750   11.416  -6.707  1.00 0.00 ? 16 PHE D HE2  1 
ATOM 1353 H HZ   . PHE D 1 16 ? 5.373   12.360  -8.314  1.00 0.00 ? 16 PHE D HZ   1 
ATOM 1354 N N    . LEU D 1 17 ? 8.567   6.229   -6.926  1.00 0.00 ? 17 LEU D N    1 
ATOM 1355 C CA   . LEU D 1 17 ? 9.446   5.885   -8.078  1.00 0.00 ? 17 LEU D CA   1 
ATOM 1356 C C    . LEU D 1 17 ? 8.810   4.732   -8.858  1.00 0.00 ? 17 LEU D C    1 
ATOM 1357 O O    . LEU D 1 17 ? 9.089   4.523   -10.021 1.00 0.00 ? 17 LEU D O    1 
ATOM 1358 C CB   . LEU D 1 17 ? 10.878  5.521   -7.589  1.00 0.00 ? 17 LEU D CB   1 
ATOM 1359 C CG   . LEU D 1 17 ? 11.688  6.639   -6.869  1.00 0.00 ? 17 LEU D CG   1 
ATOM 1360 C CD1  . LEU D 1 17 ? 12.974  6.061   -6.247  1.00 0.00 ? 17 LEU D CD1  1 
ATOM 1361 C CD2  . LEU D 1 17 ? 12.032  7.826   -7.793  1.00 0.00 ? 17 LEU D CD2  1 
ATOM 1362 H H    . LEU D 1 17 ? 8.896   6.281   -5.956  1.00 0.00 ? 17 LEU D H    1 
ATOM 1363 H HA   . LEU D 1 17 ? 9.513   6.759   -8.751  1.00 0.00 ? 17 LEU D HA   1 
ATOM 1364 H HB2  . LEU D 1 17 ? 10.803  4.642   -6.917  1.00 0.00 ? 17 LEU D HB2  1 
ATOM 1365 H HB3  . LEU D 1 17 ? 11.472  5.159   -8.451  1.00 0.00 ? 17 LEU D HB3  1 
ATOM 1366 H HG   . LEU D 1 17 ? 11.080  7.030   -6.033  1.00 0.00 ? 17 LEU D HG   1 
ATOM 1367 H HD11 . LEU D 1 17 ? 13.656  5.641   -7.011  1.00 0.00 ? 17 LEU D HD11 1 
ATOM 1368 H HD12 . LEU D 1 17 ? 12.749  5.250   -5.529  1.00 0.00 ? 17 LEU D HD12 1 
ATOM 1369 H HD13 . LEU D 1 17 ? 13.539  6.830   -5.688  1.00 0.00 ? 17 LEU D HD13 1 
ATOM 1370 H HD21 . LEU D 1 17 ? 11.121  8.324   -8.176  1.00 0.00 ? 17 LEU D HD21 1 
ATOM 1371 H HD22 . LEU D 1 17 ? 12.629  7.512   -8.670  1.00 0.00 ? 17 LEU D HD22 1 
ATOM 1372 H HD23 . LEU D 1 17 ? 12.612  8.602   -7.261  1.00 0.00 ? 17 LEU D HD23 1 
ATOM 1373 N N    . LEU D 1 18 ? 7.949   3.983   -8.220  1.00 0.00 ? 18 LEU D N    1 
ATOM 1374 C CA   . LEU D 1 18 ? 7.286   2.845   -8.917  1.00 0.00 ? 18 LEU D CA   1 
ATOM 1375 C C    . LEU D 1 18 ? 6.370   3.390   -10.013 1.00 0.00 ? 18 LEU D C    1 
ATOM 1376 O O    . LEU D 1 18 ? 6.480   3.025   -11.166 1.00 0.00 ? 18 LEU D O    1 
ATOM 1377 C CB   . LEU D 1 18 ? 6.687   1.803   -7.911  1.00 0.00 ? 18 LEU D CB   1 
ATOM 1378 C CG   . LEU D 1 18 ? 5.415   0.915   -8.129  1.00 0.00 ? 18 LEU D CG   1 
ATOM 1379 C CD1  . LEU D 1 18 ? 5.137   0.108   -6.836  1.00 0.00 ? 18 LEU D CD1  1 
ATOM 1380 C CD2  . LEU D 1 18 ? 4.099   1.630   -8.487  1.00 0.00 ? 18 LEU D CD2  1 
ATOM 1381 H H    . LEU D 1 18 ? 7.770   4.229   -7.240  1.00 0.00 ? 18 LEU D H    1 
ATOM 1382 H HA   . LEU D 1 18 ? 8.072   2.276   -9.456  1.00 0.00 ? 18 LEU D HA   1 
ATOM 1383 H HB2  . LEU D 1 18 ? 7.513   1.103   -7.740  1.00 0.00 ? 18 LEU D HB2  1 
ATOM 1384 H HB3  . LEU D 1 18 ? 6.609   2.249   -6.919  1.00 0.00 ? 18 LEU D HB3  1 
ATOM 1385 H HG   . LEU D 1 18 ? 5.624   0.202   -8.948  1.00 0.00 ? 18 LEU D HG   1 
ATOM 1386 H HD11 . LEU D 1 18 ? 5.997   -0.503  -6.512  1.00 0.00 ? 18 LEU D HD11 1 
ATOM 1387 H HD12 . LEU D 1 18 ? 4.286   -0.586  -6.954  1.00 0.00 ? 18 LEU D HD12 1 
ATOM 1388 H HD13 . LEU D 1 18 ? 4.892   0.765   -5.983  1.00 0.00 ? 18 LEU D HD13 1 
ATOM 1389 H HD21 . LEU D 1 18 ? 3.926   2.510   -7.841  1.00 0.00 ? 18 LEU D HD21 1 
ATOM 1390 H HD22 . LEU D 1 18 ? 3.217   0.968   -8.391  1.00 0.00 ? 18 LEU D HD22 1 
ATOM 1391 H HD23 . LEU D 1 18 ? 4.087   1.967   -9.537  1.00 0.00 ? 18 LEU D HD23 1 
ATOM 1392 N N    . LEU D 1 19 ? 5.469   4.268   -9.663  1.00 0.00 ? 19 LEU D N    1 
ATOM 1393 C CA   . LEU D 1 19 ? 4.552   4.838   -10.686 1.00 0.00 ? 19 LEU D CA   1 
ATOM 1394 C C    . LEU D 1 19 ? 5.369   5.648   -11.695 1.00 0.00 ? 19 LEU D C    1 
ATOM 1395 O O    . LEU D 1 19 ? 4.976   5.822   -12.833 1.00 0.00 ? 19 LEU D O    1 
ATOM 1396 C CB   . LEU D 1 19 ? 3.427   5.693   -10.038 1.00 0.00 ? 19 LEU D CB   1 
ATOM 1397 C CG   . LEU D 1 19 ? 3.733   6.960   -9.162  1.00 0.00 ? 19 LEU D CG   1 
ATOM 1398 C CD1  . LEU D 1 19 ? 3.155   8.271   -9.717  1.00 0.00 ? 19 LEU D CD1  1 
ATOM 1399 C CD2  . LEU D 1 19 ? 3.294   6.832   -7.688  1.00 0.00 ? 19 LEU D CD2  1 
ATOM 1400 H H    . LEU D 1 19 ? 5.443   4.525   -8.670  1.00 0.00 ? 19 LEU D H    1 
ATOM 1401 H HA   . LEU D 1 19 ? 4.056   4.009   -11.229 1.00 0.00 ? 19 LEU D HA   1 
ATOM 1402 H HB2  . LEU D 1 19 ? 2.697   5.952   -10.830 1.00 0.00 ? 19 LEU D HB2  1 
ATOM 1403 H HB3  . LEU D 1 19 ? 2.882   4.971   -9.421  1.00 0.00 ? 19 LEU D HB3  1 
ATOM 1404 H HG   . LEU D 1 19 ? 4.818   7.118   -9.160  1.00 0.00 ? 19 LEU D HG   1 
ATOM 1405 H HD11 . LEU D 1 19 ? 3.270   9.117   -9.012  1.00 0.00 ? 19 LEU D HD11 1 
ATOM 1406 H HD12 . LEU D 1 19 ? 2.080   8.189   -9.963  1.00 0.00 ? 19 LEU D HD12 1 
ATOM 1407 H HD13 . LEU D 1 19 ? 3.701   8.574   -10.622 1.00 0.00 ? 19 LEU D HD13 1 
ATOM 1408 H HD21 . LEU D 1 19 ? 3.647   7.693   -7.092  1.00 0.00 ? 19 LEU D HD21 1 
ATOM 1409 H HD22 . LEU D 1 19 ? 3.696   5.915   -7.221  1.00 0.00 ? 19 LEU D HD22 1 
ATOM 1410 H HD23 . LEU D 1 19 ? 2.203   6.820   -7.536  1.00 0.00 ? 19 LEU D HD23 1 
ATOM 1411 N N    . THR D 1 20 ? 6.506   6.143   -11.287 1.00 0.00 ? 20 THR D N    1 
ATOM 1412 C CA   . THR D 1 20 ? 7.352   6.939   -12.217 1.00 0.00 ? 20 THR D CA   1 
ATOM 1413 C C    . THR D 1 20 ? 7.801   6.051   -13.378 1.00 0.00 ? 20 THR D C    1 
ATOM 1414 O O    . THR D 1 20 ? 7.679   6.410   -14.532 1.00 0.00 ? 20 THR D O    1 
ATOM 1415 C CB   . THR D 1 20 ? 8.506   7.666   -11.460 1.00 0.00 ? 20 THR D CB   1 
ATOM 1416 O OG1  . THR D 1 20 ? 7.987   8.409   -10.357 1.00 0.00 ? 20 THR D OG1  1 
ATOM 1417 C CG2  . THR D 1 20 ? 9.305   8.653   -12.328 1.00 0.00 ? 20 THR D CG2  1 
ATOM 1418 H H    . THR D 1 20 ? 6.764   5.949   -10.313 1.00 0.00 ? 20 THR D H    1 
ATOM 1419 H HA   . THR D 1 20 ? 6.719   7.742   -12.642 1.00 0.00 ? 20 THR D HA   1 
ATOM 1420 H HB   . THR D 1 20 ? 9.213   6.916   -11.064 1.00 0.00 ? 20 THR D HB   1 
ATOM 1421 H HG1  . THR D 1 20 ? 7.393   9.064   -10.736 1.00 0.00 ? 20 THR D HG1  1 
ATOM 1422 H HG21 . THR D 1 20 ? 10.100  9.151   -11.742 1.00 0.00 ? 20 THR D HG21 1 
ATOM 1423 H HG22 . THR D 1 20 ? 8.660   9.445   -12.750 1.00 0.00 ? 20 THR D HG22 1 
ATOM 1424 H HG23 . THR D 1 20 ? 9.802   8.144   -13.175 1.00 0.00 ? 20 THR D HG23 1 
ATOM 1425 N N    . SER D 1 21 ? 8.318   4.887   -13.083 1.00 0.00 ? 21 SER D N    1 
ATOM 1426 C CA   . SER D 1 21 ? 8.769   3.978   -14.172 1.00 0.00 ? 21 SER D CA   1 
ATOM 1427 C C    . SER D 1 21 ? 7.549   3.482   -14.950 1.00 0.00 ? 21 SER D C    1 
ATOM 1428 O O    . SER D 1 21 ? 7.523   3.509   -16.164 1.00 0.00 ? 21 SER D O    1 
ATOM 1429 C CB   . SER D 1 21 ? 9.636   2.891   -13.559 1.00 0.00 ? 21 SER D CB   1 
ATOM 1430 O OG   . SER D 1 21 ? 8.891   2.094   -12.639 1.00 0.00 ? 21 SER D OG   1 
ATOM 1431 H H    . SER D 1 21 ? 8.385   4.657   -12.085 1.00 0.00 ? 21 SER D H    1 
ATOM 1432 H HA   . SER D 1 21 ? 9.421   4.541   -14.870 1.00 0.00 ? 21 SER D HA   1 
ATOM 1433 H HB2  . SER D 1 21 ? 10.069  2.265   -14.357 1.00 0.00 ? 21 SER D HB2  1 
ATOM 1434 H HB3  . SER D 1 21 ? 10.495  3.358   -13.041 1.00 0.00 ? 21 SER D HB3  1 
ATOM 1435 H HG   . SER D 1 21 ? 9.507   1.441   -12.295 1.00 0.00 ? 21 SER D HG   1 
ATOM 1436 N N    . GLN D 1 22 ? 6.538   3.031   -14.259 1.00 0.00 ? 22 GLN D N    1 
ATOM 1437 C CA   . GLN D 1 22 ? 5.319   2.539   -14.962 1.00 0.00 ? 22 GLN D CA   1 
ATOM 1438 C C    . GLN D 1 22 ? 4.565   3.728   -15.563 1.00 0.00 ? 22 GLN D C    1 
ATOM 1439 O O    . GLN D 1 22 ? 3.586   3.563   -16.262 1.00 0.00 ? 22 GLN D O    1 
ATOM 1440 C CB   . GLN D 1 22 ? 4.416   1.810   -13.965 1.00 0.00 ? 22 GLN D CB   1 
ATOM 1441 C CG   . GLN D 1 22 ? 5.100   0.528   -13.491 1.00 0.00 ? 22 GLN D CG   1 
ATOM 1442 C CD   . GLN D 1 22 ? 5.514   -0.246  -14.716 1.00 0.00 ? 22 GLN D CD   1 
ATOM 1443 O OE1  . GLN D 1 22 ? 6.593   0.102   -15.206 1.00 0.00 ? 22 GLN D OE1  1 
ATOM 1444 N NE2  . GLN D 1 22 ? 4.663   -1.057  -15.345 1.00 0.00 ? 22 GLN D NE2  1 
ATOM 1445 H H    . GLN D 1 22 ? 6.615   3.033   -13.236 1.00 0.00 ? 22 GLN D H    1 
ATOM 1446 H HA   . GLN D 1 22 ? 5.574   1.942   -15.848 1.00 0.00 ? 22 GLN D HA   1 
ATOM 1447 H HB2  . GLN D 1 22 ? 4.194   2.457   -13.094 1.00 0.00 ? 22 GLN D HB2  1 
ATOM 1448 H HB3  . GLN D 1 22 ? 3.473   1.523   -14.346 1.00 0.00 ? 22 GLN D HB3  1 
ATOM 1449 H HG2  . GLN D 1 22 ? 5.972   0.762   -12.851 1.00 0.00 ? 22 GLN D HG2  1 
ATOM 1450 H HG3  . GLN D 1 22 ? 4.403   -0.067  -12.871 1.00 0.00 ? 22 GLN D HG3  1 
ATOM 1451 H HE21 . GLN D 1 22 ? 3.853   -1.327  -14.775 1.00 0.00 ? 22 GLN D HE21 1 
ATOM 1452 H HE22 . GLN D 1 22 ? 5.100   -1.700  -16.020 1.00 0.00 ? 22 GLN D HE22 1 
ATOM 1453 N N    . ARG D 1 23 ? 5.012   4.925   -15.297 1.00 0.00 ? 23 ARG D N    1 
ATOM 1454 C CA   . ARG D 1 23 ? 4.318   6.122   -15.852 1.00 0.00 ? 23 ARG D CA   1 
ATOM 1455 C C    . ARG D 1 23 ? 5.354   7.175   -16.249 1.00 0.00 ? 23 ARG D C    1 
ATOM 1456 O O    . ARG D 1 23 ? 5.577   7.342   -17.437 1.00 0.00 ? 23 ARG D O    1 
ATOM 1457 C CB   . ARG D 1 23 ? 3.114   6.703   -15.039 1.00 0.00 ? 23 ARG D CB   1 
ATOM 1458 C CG   . ARG D 1 23 ? 3.025   8.237   -14.719 1.00 0.00 ? 23 ARG D CG   1 
ATOM 1459 C CD   . ARG D 1 23 ? 3.491   8.620   -13.308 1.00 0.00 ? 23 ARG D CD   1 
ATOM 1460 N NE   . ARG D 1 23 ? 3.279   10.059  -13.001 1.00 0.00 ? 23 ARG D NE   1 
ATOM 1461 C CZ   . ARG D 1 23 ? 2.145   10.586  -12.491 1.00 0.00 ? 23 ARG D CZ   1 
ATOM 1462 N NH1  . ARG D 1 23 ? 1.051   9.877   -12.213 1.00 0.00 ? 23 ARG D NH1  1 
ATOM 1463 N NH2  . ARG D 1 23 ? 2.116   11.884  -12.255 1.00 0.00 ? 23 ARG D NH2  1 
ATOM 1464 O OXT  . ARG D 1 23 ? 5.858   7.936   -15.393 1.00 0.00 ? 23 ARG D OXT  1 
ATOM 1465 H H    . ARG D 1 23 ? 5.843   4.980   -14.698 1.00 0.00 ? 23 ARG D H    1 
ATOM 1466 H HA   . ARG D 1 23 ? 3.872   5.843   -16.830 1.00 0.00 ? 23 ARG D HA   1 
ATOM 1467 H HB2  . ARG D 1 23 ? 2.227   6.446   -15.640 1.00 0.00 ? 23 ARG D HB2  1 
ATOM 1468 H HB3  . ARG D 1 23 ? 2.930   6.113   -14.122 1.00 0.00 ? 23 ARG D HB3  1 
ATOM 1469 H HG2  . ARG D 1 23 ? 3.535   8.851   -15.482 1.00 0.00 ? 23 ARG D HG2  1 
ATOM 1470 H HG3  . ARG D 1 23 ? 1.999   8.598   -14.812 1.00 0.00 ? 23 ARG D HG3  1 
ATOM 1471 H HD2  . ARG D 1 23 ? 2.974   7.976   -12.575 1.00 0.00 ? 23 ARG D HD2  1 
ATOM 1472 H HD3  . ARG D 1 23 ? 4.565   8.398   -13.189 1.00 0.00 ? 23 ARG D HD3  1 
ATOM 1473 H HH11 . ARG D 1 23 ? 1.095   8.871   -12.405 1.00 0.00 ? 23 ARG D HH11 1 
ATOM 1474 H HH12 . ARG D 1 23 ? 0.253   10.395  -11.830 1.00 0.00 ? 23 ARG D HH12 1 
ATOM 1475 H HH21 . ARG D 1 23 ? 2.968   12.410  -12.476 1.00 0.00 ? 23 ARG D HH21 1 
ATOM 1476 H HH22 . ARG D 1 23 ? 1.243   12.261  -11.869 1.00 0.00 ? 23 ARG D HH22 1 
ATOM 1477 N N    . GLU E 1 1  ? 4.836   -4.441  18.861  1.00 0.00 ? 1  GLU E N    1 
ATOM 1478 C CA   . GLU E 1 1  ? 5.011   -3.561  17.669  1.00 0.00 ? 1  GLU E CA   1 
ATOM 1479 C C    . GLU E 1 1  ? 6.264   -3.983  16.900  1.00 0.00 ? 1  GLU E C    1 
ATOM 1480 O O    . GLU E 1 1  ? 6.403   -3.708  15.725  1.00 0.00 ? 1  GLU E O    1 
ATOM 1481 C CB   . GLU E 1 1  ? 5.017   -2.073  18.119  1.00 0.00 ? 1  GLU E CB   1 
ATOM 1482 C CG   . GLU E 1 1  ? 5.031   -1.000  17.004  1.00 0.00 ? 1  GLU E CG   1 
ATOM 1483 C CD   . GLU E 1 1  ? 3.788   -0.984  16.107  1.00 0.00 ? 1  GLU E CD   1 
ATOM 1484 O OE1  . GLU E 1 1  ? 2.736   -0.463  16.539  1.00 0.00 ? 1  GLU E OE1  1 
ATOM 1485 O OE2  . GLU E 1 1  ? 3.858   -1.490  14.966  1.00 0.00 ? 1  GLU E OE2  1 
ATOM 1486 H H1   . GLU E 1 1  ? 5.614   -4.304  19.516  1.00 0.00 ? 1  GLU E H1   1 
ATOM 1487 H H2   . GLU E 1 1  ? 3.991   -4.172  19.375  1.00 0.00 ? 1  GLU E H2   1 
ATOM 1488 H HA   . GLU E 1 1  ? 4.131   -3.724  17.023  1.00 0.00 ? 1  GLU E HA   1 
ATOM 1489 H HB2  . GLU E 1 1  ? 4.138   -1.879  18.765  1.00 0.00 ? 1  GLU E HB2  1 
ATOM 1490 H HB3  . GLU E 1 1  ? 5.890   -1.895  18.777  1.00 0.00 ? 1  GLU E HB3  1 
ATOM 1491 H HG2  . GLU E 1 1  ? 5.134   -0.002  17.472  1.00 0.00 ? 1  GLU E HG2  1 
ATOM 1492 H HG3  . GLU E 1 1  ? 5.939   -1.112  16.382  1.00 0.00 ? 1  GLU E HG3  1 
ATOM 1493 N N    . LYS E 1 2  ? 7.178   -4.647  17.552  1.00 0.00 ? 2  LYS E N    1 
ATOM 1494 C CA   . LYS E 1 2  ? 8.421   -5.083  16.854  1.00 0.00 ? 2  LYS E CA   1 
ATOM 1495 C C    . LYS E 1 2  ? 8.062   -6.087  15.757  1.00 0.00 ? 2  LYS E C    1 
ATOM 1496 O O    . LYS E 1 2  ? 8.352   -5.881  14.594  1.00 0.00 ? 2  LYS E O    1 
ATOM 1497 C CB   . LYS E 1 2  ? 9.498   -5.606  17.852  1.00 0.00 ? 2  LYS E CB   1 
ATOM 1498 C CG   . LYS E 1 2  ? 10.271  -4.548  18.676  1.00 0.00 ? 2  LYS E CG   1 
ATOM 1499 C CD   . LYS E 1 2  ? 9.489   -3.887  19.835  1.00 0.00 ? 2  LYS E CD   1 
ATOM 1500 C CE   . LYS E 1 2  ? 10.311  -2.913  20.701  1.00 0.00 ? 2  LYS E CE   1 
ATOM 1501 N NZ   . LYS E 1 2  ? 11.305  -3.587  21.558  1.00 0.00 ? 2  LYS E NZ   1 
ATOM 1502 H H    . LYS E 1 2  ? 6.986   -4.838  18.541  1.00 0.00 ? 2  LYS E H    1 
ATOM 1503 H HA   . LYS E 1 2  ? 8.870   -4.202  16.350  1.00 0.00 ? 2  LYS E HA   1 
ATOM 1504 H HB2  . LYS E 1 2  ? 9.067   -6.371  18.527  1.00 0.00 ? 2  LYS E HB2  1 
ATOM 1505 H HB3  . LYS E 1 2  ? 10.262  -6.156  17.270  1.00 0.00 ? 2  LYS E HB3  1 
ATOM 1506 H HG2  . LYS E 1 2  ? 11.166  -5.045  19.096  1.00 0.00 ? 2  LYS E HG2  1 
ATOM 1507 H HG3  . LYS E 1 2  ? 10.669  -3.769  17.999  1.00 0.00 ? 2  LYS E HG3  1 
ATOM 1508 H HD2  . LYS E 1 2  ? 8.639   -3.318  19.414  1.00 0.00 ? 2  LYS E HD2  1 
ATOM 1509 H HD3  . LYS E 1 2  ? 9.026   -4.663  20.475  1.00 0.00 ? 2  LYS E HD3  1 
ATOM 1510 H HE2  . LYS E 1 2  ? 10.819  -2.164  20.066  1.00 0.00 ? 2  LYS E HE2  1 
ATOM 1511 H HE3  . LYS E 1 2  ? 9.625   -2.337  21.350  1.00 0.00 ? 2  LYS E HE3  1 
ATOM 1512 H HZ1  . LYS E 1 2  ? 11.789  -2.899  22.145  1.00 0.00 ? 2  LYS E HZ1  1 
ATOM 1513 H HZ2  . LYS E 1 2  ? 10.833  -4.224  22.210  1.00 0.00 ? 2  LYS E HZ2  1 
ATOM 1514 N N    . MET E 1 3  ? 7.432   -7.173  16.115  1.00 0.00 ? 3  MET E N    1 
ATOM 1515 C CA   . MET E 1 3  ? 7.054   -8.184  15.089  1.00 0.00 ? 3  MET E CA   1 
ATOM 1516 C C    . MET E 1 3  ? 6.034   -7.579  14.126  1.00 0.00 ? 3  MET E C    1 
ATOM 1517 O O    . MET E 1 3  ? 5.859   -8.040  13.017  1.00 0.00 ? 3  MET E O    1 
ATOM 1518 C CB   . MET E 1 3  ? 6.552   -9.469  15.805  1.00 0.00 ? 3  MET E CB   1 
ATOM 1519 C CG   . MET E 1 3  ? 6.333   -10.692 14.896  1.00 0.00 ? 3  MET E CG   1 
ATOM 1520 S SD   . MET E 1 3  ? 7.877   -11.144 14.071  1.00 0.00 ? 3  MET E SD   1 
ATOM 1521 C CE   . MET E 1 3  ? 7.327   -12.535 13.065  1.00 0.00 ? 3  MET E CE   1 
ATOM 1522 H H    . MET E 1 3  ? 7.224   -7.273  17.114  1.00 0.00 ? 3  MET E H    1 
ATOM 1523 H HA   . MET E 1 3  ? 7.960   -8.456  14.513  1.00 0.00 ? 3  MET E HA   1 
ATOM 1524 H HB2  . MET E 1 3  ? 7.279   -9.767  16.584  1.00 0.00 ? 3  MET E HB2  1 
ATOM 1525 H HB3  . MET E 1 3  ? 5.613   -9.258  16.353  1.00 0.00 ? 3  MET E HB3  1 
ATOM 1526 H HG2  . MET E 1 3  ? 5.977   -11.551 15.494  1.00 0.00 ? 3  MET E HG2  1 
ATOM 1527 H HG3  . MET E 1 3  ? 5.550   -10.490 14.141  1.00 0.00 ? 3  MET E HG3  1 
ATOM 1528 H HE1  . MET E 1 3  ? 6.531   -12.225 12.363  1.00 0.00 ? 3  MET E HE1  1 
ATOM 1529 H HE2  . MET E 1 3  ? 6.932   -13.349 13.700  1.00 0.00 ? 3  MET E HE2  1 
ATOM 1530 H HE3  . MET E 1 3  ? 8.166   -12.937 12.471  1.00 0.00 ? 3  MET E HE3  1 
ATOM 1531 N N    . SER E 1 4  ? 5.357   -6.543  14.543  1.00 0.00 ? 4  SER E N    1 
ATOM 1532 C CA   . SER E 1 4  ? 4.349   -5.903  13.651  1.00 0.00 ? 4  SER E CA   1 
ATOM 1533 C C    . SER E 1 4  ? 5.069   -5.113  12.557  1.00 0.00 ? 4  SER E C    1 
ATOM 1534 O O    . SER E 1 4  ? 4.638   -5.069  11.422  1.00 0.00 ? 4  SER E O    1 
ATOM 1535 C CB   . SER E 1 4  ? 3.376   -5.027  14.467  1.00 0.00 ? 4  SER E CB   1 
ATOM 1536 O OG   . SER E 1 4  ? 2.283   -4.601  13.661  1.00 0.00 ? 4  SER E OG   1 
ATOM 1537 H H    . SER E 1 4  ? 5.565   -6.213  15.492  1.00 0.00 ? 4  SER E H    1 
ATOM 1538 H HA   . SER E 1 4  ? 3.719   -6.686  13.195  1.00 0.00 ? 4  SER E HA   1 
ATOM 1539 H HB2  . SER E 1 4  ? 2.977   -5.580  15.337  1.00 0.00 ? 4  SER E HB2  1 
ATOM 1540 H HB3  . SER E 1 4  ? 3.890   -4.139  14.872  1.00 0.00 ? 4  SER E HB3  1 
ATOM 1541 H HG   . SER E 1 4  ? 1.847   -5.402  13.362  1.00 0.00 ? 4  SER E HG   1 
ATOM 1542 N N    . THR E 1 5  ? 6.169   -4.492  12.889  1.00 0.00 ? 5  THR E N    1 
ATOM 1543 C CA   . THR E 1 5  ? 6.919   -3.710  11.867  1.00 0.00 ? 5  THR E CA   1 
ATOM 1544 C C    . THR E 1 5  ? 7.762   -4.672  11.034  1.00 0.00 ? 5  THR E C    1 
ATOM 1545 O O    . THR E 1 5  ? 8.191   -4.356  9.941   1.00 0.00 ? 5  THR E O    1 
ATOM 1546 C CB   . THR E 1 5  ? 7.784   -2.577  12.495  1.00 0.00 ? 5  THR E CB   1 
ATOM 1547 O OG1  . THR E 1 5  ? 8.661   -3.082  13.501  1.00 0.00 ? 5  THR E OG1  1 
ATOM 1548 C CG2  . THR E 1 5  ? 6.968   -1.416  13.091  1.00 0.00 ? 5  THR E CG2  1 
ATOM 1549 H H    . THR E 1 5  ? 6.467   -4.580  13.867  1.00 0.00 ? 5  THR E H    1 
ATOM 1550 H HA   . THR E 1 5  ? 6.215   -3.212  11.168  1.00 0.00 ? 5  THR E HA   1 
ATOM 1551 H HB   . THR E 1 5  ? 8.413   -2.134  11.699  1.00 0.00 ? 5  THR E HB   1 
ATOM 1552 H HG1  . THR E 1 5  ? 9.180   -2.332  13.800  1.00 0.00 ? 5  THR E HG1  1 
ATOM 1553 H HG21 . THR E 1 5  ? 7.628   -0.619  13.481  1.00 0.00 ? 5  THR E HG21 1 
ATOM 1554 H HG22 . THR E 1 5  ? 6.329   -1.749  13.929  1.00 0.00 ? 5  THR E HG22 1 
ATOM 1555 H HG23 . THR E 1 5  ? 6.308   -0.953  12.335  1.00 0.00 ? 5  THR E HG23 1 
ATOM 1556 N N    . ALA E 1 6  ? 7.994   -5.853  11.539  1.00 0.00 ? 6  ALA E N    1 
ATOM 1557 C CA   . ALA E 1 6  ? 8.796   -6.843  10.775  1.00 0.00 ? 6  ALA E CA   1 
ATOM 1558 C C    . ALA E 1 6  ? 7.880   -7.541  9.775   1.00 0.00 ? 6  ALA E C    1 
ATOM 1559 O O    . ALA E 1 6  ? 8.295   -7.936  8.703   1.00 0.00 ? 6  ALA E O    1 
ATOM 1560 C CB   . ALA E 1 6  ? 9.450   -7.842  11.746  1.00 0.00 ? 6  ALA E CB   1 
ATOM 1561 H H    . ALA E 1 6  ? 7.592   -6.041  12.464  1.00 0.00 ? 6  ALA E H    1 
ATOM 1562 H HA   . ALA E 1 6  ? 9.621   -6.346  10.225  1.00 0.00 ? 6  ALA E HA   1 
ATOM 1563 H HB1  . ALA E 1 6  ? 10.090  -8.567  11.208  1.00 0.00 ? 6  ALA E HB1  1 
ATOM 1564 H HB2  . ALA E 1 6  ? 8.703   -8.430  12.312  1.00 0.00 ? 6  ALA E HB2  1 
ATOM 1565 H HB3  . ALA E 1 6  ? 10.097  -7.334  12.485  1.00 0.00 ? 6  ALA E HB3  1 
ATOM 1566 N N    . ILE E 1 7  ? 6.628   -7.683  10.116  1.00 0.00 ? 7  ILE E N    1 
ATOM 1567 C CA   . ILE E 1 7  ? 5.674   -8.340  9.184   1.00 0.00 ? 7  ILE E CA   1 
ATOM 1568 C C    . ILE E 1 7  ? 5.337   -7.366  8.059   1.00 0.00 ? 7  ILE E C    1 
ATOM 1569 O O    . ILE E 1 7  ? 5.242   -7.739  6.906   1.00 0.00 ? 7  ILE E O    1 
ATOM 1570 C CB   . ILE E 1 7  ? 4.432   -9.085  9.786   1.00 0.00 ? 7  ILE E CB   1 
ATOM 1571 C CG1  . ILE E 1 7  ? 3.415   -8.187  10.543  1.00 0.00 ? 7  ILE E CG1  1 
ATOM 1572 C CG2  . ILE E 1 7  ? 4.868   -10.321 10.615  1.00 0.00 ? 7  ILE E CG2  1 
ATOM 1573 C CD1  . ILE E 1 7  ? 2.048   -8.818  10.854  1.00 0.00 ? 7  ILE E CD1  1 
ATOM 1574 H H    . ILE E 1 7  ? 6.360   -7.317  11.036  1.00 0.00 ? 7  ILE E H    1 
ATOM 1575 H HA   . ILE E 1 7  ? 6.219   -9.160  8.672   1.00 0.00 ? 7  ILE E HA   1 
ATOM 1576 H HB   . ILE E 1 7  ? 3.883   -9.501  8.918   1.00 0.00 ? 7  ILE E HB   1 
ATOM 1577 H HG12 . ILE E 1 7  ? 3.876   -7.843  11.476  1.00 0.00 ? 7  ILE E HG12 1 
ATOM 1578 H HG13 . ILE E 1 7  ? 3.220   -7.268  9.962   1.00 0.00 ? 7  ILE E HG13 1 
ATOM 1579 H HG21 . ILE E 1 7  ? 5.531   -10.987 10.034  1.00 0.00 ? 7  ILE E HG21 1 
ATOM 1580 H HG22 . ILE E 1 7  ? 4.007   -10.937 10.927  1.00 0.00 ? 7  ILE E HG22 1 
ATOM 1581 H HG23 . ILE E 1 7  ? 5.417   -10.039 11.530  1.00 0.00 ? 7  ILE E HG23 1 
ATOM 1582 H HD11 . ILE E 1 7  ? 1.539   -9.165  9.936   1.00 0.00 ? 7  ILE E HD11 1 
ATOM 1583 H HD12 . ILE E 1 7  ? 1.379   -8.088  11.343  1.00 0.00 ? 7  ILE E HD12 1 
ATOM 1584 H HD13 . ILE E 1 7  ? 2.136   -9.682  11.538  1.00 0.00 ? 7  ILE E HD13 1 
ATOM 1585 N N    . SER E 1 8  ? 5.169   -6.112  8.381   1.00 0.00 ? 8  SER E N    1 
ATOM 1586 C CA   . SER E 1 8  ? 4.852   -5.113  7.326   1.00 0.00 ? 8  SER E CA   1 
ATOM 1587 C C    . SER E 1 8  ? 6.070   -4.953  6.421   1.00 0.00 ? 8  SER E C    1 
ATOM 1588 O O    . SER E 1 8  ? 5.949   -4.785  5.225   1.00 0.00 ? 8  SER E O    1 
ATOM 1589 C CB   . SER E 1 8  ? 4.413   -3.791  7.998   1.00 0.00 ? 8  SER E CB   1 
ATOM 1590 O OG   . SER E 1 8  ? 4.006   -2.837  7.024   1.00 0.00 ? 8  SER E OG   1 
ATOM 1591 H H    . SER E 1 8  ? 5.270   -5.878  9.374   1.00 0.00 ? 8  SER E H    1 
ATOM 1592 H HA   . SER E 1 8  ? 3.998   -5.474  6.718   1.00 0.00 ? 8  SER E HA   1 
ATOM 1593 H HB2  . SER E 1 8  ? 3.568   -3.967  8.691   1.00 0.00 ? 8  SER E HB2  1 
ATOM 1594 H HB3  . SER E 1 8  ? 5.227   -3.360  8.613   1.00 0.00 ? 8  SER E HB3  1 
ATOM 1595 H HG   . SER E 1 8  ? 3.743   -2.055  7.513   1.00 0.00 ? 8  SER E HG   1 
ATOM 1596 N N    . VAL E 1 9  ? 7.247   -5.013  6.984   1.00 0.00 ? 9  VAL E N    1 
ATOM 1597 C CA   . VAL E 1 9  ? 8.476   -4.878  6.155   1.00 0.00 ? 9  VAL E CA   1 
ATOM 1598 C C    . VAL E 1 9  ? 8.488   -6.002  5.118   1.00 0.00 ? 9  VAL E C    1 
ATOM 1599 O O    . VAL E 1 9  ? 8.743   -5.781  3.951   1.00 0.00 ? 9  VAL E O    1 
ATOM 1600 C CB   . VAL E 1 9  ? 9.770   -4.694  7.028   1.00 0.00 ? 9  VAL E CB   1 
ATOM 1601 C CG1  . VAL E 1 9  ? 11.109  -5.006  6.314   1.00 0.00 ? 9  VAL E CG1  1 
ATOM 1602 C CG2  . VAL E 1 9  ? 9.875   -3.249  7.578   1.00 0.00 ? 9  VAL E CG2  1 
ATOM 1603 H H    . VAL E 1 9  ? 7.263   -5.160  8.000   1.00 0.00 ? 9  VAL E H    1 
ATOM 1604 H HA   . VAL E 1 9  ? 8.379   -3.945  5.563   1.00 0.00 ? 9  VAL E HA   1 
ATOM 1605 H HB   . VAL E 1 9  ? 9.711   -5.387  7.889   1.00 0.00 ? 9  VAL E HB   1 
ATOM 1606 H HG11 . VAL E 1 9  ? 11.980  -4.844  6.977   1.00 0.00 ? 9  VAL E HG11 1 
ATOM 1607 H HG12 . VAL E 1 9  ? 11.255  -4.380  5.414   1.00 0.00 ? 9  VAL E HG12 1 
ATOM 1608 H HG13 . VAL E 1 9  ? 11.160  -6.062  5.990   1.00 0.00 ? 9  VAL E HG13 1 
ATOM 1609 H HG21 . VAL E 1 9  ? 10.083  -2.514  6.778   1.00 0.00 ? 9  VAL E HG21 1 
ATOM 1610 H HG22 . VAL E 1 9  ? 10.680  -3.153  8.330   1.00 0.00 ? 9  VAL E HG22 1 
ATOM 1611 H HG23 . VAL E 1 9  ? 8.942   -2.916  8.067   1.00 0.00 ? 9  VAL E HG23 1 
ATOM 1612 N N    . LEU E 1 10 ? 8.205   -7.206  5.535   1.00 0.00 ? 10 LEU E N    1 
ATOM 1613 C CA   . LEU E 1 10 ? 8.191   -8.339  4.572   1.00 0.00 ? 10 LEU E CA   1 
ATOM 1614 C C    . LEU E 1 10 ? 7.318   -7.966  3.374   1.00 0.00 ? 10 LEU E C    1 
ATOM 1615 O O    . LEU E 1 10 ? 7.756   -7.997  2.242   1.00 0.00 ? 10 LEU E O    1 
ATOM 1616 C CB   . LEU E 1 10 ? 7.785   -9.683  5.246   1.00 0.00 ? 10 LEU E CB   1 
ATOM 1617 C CG   . LEU E 1 10 ? 8.814   -10.310 6.230   1.00 0.00 ? 10 LEU E CG   1 
ATOM 1618 C CD1  . LEU E 1 10 ? 8.157   -11.416 7.078   1.00 0.00 ? 10 LEU E CD1  1 
ATOM 1619 C CD2  . LEU E 1 10 ? 10.066  -10.868 5.519   1.00 0.00 ? 10 LEU E CD2  1 
ATOM 1620 H H    . LEU E 1 10 ? 7.998   -7.308  6.535   1.00 0.00 ? 10 LEU E H    1 
ATOM 1621 H HA   . LEU E 1 10 ? 9.221   -8.462  4.184   1.00 0.00 ? 10 LEU E HA   1 
ATOM 1622 H HB2  . LEU E 1 10 ? 6.818   -9.537  5.765   1.00 0.00 ? 10 LEU E HB2  1 
ATOM 1623 H HB3  . LEU E 1 10 ? 7.559   -10.432 4.460   1.00 0.00 ? 10 LEU E HB3  1 
ATOM 1624 H HG   . LEU E 1 10 ? 9.153   -9.526  6.929   1.00 0.00 ? 10 LEU E HG   1 
ATOM 1625 H HD11 . LEU E 1 10 ? 7.292   -11.033 7.649   1.00 0.00 ? 10 LEU E HD11 1 
ATOM 1626 H HD12 . LEU E 1 10 ? 8.862   -11.837 7.820   1.00 0.00 ? 10 LEU E HD12 1 
ATOM 1627 H HD13 . LEU E 1 10 ? 7.792   -12.257 6.458   1.00 0.00 ? 10 LEU E HD13 1 
ATOM 1628 H HD21 . LEU E 1 10 ? 10.616  -10.079 4.974   1.00 0.00 ? 10 LEU E HD21 1 
ATOM 1629 H HD22 . LEU E 1 10 ? 9.810   -11.655 4.786   1.00 0.00 ? 10 LEU E HD22 1 
ATOM 1630 H HD23 . LEU E 1 10 ? 10.781  -11.307 6.238   1.00 0.00 ? 10 LEU E HD23 1 
ATOM 1631 N N    . LEU E 1 11 ? 6.086   -7.603  3.612   1.00 0.00 ? 11 LEU E N    1 
ATOM 1632 C CA   . LEU E 1 11 ? 5.196   -7.219  2.482   1.00 0.00 ? 11 LEU E CA   1 
ATOM 1633 C C    . LEU E 1 11 ? 5.844   -6.070  1.709   1.00 0.00 ? 11 LEU E C    1 
ATOM 1634 O O    . LEU E 1 11 ? 5.690   -5.948  0.511   1.00 0.00 ? 11 LEU E O    1 
ATOM 1635 C CB   . LEU E 1 11 ? 3.736   -6.913  2.924   1.00 0.00 ? 11 LEU E CB   1 
ATOM 1636 C CG   . LEU E 1 11 ? 2.817   -8.090  3.366   1.00 0.00 ? 11 LEU E CG   1 
ATOM 1637 C CD1  . LEU E 1 11 ? 2.779   -9.270  2.369   1.00 0.00 ? 11 LEU E CD1  1 
ATOM 1638 C CD2  . LEU E 1 11 ? 3.085   -8.598  4.793   1.00 0.00 ? 11 LEU E CD2  1 
ATOM 1639 H H    . LEU E 1 11 ? 5.792   -7.599  4.595   1.00 0.00 ? 11 LEU E H    1 
ATOM 1640 H HA   . LEU E 1 11 ? 5.153   -8.073  1.781   1.00 0.00 ? 11 LEU E HA   1 
ATOM 1641 H HB2  . LEU E 1 11 ? 3.739   -6.129  3.707   1.00 0.00 ? 11 LEU E HB2  1 
ATOM 1642 H HB3  . LEU E 1 11 ? 3.223   -6.428  2.069   1.00 0.00 ? 11 LEU E HB3  1 
ATOM 1643 H HG   . LEU E 1 11 ? 1.795   -7.671  3.394   1.00 0.00 ? 11 LEU E HG   1 
ATOM 1644 H HD11 . LEU E 1 11 ? 3.740   -9.813  2.324   1.00 0.00 ? 11 LEU E HD11 1 
ATOM 1645 H HD12 . LEU E 1 11 ? 2.547   -8.926  1.342   1.00 0.00 ? 11 LEU E HD12 1 
ATOM 1646 H HD13 . LEU E 1 11 ? 2.003   -10.010 2.642   1.00 0.00 ? 11 LEU E HD13 1 
ATOM 1647 H HD21 . LEU E 1 11 ? 3.045   -7.771  5.527   1.00 0.00 ? 11 LEU E HD21 1 
ATOM 1648 H HD22 . LEU E 1 11 ? 4.072   -9.086  4.889   1.00 0.00 ? 11 LEU E HD22 1 
ATOM 1649 H HD23 . LEU E 1 11 ? 2.326   -9.338  5.111   1.00 0.00 ? 11 LEU E HD23 1 
ATOM 1650 N N    . ALA E 1 12 ? 6.578   -5.229  2.387   1.00 0.00 ? 12 ALA E N    1 
ATOM 1651 C CA   . ALA E 1 12 ? 7.245   -4.095  1.691   1.00 0.00 ? 12 ALA E CA   1 
ATOM 1652 C C    . ALA E 1 12 ? 8.088   -4.646  0.542   1.00 0.00 ? 12 ALA E C    1 
ATOM 1653 O O    . ALA E 1 12 ? 7.908   -4.284  -0.602  1.00 0.00 ? 12 ALA E O    1 
ATOM 1654 C CB   . ALA E 1 12 ? 7.976   -3.121  2.627   1.00 0.00 ? 12 ALA E CB   1 
ATOM 1655 H H    . ALA E 1 12 ? 6.660   -5.405  3.395   1.00 0.00 ? 12 ALA E H    1 
ATOM 1656 H HA   . ALA E 1 12 ? 6.439   -3.486  1.235   1.00 0.00 ? 12 ALA E HA   1 
ATOM 1657 H HB1  . ALA E 1 12 ? 8.262   -2.215  2.069   1.00 0.00 ? 12 ALA E HB1  1 
ATOM 1658 H HB2  . ALA E 1 12 ? 8.910   -3.533  3.050   1.00 0.00 ? 12 ALA E HB2  1 
ATOM 1659 H HB3  . ALA E 1 12 ? 7.339   -2.794  3.469   1.00 0.00 ? 12 ALA E HB3  1 
ATOM 1660 N N    . GLN E 1 13 ? 9.004   -5.529  0.840   1.00 0.00 ? 13 GLN E N    1 
ATOM 1661 C CA   . GLN E 1 13 ? 9.850   -6.110  -0.238  1.00 0.00 ? 13 GLN E CA   1 
ATOM 1662 C C    . GLN E 1 13 ? 8.946   -6.806  -1.256  1.00 0.00 ? 13 GLN E C    1 
ATOM 1663 O O    . GLN E 1 13 ? 9.239   -6.848  -2.434  1.00 0.00 ? 13 GLN E O    1 
ATOM 1664 C CB   . GLN E 1 13 ? 10.938  -7.060  0.336   1.00 0.00 ? 13 GLN E CB   1 
ATOM 1665 C CG   . GLN E 1 13 ? 12.017  -6.406  1.233   1.00 0.00 ? 13 GLN E CG   1 
ATOM 1666 C CD   . GLN E 1 13 ? 12.920  -5.386  0.512   1.00 0.00 ? 13 GLN E CD   1 
ATOM 1667 O OE1  . GLN E 1 13 ? 13.790  -5.749  -0.279  1.00 0.00 ? 13 GLN E OE1  1 
ATOM 1668 N NE2  . GLN E 1 13 ? 12.732  -4.099  0.761   1.00 0.00 ? 13 GLN E NE2  1 
ATOM 1669 H H    . GLN E 1 13 ? 9.090   -5.784  1.830   1.00 0.00 ? 13 GLN E H    1 
ATOM 1670 H HA   . GLN E 1 13 ? 10.367  -5.286  -0.765  1.00 0.00 ? 13 GLN E HA   1 
ATOM 1671 H HB2  . GLN E 1 13 ? 10.453  -7.875  0.908   1.00 0.00 ? 13 GLN E HB2  1 
ATOM 1672 H HB3  . GLN E 1 13 ? 11.451  -7.574  -0.499  1.00 0.00 ? 13 GLN E HB3  1 
ATOM 1673 H HG2  . GLN E 1 13 ? 11.540  -5.959  2.128   1.00 0.00 ? 13 GLN E HG2  1 
ATOM 1674 H HG3  . GLN E 1 13 ? 12.665  -7.205  1.638   1.00 0.00 ? 13 GLN E HG3  1 
ATOM 1675 H HE21 . GLN E 1 13 ? 11.989  -3.863  1.429   1.00 0.00 ? 13 GLN E HE21 1 
ATOM 1676 H HE22 . GLN E 1 13 ? 13.345  -3.440  0.267   1.00 0.00 ? 13 GLN E HE22 1 
ATOM 1677 N N    . ALA E 1 14 ? 7.843   -7.345  -0.812  1.00 0.00 ? 14 ALA E N    1 
ATOM 1678 C CA   . ALA E 1 14 ? 6.914   -8.030  -1.754  1.00 0.00 ? 14 ALA E CA   1 
ATOM 1679 C C    . ALA E 1 14 ? 6.454   -7.026  -2.812  1.00 0.00 ? 14 ALA E C    1 
ATOM 1680 O O    . ALA E 1 14 ? 6.290   -7.358  -3.970  1.00 0.00 ? 14 ALA E O    1 
ATOM 1681 C CB   . ALA E 1 14 ? 5.750   -8.753  -1.053  1.00 0.00 ? 14 ALA E CB   1 
ATOM 1682 H H    . ALA E 1 14 ? 7.667   -7.264  0.196   1.00 0.00 ? 14 ALA E H    1 
ATOM 1683 H HA   . ALA E 1 14 ? 7.487   -8.823  -2.274  1.00 0.00 ? 14 ALA E HA   1 
ATOM 1684 H HB1  . ALA E 1 14 ? 5.189   -9.386  -1.765  1.00 0.00 ? 14 ALA E HB1  1 
ATOM 1685 H HB2  . ALA E 1 14 ? 5.017   -8.057  -0.608  1.00 0.00 ? 14 ALA E HB2  1 
ATOM 1686 H HB3  . ALA E 1 14 ? 6.107   -9.420  -0.246  1.00 0.00 ? 14 ALA E HB3  1 
ATOM 1687 N N    . VAL E 1 15 ? 6.256   -5.795  -2.425  1.00 0.00 ? 15 VAL E N    1 
ATOM 1688 C CA   . VAL E 1 15 ? 5.821   -4.766  -3.406  1.00 0.00 ? 15 VAL E CA   1 
ATOM 1689 C C    . VAL E 1 15 ? 7.032   -4.318  -4.224  1.00 0.00 ? 15 VAL E C    1 
ATOM 1690 O O    . VAL E 1 15 ? 6.922   -3.990  -5.389  1.00 0.00 ? 15 VAL E O    1 
ATOM 1691 C CB   . VAL E 1 15 ? 5.093   -3.588  -2.653  1.00 0.00 ? 15 VAL E CB   1 
ATOM 1692 C CG1  . VAL E 1 15 ? 4.779   -2.344  -3.523  1.00 0.00 ? 15 VAL E CG1  1 
ATOM 1693 C CG2  . VAL E 1 15 ? 3.767   -4.033  -1.986  1.00 0.00 ? 15 VAL E CG2  1 
ATOM 1694 H H    . VAL E 1 15 ? 6.422   -5.598  -1.432  1.00 0.00 ? 15 VAL E H    1 
ATOM 1695 H HA   . VAL E 1 15 ? 5.065   -5.199  -4.087  1.00 0.00 ? 15 VAL E HA   1 
ATOM 1696 H HB   . VAL E 1 15 ? 5.759   -3.230  -1.843  1.00 0.00 ? 15 VAL E HB   1 
ATOM 1697 H HG11 . VAL E 1 15 ? 4.278   -1.547  -2.942  1.00 0.00 ? 15 VAL E HG11 1 
ATOM 1698 H HG12 . VAL E 1 15 ? 4.123   -2.583  -4.380  1.00 0.00 ? 15 VAL E HG12 1 
ATOM 1699 H HG13 . VAL E 1 15 ? 5.697   -1.889  -3.937  1.00 0.00 ? 15 VAL E HG13 1 
ATOM 1700 H HG21 . VAL E 1 15 ? 3.923   -4.855  -1.264  1.00 0.00 ? 15 VAL E HG21 1 
ATOM 1701 H HG22 . VAL E 1 15 ? 3.030   -4.391  -2.730  1.00 0.00 ? 15 VAL E HG22 1 
ATOM 1702 H HG23 . VAL E 1 15 ? 3.291   -3.212  -1.420  1.00 0.00 ? 15 VAL E HG23 1 
ATOM 1703 N N    . PHE E 1 16 ? 8.191   -4.311  -3.622  1.00 0.00 ? 16 PHE E N    1 
ATOM 1704 C CA   . PHE E 1 16 ? 9.416   -3.897  -4.361  1.00 0.00 ? 16 PHE E CA   1 
ATOM 1705 C C    . PHE E 1 16 ? 9.589   -4.801  -5.583  1.00 0.00 ? 16 PHE E C    1 
ATOM 1706 O O    . PHE E 1 16 ? 9.595   -4.345  -6.708  1.00 0.00 ? 16 PHE E O    1 
ATOM 1707 C CB   . PHE E 1 16 ? 10.649  -3.803  -3.414  1.00 0.00 ? 16 PHE E CB   1 
ATOM 1708 C CG   . PHE E 1 16 ? 11.851  -3.066  -4.032  1.00 0.00 ? 16 PHE E CG   1 
ATOM 1709 C CD1  . PHE E 1 16 ? 12.787  -3.761  -4.810  1.00 0.00 ? 16 PHE E CD1  1 
ATOM 1710 C CD2  . PHE E 1 16 ? 11.988  -1.682  -3.870  1.00 0.00 ? 16 PHE E CD2  1 
ATOM 1711 C CE1  . PHE E 1 16 ? 13.829  -3.077  -5.431  1.00 0.00 ? 16 PHE E CE1  1 
ATOM 1712 C CE2  . PHE E 1 16 ? 13.033  -1.001  -4.491  1.00 0.00 ? 16 PHE E CE2  1 
ATOM 1713 C CZ   . PHE E 1 16 ? 13.951  -1.699  -5.271  1.00 0.00 ? 16 PHE E CZ   1 
ATOM 1714 H H    . PHE E 1 16 ? 8.195   -4.605  -2.639  1.00 0.00 ? 16 PHE E H    1 
ATOM 1715 H HA   . PHE E 1 16 ? 9.232   -2.870  -4.724  1.00 0.00 ? 16 PHE E HA   1 
ATOM 1716 H HB2  . PHE E 1 16 ? 10.358  -3.292  -2.475  1.00 0.00 ? 16 PHE E HB2  1 
ATOM 1717 H HB3  . PHE E 1 16 ? 10.955  -4.815  -3.082  1.00 0.00 ? 16 PHE E HB3  1 
ATOM 1718 H HD1  . PHE E 1 16 ? 12.695  -4.827  -4.957  1.00 0.00 ? 16 PHE E HD1  1 
ATOM 1719 H HD2  . PHE E 1 16 ? 11.271  -1.124  -3.283  1.00 0.00 ? 16 PHE E HD2  1 
ATOM 1720 H HE1  . PHE E 1 16 ? 14.540  -3.616  -6.040  1.00 0.00 ? 16 PHE E HE1  1 
ATOM 1721 H HE2  . PHE E 1 16 ? 13.125  0.068   -4.372  1.00 0.00 ? 16 PHE E HE2  1 
ATOM 1722 H HZ   . PHE E 1 16 ? 14.757  -1.169  -5.757  1.00 0.00 ? 16 PHE E HZ   1 
ATOM 1723 N N    . LEU E 1 17 ? 9.719   -6.084  -5.370  1.00 0.00 ? 17 LEU E N    1 
ATOM 1724 C CA   . LEU E 1 17 ? 9.878   -7.012  -6.524  1.00 0.00 ? 17 LEU E CA   1 
ATOM 1725 C C    . LEU E 1 17 ? 8.741   -6.766  -7.516  1.00 0.00 ? 17 LEU E C    1 
ATOM 1726 O O    . LEU E 1 17 ? 8.839   -7.083  -8.684  1.00 0.00 ? 17 LEU E O    1 
ATOM 1727 C CB   . LEU E 1 17 ? 9.915   -8.491  -6.043  1.00 0.00 ? 17 LEU E CB   1 
ATOM 1728 C CG   . LEU E 1 17 ? 11.079  -8.908  -5.099  1.00 0.00 ? 17 LEU E CG   1 
ATOM 1729 C CD1  . LEU E 1 17 ? 10.846  -10.327 -4.547  1.00 0.00 ? 17 LEU E CD1  1 
ATOM 1730 C CD2  . LEU E 1 17 ? 12.464  -8.820  -5.773  1.00 0.00 ? 17 LEU E CD2  1 
ATOM 1731 H H    . LEU E 1 17 ? 9.700   -6.391  -4.391  1.00 0.00 ? 17 LEU E H    1 
ATOM 1732 H HA   . LEU E 1 17 ? 10.834  -6.784  -7.033  1.00 0.00 ? 17 LEU E HA   1 
ATOM 1733 H HB2  . LEU E 1 17 ? 8.949   -8.719  -5.547  1.00 0.00 ? 17 LEU E HB2  1 
ATOM 1734 H HB3  . LEU E 1 17 ? 9.933   -9.153  -6.930  1.00 0.00 ? 17 LEU E HB3  1 
ATOM 1735 H HG   . LEU E 1 17 ? 11.086  -8.226  -4.228  1.00 0.00 ? 17 LEU E HG   1 
ATOM 1736 H HD11 . LEU E 1 17 ? 10.822  -11.089 -5.350  1.00 0.00 ? 17 LEU E HD11 1 
ATOM 1737 H HD12 . LEU E 1 17 ? 9.886   -10.398 -4.000  1.00 0.00 ? 17 LEU E HD12 1 
ATOM 1738 H HD13 . LEU E 1 17 ? 11.638  -10.624 -3.835  1.00 0.00 ? 17 LEU E HD13 1 
ATOM 1739 H HD21 . LEU E 1 17 ? 12.701  -7.789  -6.092  1.00 0.00 ? 17 LEU E HD21 1 
ATOM 1740 H HD22 . LEU E 1 17 ? 12.531  -9.465  -6.671  1.00 0.00 ? 17 LEU E HD22 1 
ATOM 1741 H HD23 . LEU E 1 17 ? 13.273  -9.129  -5.086  1.00 0.00 ? 17 LEU E HD23 1 
ATOM 1742 N N    . LEU E 1 18 ? 7.659   -6.197  -7.054  1.00 0.00 ? 18 LEU E N    1 
ATOM 1743 C CA   . LEU E 1 18 ? 6.511   -5.920  -7.964  1.00 0.00 ? 18 LEU E CA   1 
ATOM 1744 C C    . LEU E 1 18 ? 6.924   -4.866  -8.991  1.00 0.00 ? 18 LEU E C    1 
ATOM 1745 O O    . LEU E 1 18 ? 6.821   -5.071  -10.183 1.00 0.00 ? 18 LEU E O    1 
ATOM 1746 C CB   . LEU E 1 18 ? 5.175   -5.708  -7.174  1.00 0.00 ? 18 LEU E CB   1 
ATOM 1747 C CG   . LEU E 1 18 ? 3.981   -4.781  -7.584  1.00 0.00 ? 18 LEU E CG   1 
ATOM 1748 C CD1  . LEU E 1 18 ? 2.921   -4.798  -6.453  1.00 0.00 ? 18 LEU E CD1  1 
ATOM 1749 C CD2  . LEU E 1 18 ? 4.294   -3.299  -7.868  1.00 0.00 ? 18 LEU E CD2  1 
ATOM 1750 H H    . LEU E 1 18 ? 7.659   -5.960  -6.056  1.00 0.00 ? 18 LEU E H    1 
ATOM 1751 H HA   . LEU E 1 18 ? 6.324   -6.841  -8.558  1.00 0.00 ? 18 LEU E HA   1 
ATOM 1752 H HB2  . LEU E 1 18 ? 4.749   -6.715  -7.094  1.00 0.00 ? 18 LEU E HB2  1 
ATOM 1753 H HB3  . LEU E 1 18 ? 5.397   -5.512  -6.124  1.00 0.00 ? 18 LEU E HB3  1 
ATOM 1754 H HG   . LEU E 1 18 ? 3.520   -5.193  -8.500  1.00 0.00 ? 18 LEU E HG   1 
ATOM 1755 H HD11 . LEU E 1 18 ? 2.577   -5.814  -6.195  1.00 0.00 ? 18 LEU E HD11 1 
ATOM 1756 H HD12 . LEU E 1 18 ? 2.020   -4.217  -6.721  1.00 0.00 ? 18 LEU E HD12 1 
ATOM 1757 H HD13 . LEU E 1 18 ? 3.310   -4.362  -5.516  1.00 0.00 ? 18 LEU E HD13 1 
ATOM 1758 H HD21 . LEU E 1 18 ? 4.947   -2.861  -7.091  1.00 0.00 ? 18 LEU E HD21 1 
ATOM 1759 H HD22 . LEU E 1 18 ? 3.380   -2.677  -7.922  1.00 0.00 ? 18 LEU E HD22 1 
ATOM 1760 H HD23 . LEU E 1 18 ? 4.786   -3.163  -8.846  1.00 0.00 ? 18 LEU E HD23 1 
ATOM 1761 N N    . LEU E 1 19 ? 7.396   -3.737  -8.536  1.00 0.00 ? 19 LEU E N    1 
ATOM 1762 C CA   . LEU E 1 19 ? 7.819   -2.673  -9.486  1.00 0.00 ? 19 LEU E CA   1 
ATOM 1763 C C    . LEU E 1 19 ? 9.009   -3.178  -10.305 1.00 0.00 ? 19 LEU E C    1 
ATOM 1764 O O    . LEU E 1 19 ? 9.248   -2.736  -11.412 1.00 0.00 ? 19 LEU E O    1 
ATOM 1765 C CB   . LEU E 1 19 ? 8.137   -1.355  -8.720  1.00 0.00 ? 19 LEU E CB   1 
ATOM 1766 C CG   . LEU E 1 19 ? 9.379   -1.259  -7.772  1.00 0.00 ? 19 LEU E CG   1 
ATOM 1767 C CD1  . LEU E 1 19 ? 10.553  -0.497  -8.394  1.00 0.00 ? 19 LEU E CD1  1 
ATOM 1768 C CD2  . LEU E 1 19 ? 9.084   -0.698  -6.366  1.00 0.00 ? 19 LEU E CD2  1 
ATOM 1769 H H    . LEU E 1 19 ? 7.453   -3.641  -7.516  1.00 0.00 ? 19 LEU E H    1 
ATOM 1770 H HA   . LEU E 1 19 ? 6.982   -2.454  -10.179 1.00 0.00 ? 19 LEU E HA   1 
ATOM 1771 H HB2  . LEU E 1 19 ? 8.163   -0.524  -9.453  1.00 0.00 ? 19 LEU E HB2  1 
ATOM 1772 H HB3  . LEU E 1 19 ? 7.234   -1.143  -8.132  1.00 0.00 ? 19 LEU E HB3  1 
ATOM 1773 H HG   . LEU E 1 19 ? 9.762   -2.271  -7.615  1.00 0.00 ? 19 LEU E HG   1 
ATOM 1774 H HD11 . LEU E 1 19 ? 11.442  -0.492  -7.735  1.00 0.00 ? 19 LEU E HD11 1 
ATOM 1775 H HD12 . LEU E 1 19 ? 10.295  0.555   -8.617  1.00 0.00 ? 19 LEU E HD12 1 
ATOM 1776 H HD13 . LEU E 1 19 ? 10.866  -0.978  -9.338  1.00 0.00 ? 19 LEU E HD13 1 
ATOM 1777 H HD21 . LEU E 1 19 ? 9.935   -0.871  -5.684  1.00 0.00 ? 19 LEU E HD21 1 
ATOM 1778 H HD22 . LEU E 1 19 ? 8.202   -1.182  -5.907  1.00 0.00 ? 19 LEU E HD22 1 
ATOM 1779 H HD23 . LEU E 1 19 ? 8.909   0.392   -6.355  1.00 0.00 ? 19 LEU E HD23 1 
ATOM 1780 N N    . THR E 1 20 ? 9.757   -4.102  -9.768  1.00 0.00 ? 20 THR E N    1 
ATOM 1781 C CA   . THR E 1 20 ? 10.930  -4.639  -10.510 1.00 0.00 ? 20 THR E CA   1 
ATOM 1782 C C    . THR E 1 20 ? 10.448  -5.334  -11.786 1.00 0.00 ? 20 THR E C    1 
ATOM 1783 O O    . THR E 1 20 ? 10.947  -5.089  -12.865 1.00 0.00 ? 20 THR E O    1 
ATOM 1784 C CB   . THR E 1 20 ? 11.839  -5.510  -9.590  1.00 0.00 ? 20 THR E CB   1 
ATOM 1785 O OG1  . THR E 1 20 ? 12.175  -4.795  -8.400  1.00 0.00 ? 20 THR E OG1  1 
ATOM 1786 C CG2  . THR E 1 20 ? 13.164  -5.943  -10.241 1.00 0.00 ? 20 THR E CG2  1 
ATOM 1787 H H    . THR E 1 20 ? 9.486   -4.420  -8.832  1.00 0.00 ? 20 THR E H    1 
ATOM 1788 H HA   . THR E 1 20 ? 11.553  -3.775  -10.818 1.00 0.00 ? 20 THR E HA   1 
ATOM 1789 H HB   . THR E 1 20 ? 11.295  -6.425  -9.296  1.00 0.00 ? 20 THR E HB   1 
ATOM 1790 H HG1  . THR E 1 20 ? 12.663  -4.020  -8.687  1.00 0.00 ? 20 THR E HG1  1 
ATOM 1791 H HG21 . THR E 1 20 ? 13.777  -6.544  -9.543  1.00 0.00 ? 20 THR E HG21 1 
ATOM 1792 H HG22 . THR E 1 20 ? 13.774  -5.074  -10.550 1.00 0.00 ? 20 THR E HG22 1 
ATOM 1793 H HG23 . THR E 1 20 ? 12.996  -6.565  -11.139 1.00 0.00 ? 20 THR E HG23 1 
ATOM 1794 N N    . SER E 1 21 ? 9.475   -6.197  -11.670 1.00 0.00 ? 21 SER E N    1 
ATOM 1795 C CA   . SER E 1 21 ? 8.961   -6.901  -12.877 1.00 0.00 ? 21 SER E CA   1 
ATOM 1796 C C    . SER E 1 21 ? 8.250   -5.892  -13.782 1.00 0.00 ? 21 SER E C    1 
ATOM 1797 O O    . SER E 1 21 ? 8.481   -5.843  -14.975 1.00 0.00 ? 21 SER E O    1 
ATOM 1798 C CB   . SER E 1 21 ? 8.077   -8.059  -12.440 1.00 0.00 ? 21 SER E CB   1 
ATOM 1799 O OG   . SER E 1 21 ? 7.012   -7.634  -11.589 1.00 0.00 ? 21 SER E OG   1 
ATOM 1800 H H    . SER E 1 21 ? 9.105   -6.348  -10.724 1.00 0.00 ? 21 SER E H    1 
ATOM 1801 H HA   . SER E 1 21 ? 9.810   -7.340  -13.440 1.00 0.00 ? 21 SER E HA   1 
ATOM 1802 H HB2  . SER E 1 21 ? 7.673   -8.508  -13.360 1.00 0.00 ? 21 SER E HB2  1 
ATOM 1803 H HB3  . SER E 1 21 ? 8.670   -8.842  -11.932 1.00 0.00 ? 21 SER E HB3  1 
ATOM 1804 H HG   . SER E 1 21 ? 6.500   -8.423  -11.393 1.00 0.00 ? 21 SER E HG   1 
ATOM 1805 N N    . GLN E 1 22 ? 7.389   -5.087  -13.225 1.00 0.00 ? 22 GLN E N    1 
ATOM 1806 C CA   . GLN E 1 22 ? 6.669   -4.079  -14.054 1.00 0.00 ? 22 GLN E CA   1 
ATOM 1807 C C    . GLN E 1 22 ? 7.646   -2.977  -14.476 1.00 0.00 ? 22 GLN E C    1 
ATOM 1808 O O    . GLN E 1 22 ? 7.307   -2.092  -15.237 1.00 0.00 ? 22 GLN E O    1 
ATOM 1809 C CB   . GLN E 1 22 ? 5.530   -3.467  -13.238 1.00 0.00 ? 22 GLN E CB   1 
ATOM 1810 C CG   . GLN E 1 22 ? 4.466   -4.530  -12.959 1.00 0.00 ? 22 GLN E CG   1 
ATOM 1811 C CD   . GLN E 1 22 ? 4.087   -5.159  -14.276 1.00 0.00 ? 22 GLN E CD   1 
ATOM 1812 O OE1  . GLN E 1 22 ? 4.829   -6.072  -14.652 1.00 0.00 ? 22 GLN E OE1  1 
ATOM 1813 N NE2  . GLN E 1 22 ? 3.172   -4.600  -15.070 1.00 0.00 ? 22 GLN E NE2  1 
ATOM 1814 H H    . GLN E 1 22 ? 7.235   -5.171  -12.213 1.00 0.00 ? 22 GLN E H    1 
ATOM 1815 H HA   . GLN E 1 22 ? 6.344   -4.503  -15.015 1.00 0.00 ? 22 GLN E HA   1 
ATOM 1816 H HB2  . GLN E 1 22 ? 5.908   -3.059  -12.280 1.00 0.00 ? 22 GLN E HB2  1 
ATOM 1817 H HB3  . GLN E 1 22 ? 5.041   -2.657  -13.725 1.00 0.00 ? 22 GLN E HB3  1 
ATOM 1818 H HG2  . GLN E 1 22 ? 4.846   -5.288  -12.250 1.00 0.00 ? 22 GLN E HG2  1 
ATOM 1819 H HG3  . GLN E 1 22 ? 3.583   -4.064  -12.482 1.00 0.00 ? 22 GLN E HG3  1 
ATOM 1820 H HE21 . GLN E 1 22 ? 2.569   -3.920  -14.592 1.00 0.00 ? 22 GLN E HE21 1 
ATOM 1821 H HE22 . GLN E 1 22 ? 2.832   -5.206  -15.829 1.00 0.00 ? 22 GLN E HE22 1 
ATOM 1822 N N    . ARG E 1 23 ? 8.857   -3.023  -13.989 1.00 0.00 ? 23 ARG E N    1 
ATOM 1823 C CA   . ARG E 1 23 ? 9.852   -1.978  -14.363 1.00 0.00 ? 23 ARG E CA   1 
ATOM 1824 C C    . ARG E 1 23 ? 11.231  -2.620  -14.527 1.00 0.00 ? 23 ARG E C    1 
ATOM 1825 O O    . ARG E 1 23 ? 11.722  -2.782  -15.805 1.00 0.00 ? 23 ARG E O    1 
ATOM 1826 C CB   . ARG E 1 23 ? 9.950   -0.699  -13.423 1.00 0.00 ? 23 ARG E CB   1 
ATOM 1827 C CG   . ARG E 1 23 ? 11.170  -0.507  -12.441 1.00 0.00 ? 23 ARG E CG   1 
ATOM 1828 C CD   . ARG E 1 23 ? 11.367  0.785   -11.633 1.00 0.00 ? 23 ARG E CD   1 
ATOM 1829 N NE   . ARG E 1 23 ? 12.543  0.723   -10.724 1.00 0.00 ? 23 ARG E NE   1 
ATOM 1830 C CZ   . ARG E 1 23 ? 13.803  1.075   -11.045 1.00 0.00 ? 23 ARG E CZ   1 
ATOM 1831 N NH1  . ARG E 1 23 ? 14.169  1.527   -12.243 1.00 0.00 ? 23 ARG E NH1  1 
ATOM 1832 N NH2  . ARG E 1 23 ? 14.732  0.963   -10.114 1.00 0.00 ? 23 ARG E NH2  1 
ATOM 1833 O OXT  . ARG E 1 23 ? 11.832  -2.961  -13.510 1.00 0.00 ? 23 ARG E OXT  1 
ATOM 1834 H H    . ARG E 1 23 ? 9.064   -3.801  -13.354 1.00 0.00 ? 23 ARG E H    1 
ATOM 1835 H HA   . ARG E 1 23 ? 9.616   -1.588  -15.374 1.00 0.00 ? 23 ARG E HA   1 
ATOM 1836 H HB2  . ARG E 1 23 ? 9.968   0.162   -14.109 1.00 0.00 ? 23 ARG E HB2  1 
ATOM 1837 H HB3  . ARG E 1 23 ? 9.004   -0.570  -12.864 1.00 0.00 ? 23 ARG E HB3  1 
ATOM 1838 H HG2  . ARG E 1 23 ? 11.197  -1.353  -11.733 1.00 0.00 ? 23 ARG E HG2  1 
ATOM 1839 H HG3  . ARG E 1 23 ? 12.096  -0.599  -13.039 1.00 0.00 ? 23 ARG E HG3  1 
ATOM 1840 H HD2  . ARG E 1 23 ? 11.493  1.631   -12.320 1.00 0.00 ? 23 ARG E HD2  1 
ATOM 1841 H HD3  . ARG E 1 23 ? 10.467  0.993   -11.028 1.00 0.00 ? 23 ARG E HD3  1 
ATOM 1842 H HH11 . ARG E 1 23 ? 13.430  1.604   -12.950 1.00 0.00 ? 23 ARG E HH11 1 
ATOM 1843 H HH12 . ARG E 1 23 ? 15.161  1.760   -12.363 1.00 0.00 ? 23 ARG E HH12 1 
ATOM 1844 H HH21 . ARG E 1 23 ? 14.427  0.614   -9.199  1.00 0.00 ? 23 ARG E HH21 1 
ATOM 1845 H HH22 . ARG E 1 23 ? 15.684  1.237   -10.381 1.00 0.00 ? 23 ARG E HH22 1 
ATOM 1846 H HXT  . ARG E 1 23 ? 12.686  -3.353  -13.711 1.00 0.00 ? 23 ARG E HXT  1 
# 
